data_8FHH
#
_entry.id   8FHH
#
_cell.length_a   1.00
_cell.length_b   1.00
_cell.length_c   1.00
_cell.angle_alpha   90.00
_cell.angle_beta   90.00
_cell.angle_gamma   90.00
#
_symmetry.space_group_name_H-M   'P 1'
#
loop_
_entity.id
_entity.type
_entity.pdbx_description
1 polymer 'Transient receptor potential cation channel subfamily V member 5'
2 non-polymer '(2S)-3-(hexadecanoyloxy)-2-[(9Z)-octadec-9-enoyloxy]propyl 2-(trimethylammonio)ethyl phosphate'
3 non-polymer ERGOSTEROL
#
_entity_poly.entity_id   1
_entity_poly.type   'polypeptide(L)'
_entity_poly.pdbx_seq_one_letter_code
;MGACPPKAKGPWAQLQKLLISWPVGEQDWEQYRDRVNMLQQERIRDSPLLQAAKENDLRLLKILLLNQSCDFQQRGAVGE
TALHVAALYDNLEAATLLMEAAPELAKEPALCEPFVGQTALHIAVMNQNLNLVRALLARGASVSARATGAAFRRSPHNLI
YYGEHPLSFAACVGSEEIVRLLIEHGADIRAQDSLGNTVLHILILQPNKTFACQMYNLLLSYDEHSDHLQSLELVPNHQG
LTPFKLAGVEGNTVMFQHLMQKRKHVQWTCGPLTSTLYDLTEIDSWGEELSFLELVVSSKKREARQILEQTPVKELVSFK
WKKYGRPYFCVLASLYILYMICFTTCCIYRPLKLRDDNRTDPRDITILQQKLLQEAYVTHQDNIRLVGELVTVTGAVIIL
LLEIPDIFRVGASRYFGQTILGGPFHVIIITYASLVLLTMVMRLTNMNGEVVPLSFALVLGWCSVMYFARGFQMLGPFTI
MIQKMIFGDLMRFCWLMAVVILGFASAFHITFQTEDPNNLGEFSDYPTALFSTFELFLTIIDGPANYSVDLPFMYCITYA
AFAIIATLLMLNLFIAMMGDTHWRVAQERDELWRAQVVATTVMLERKMPRFLWPRSGICGYEYGLGDRWFLRVENHHDQN
PLRVLRYVEAFKCSDKEDGQEQLSEKRPSTVESGMLSRASVAFQTPSLSRTTSQSSNSHRGWEILRRNTLGHLNLGLDLG
EGDGEEVYHFTETSQVAPA
;
_entity_poly.pdbx_strand_id   A,B,C,D
#
loop_
_chem_comp.id
_chem_comp.type
_chem_comp.name
_chem_comp.formula
ERG non-polymer ERGOSTEROL 'C28 H44 O'
POV non-polymer '(2S)-3-(hexadecanoyloxy)-2-[(9Z)-octadec-9-enoyloxy]propyl 2-(trimethylammonio)ethyl phosphate' 'C42 H82 N O8 P'
#
# COMPACT_ATOMS: atom_id res chain seq x y z
N TRP A 29 -35.60 24.55 5.03
CA TRP A 29 -36.01 23.90 3.79
C TRP A 29 -35.45 24.68 2.59
N GLU A 30 -34.86 23.95 1.65
CA GLU A 30 -34.10 24.54 0.55
C GLU A 30 -34.98 25.28 -0.44
N GLN A 31 -36.11 24.68 -0.82
CA GLN A 31 -36.98 25.29 -1.82
C GLN A 31 -37.69 26.52 -1.26
N TYR A 32 -38.00 26.50 0.04
CA TYR A 32 -38.58 27.68 0.69
C TYR A 32 -37.59 28.83 0.72
N ARG A 33 -36.31 28.54 1.00
CA ARG A 33 -35.30 29.60 1.01
C ARG A 33 -35.02 30.12 -0.40
N ASP A 34 -35.08 29.24 -1.40
CA ASP A 34 -34.93 29.68 -2.79
C ASP A 34 -36.08 30.58 -3.21
N ARG A 35 -37.30 30.22 -2.82
CA ARG A 35 -38.47 31.06 -3.08
C ARG A 35 -38.37 32.40 -2.35
N VAL A 36 -37.86 32.38 -1.11
CA VAL A 36 -37.72 33.60 -0.32
C VAL A 36 -36.70 34.54 -0.95
N ASN A 37 -35.56 34.00 -1.40
CA ASN A 37 -34.53 34.83 -2.02
C ASN A 37 -34.99 35.37 -3.37
N MET A 38 -35.69 34.54 -4.16
CA MET A 38 -36.23 35.00 -5.44
C MET A 38 -37.29 36.08 -5.26
N LEU A 39 -38.15 35.93 -4.24
CA LEU A 39 -39.18 36.92 -3.97
C LEU A 39 -38.56 38.22 -3.44
N GLN A 40 -37.48 38.11 -2.65
CA GLN A 40 -36.77 39.28 -2.16
C GLN A 40 -36.14 40.06 -3.30
N GLN A 41 -35.49 39.36 -4.23
CA GLN A 41 -34.93 40.02 -5.40
C GLN A 41 -35.99 40.60 -6.31
N GLU A 42 -37.15 39.93 -6.43
CA GLU A 42 -38.26 40.48 -7.21
C GLU A 42 -38.81 41.76 -6.57
N ARG A 43 -38.91 41.81 -5.25
CA ARG A 43 -39.41 43.06 -4.66
C ARG A 43 -38.34 44.14 -4.83
N ILE A 44 -37.08 43.78 -4.70
CA ILE A 44 -36.06 44.79 -4.93
C ILE A 44 -36.17 45.35 -6.34
N ARG A 45 -36.35 44.47 -7.33
CA ARG A 45 -36.47 44.91 -8.73
C ARG A 45 -37.77 45.64 -9.03
N ASP A 46 -38.84 45.41 -8.25
CA ASP A 46 -40.13 46.04 -8.49
C ASP A 46 -40.35 47.28 -7.63
N SER A 47 -39.32 47.73 -6.90
CA SER A 47 -39.42 48.94 -6.10
C SER A 47 -38.31 49.89 -6.56
N PRO A 48 -38.63 51.13 -6.94
CA PRO A 48 -37.57 52.05 -7.39
C PRO A 48 -36.62 52.47 -6.28
N LEU A 49 -37.12 52.60 -5.05
CA LEU A 49 -36.25 52.96 -3.92
C LEU A 49 -35.28 51.82 -3.58
N LEU A 50 -35.78 50.58 -3.59
CA LEU A 50 -34.94 49.43 -3.29
C LEU A 50 -33.92 49.19 -4.41
N GLN A 51 -34.34 49.39 -5.67
CA GLN A 51 -33.41 49.24 -6.78
C GLN A 51 -32.36 50.35 -6.78
N ALA A 52 -32.75 51.56 -6.37
CA ALA A 52 -31.79 52.66 -6.27
C ALA A 52 -30.81 52.43 -5.12
N ALA A 53 -31.28 51.82 -4.04
CA ALA A 53 -30.39 51.47 -2.94
C ALA A 53 -29.44 50.34 -3.33
N LYS A 54 -29.93 49.40 -4.15
CA LYS A 54 -29.08 48.30 -4.60
C LYS A 54 -28.01 48.76 -5.58
N GLU A 55 -28.39 49.56 -6.58
CA GLU A 55 -27.47 49.96 -7.64
C GLU A 55 -26.70 51.22 -7.30
N ASN A 56 -26.94 51.82 -6.12
CA ASN A 56 -26.32 53.07 -5.66
C ASN A 56 -26.54 54.21 -6.65
N ASP A 57 -27.76 54.29 -7.19
CA ASP A 57 -28.15 55.36 -8.11
C ASP A 57 -28.57 56.57 -7.29
N LEU A 58 -27.63 57.51 -7.12
CA LEU A 58 -27.84 58.63 -6.21
C LEU A 58 -28.81 59.65 -6.80
N ARG A 59 -28.85 59.77 -8.13
CA ARG A 59 -29.77 60.72 -8.77
C ARG A 59 -31.22 60.29 -8.59
N LEU A 60 -31.51 59.01 -8.84
CA LEU A 60 -32.85 58.47 -8.62
C LEU A 60 -33.20 58.48 -7.14
N LEU A 61 -32.20 58.29 -6.27
CA LEU A 61 -32.42 58.39 -4.84
C LEU A 61 -32.83 59.80 -4.43
N LYS A 62 -32.17 60.82 -4.97
CA LYS A 62 -32.54 62.20 -4.67
C LYS A 62 -33.92 62.53 -5.19
N ILE A 63 -34.26 62.03 -6.38
CA ILE A 63 -35.59 62.24 -6.95
C ILE A 63 -36.67 61.57 -6.09
N LEU A 64 -36.41 60.35 -5.62
CA LEU A 64 -37.40 59.62 -4.83
C LEU A 64 -37.56 60.19 -3.43
N LEU A 65 -36.45 60.62 -2.82
CA LEU A 65 -36.52 61.17 -1.47
C LEU A 65 -37.06 62.60 -1.50
N LEU A 66 -36.98 63.28 -2.64
CA LEU A 66 -37.65 64.57 -2.78
C LEU A 66 -39.16 64.42 -2.78
N ASN A 67 -39.67 63.36 -3.42
CA ASN A 67 -41.10 63.12 -3.48
C ASN A 67 -41.61 62.59 -2.14
N GLN A 68 -42.66 63.22 -1.62
CA GLN A 68 -43.18 62.82 -0.31
C GLN A 68 -44.13 61.62 -0.43
N SER A 69 -44.58 61.31 -1.65
CA SER A 69 -45.51 60.20 -1.82
C SER A 69 -44.78 58.86 -1.71
N CYS A 70 -43.47 58.85 -1.98
CA CYS A 70 -42.67 57.63 -1.83
C CYS A 70 -42.50 57.29 -0.35
N ASP A 71 -42.91 56.09 0.01
CA ASP A 71 -42.87 55.64 1.41
C ASP A 71 -41.44 55.30 1.79
N PHE A 72 -40.94 55.92 2.86
CA PHE A 72 -39.61 55.58 3.35
C PHE A 72 -39.60 54.24 4.08
N GLN A 73 -40.75 53.77 4.54
CA GLN A 73 -40.88 52.51 5.23
C GLN A 73 -41.35 51.38 4.32
N GLN A 74 -40.89 51.40 3.07
CA GLN A 74 -41.23 50.31 2.12
C GLN A 74 -40.56 49.03 2.60
N ARG A 75 -41.29 47.92 2.62
CA ARG A 75 -40.75 46.64 3.04
C ARG A 75 -40.70 45.67 1.86
N GLY A 76 -39.66 44.85 1.83
CA GLY A 76 -39.50 43.85 0.80
C GLY A 76 -40.25 42.57 1.14
N ALA A 77 -39.81 41.48 0.51
CA ALA A 77 -40.46 40.20 0.73
C ALA A 77 -40.11 39.62 2.09
N VAL A 78 -38.94 39.97 2.62
CA VAL A 78 -38.50 39.49 3.92
C VAL A 78 -38.72 40.58 4.96
N GLY A 79 -39.44 41.63 4.58
CA GLY A 79 -39.65 42.75 5.47
C GLY A 79 -38.50 43.71 5.57
N GLU A 80 -37.51 43.60 4.68
CA GLU A 80 -36.33 44.46 4.73
C GLU A 80 -36.68 45.87 4.27
N THR A 81 -36.06 46.87 4.89
CA THR A 81 -36.23 48.24 4.45
C THR A 81 -35.26 48.54 3.31
N ALA A 82 -35.32 49.77 2.81
CA ALA A 82 -34.34 50.22 1.83
C ALA A 82 -32.95 50.38 2.44
N LEU A 83 -32.90 50.67 3.75
CA LEU A 83 -31.60 50.72 4.44
C LEU A 83 -30.97 49.34 4.52
N HIS A 84 -31.80 48.30 4.64
CA HIS A 84 -31.29 46.93 4.60
C HIS A 84 -30.71 46.59 3.23
N VAL A 85 -31.34 47.07 2.16
CA VAL A 85 -30.83 46.85 0.82
C VAL A 85 -29.54 47.63 0.61
N ALA A 86 -29.47 48.83 1.16
CA ALA A 86 -28.25 49.64 1.05
C ALA A 86 -27.09 49.03 1.82
N ALA A 87 -27.37 48.47 3.00
CA ALA A 87 -26.31 47.81 3.78
C ALA A 87 -25.97 46.44 3.22
N LEU A 88 -26.90 45.84 2.46
CA LEU A 88 -26.67 44.51 1.90
C LEU A 88 -25.63 44.55 0.78
N TYR A 89 -25.65 45.60 -0.04
CA TYR A 89 -24.76 45.72 -1.19
C TYR A 89 -23.61 46.68 -0.95
N ASP A 90 -23.37 47.08 0.31
CA ASP A 90 -22.29 47.97 0.73
C ASP A 90 -22.33 49.32 0.01
N ASN A 91 -23.54 49.84 -0.18
CA ASN A 91 -23.72 51.17 -0.76
C ASN A 91 -23.81 52.17 0.40
N LEU A 92 -22.66 52.76 0.72
CA LEU A 92 -22.57 53.68 1.85
C LEU A 92 -23.29 55.00 1.55
N GLU A 93 -23.18 55.48 0.31
CA GLU A 93 -23.80 56.75 -0.06
C GLU A 93 -25.32 56.64 -0.03
N ALA A 94 -25.85 55.51 -0.54
CA ALA A 94 -27.28 55.26 -0.51
C ALA A 94 -27.81 55.15 0.91
N ALA A 95 -27.06 54.46 1.78
CA ALA A 95 -27.46 54.31 3.17
C ALA A 95 -27.44 55.63 3.91
N THR A 96 -26.42 56.47 3.66
CA THR A 96 -26.35 57.77 4.32
C THR A 96 -27.46 58.70 3.83
N LEU A 97 -27.81 58.63 2.54
CA LEU A 97 -28.92 59.42 2.03
C LEU A 97 -30.25 58.96 2.62
N LEU A 98 -30.43 57.65 2.77
CA LEU A 98 -31.66 57.13 3.36
C LEU A 98 -31.77 57.49 4.84
N MET A 99 -30.63 57.48 5.55
CA MET A 99 -30.67 57.85 6.96
C MET A 99 -30.81 59.35 7.15
N GLU A 100 -30.33 60.15 6.20
CA GLU A 100 -30.58 61.59 6.22
C GLU A 100 -32.05 61.89 5.98
N ALA A 101 -32.67 61.16 5.05
CA ALA A 101 -34.10 61.33 4.82
C ALA A 101 -34.93 60.74 5.95
N ALA A 102 -34.52 59.58 6.46
CA ALA A 102 -35.26 58.88 7.52
C ALA A 102 -34.28 58.22 8.47
N PRO A 103 -33.97 58.86 9.59
CA PRO A 103 -33.10 58.22 10.60
C PRO A 103 -33.73 57.01 11.27
N GLU A 104 -35.07 56.98 11.38
CA GLU A 104 -35.74 55.91 12.11
C GLU A 104 -35.68 54.57 11.38
N LEU A 105 -35.25 54.56 10.11
CA LEU A 105 -34.99 53.31 9.41
C LEU A 105 -33.82 52.56 10.03
N ALA A 106 -32.97 53.25 10.79
CA ALA A 106 -31.94 52.56 11.56
C ALA A 106 -32.55 51.72 12.69
N LYS A 107 -33.73 52.10 13.17
CA LYS A 107 -34.38 51.37 14.26
C LYS A 107 -35.42 50.35 13.79
N GLU A 108 -35.57 50.17 12.48
CA GLU A 108 -36.60 49.27 11.95
C GLU A 108 -35.98 47.94 11.54
N PRO A 109 -36.33 46.84 12.19
CA PRO A 109 -35.84 45.53 11.76
C PRO A 109 -36.79 44.88 10.75
N ALA A 110 -36.33 43.78 10.18
CA ALA A 110 -37.17 42.98 9.31
C ALA A 110 -38.15 42.15 10.14
N LEU A 111 -39.31 41.84 9.55
CA LEU A 111 -40.39 41.22 10.31
C LEU A 111 -40.96 39.96 9.66
N CYS A 112 -40.23 39.32 8.74
CA CYS A 112 -40.68 38.08 8.13
C CYS A 112 -39.79 36.93 8.54
N GLU A 113 -40.32 35.71 8.36
CA GLU A 113 -39.86 34.52 9.09
C GLU A 113 -38.39 34.13 8.87
N PRO A 114 -37.81 34.12 7.66
CA PRO A 114 -36.38 33.75 7.58
C PRO A 114 -35.43 34.78 8.17
N PHE A 115 -35.86 36.02 8.34
CA PHE A 115 -35.00 37.11 8.80
C PHE A 115 -35.69 37.93 9.88
N VAL A 116 -36.25 37.25 10.89
CA VAL A 116 -36.90 37.94 12.00
C VAL A 116 -35.84 38.67 12.84
N GLY A 117 -36.02 39.98 13.01
CA GLY A 117 -35.22 40.77 13.90
C GLY A 117 -33.93 41.31 13.32
N GLN A 118 -33.62 40.99 12.07
CA GLN A 118 -32.39 41.48 11.46
C GLN A 118 -32.52 42.95 11.11
N THR A 119 -31.59 43.76 11.62
CA THR A 119 -31.55 45.18 11.32
C THR A 119 -30.46 45.47 10.30
N ALA A 120 -30.34 46.74 9.94
CA ALA A 120 -29.27 47.14 9.02
C ALA A 120 -27.91 47.09 9.69
N LEU A 121 -27.88 47.16 11.03
CA LEU A 121 -26.63 47.04 11.77
C LEU A 121 -26.03 45.65 11.62
N HIS A 122 -26.87 44.62 11.61
CA HIS A 122 -26.40 43.24 11.42
C HIS A 122 -25.75 43.07 10.04
N ILE A 123 -26.39 43.60 9.00
CA ILE A 123 -25.86 43.45 7.66
C ILE A 123 -24.62 44.31 7.45
N ALA A 124 -24.57 45.47 8.11
CA ALA A 124 -23.38 46.32 8.03
C ALA A 124 -22.20 45.67 8.75
N VAL A 125 -22.46 45.01 9.88
CA VAL A 125 -21.40 44.32 10.62
C VAL A 125 -20.93 43.09 9.86
N MET A 126 -21.86 42.36 9.22
CA MET A 126 -21.52 41.17 8.45
C MET A 126 -20.63 41.50 7.26
N ASN A 127 -20.89 42.63 6.60
CA ASN A 127 -20.13 43.03 5.42
C ASN A 127 -18.87 43.82 5.77
N GLN A 128 -18.60 44.02 7.07
CA GLN A 128 -17.38 44.66 7.59
C GLN A 128 -17.20 46.09 7.06
N ASN A 129 -18.30 46.84 7.00
CA ASN A 129 -18.27 48.24 6.58
C ASN A 129 -18.26 49.08 7.85
N LEU A 130 -17.05 49.48 8.28
CA LEU A 130 -16.89 50.15 9.57
C LEU A 130 -17.51 51.55 9.57
N ASN A 131 -17.41 52.26 8.44
CA ASN A 131 -18.03 53.58 8.35
C ASN A 131 -19.55 53.48 8.37
N LEU A 132 -20.10 52.40 7.80
CA LEU A 132 -21.54 52.19 7.85
C LEU A 132 -22.00 51.85 9.26
N VAL A 133 -21.18 51.11 10.02
CA VAL A 133 -21.51 50.82 11.40
C VAL A 133 -21.45 52.10 12.25
N ARG A 134 -20.47 52.98 11.96
CA ARG A 134 -20.39 54.28 12.62
C ARG A 134 -21.62 55.13 12.32
N ALA A 135 -22.05 55.14 11.05
CA ALA A 135 -23.20 55.94 10.65
C ALA A 135 -24.50 55.38 11.23
N LEU A 136 -24.59 54.06 11.35
CA LEU A 136 -25.79 53.45 11.92
C LEU A 136 -25.85 53.67 13.43
N LEU A 137 -24.73 53.57 14.10
CA LEU A 137 -24.75 53.82 15.56
C LEU A 137 -25.00 55.31 15.79
N ALA A 138 -24.52 56.19 14.89
CA ALA A 138 -24.79 57.62 15.06
C ALA A 138 -26.28 57.91 14.98
N ARG A 139 -27.01 57.17 14.15
CA ARG A 139 -28.44 57.37 13.99
C ARG A 139 -29.27 56.70 15.08
N GLY A 140 -28.64 55.90 15.94
CA GLY A 140 -29.36 55.27 17.03
C GLY A 140 -29.86 53.87 16.75
N ALA A 141 -29.13 53.08 15.96
CA ALA A 141 -29.49 51.69 15.74
C ALA A 141 -29.30 50.89 17.02
N SER A 142 -30.17 49.92 17.24
CA SER A 142 -30.15 49.16 18.49
C SER A 142 -28.95 48.22 18.51
N VAL A 143 -28.06 48.45 19.48
CA VAL A 143 -26.90 47.57 19.65
C VAL A 143 -27.26 46.27 20.34
N SER A 144 -28.44 46.19 20.95
CA SER A 144 -28.94 44.97 21.56
C SER A 144 -30.02 44.30 20.72
N ALA A 145 -30.10 44.64 19.43
CA ALA A 145 -31.10 44.05 18.56
C ALA A 145 -30.79 42.58 18.30
N ARG A 146 -31.79 41.73 18.48
CA ARG A 146 -31.61 40.28 18.42
C ARG A 146 -32.30 39.76 17.17
N ALA A 147 -31.52 39.10 16.31
CA ALA A 147 -32.03 38.56 15.05
C ALA A 147 -32.47 37.11 15.27
N THR A 148 -33.72 36.96 15.70
CA THR A 148 -34.29 35.64 16.00
C THR A 148 -34.98 35.05 14.77
N GLY A 149 -34.22 34.95 13.68
CA GLY A 149 -34.72 34.40 12.44
C GLY A 149 -34.16 33.01 12.21
N ALA A 150 -34.76 32.30 11.25
CA ALA A 150 -34.33 30.94 10.93
C ALA A 150 -32.98 30.91 10.23
N ALA A 151 -32.58 32.01 9.58
CA ALA A 151 -31.29 32.04 8.90
C ALA A 151 -30.14 32.31 9.86
N PHE A 152 -30.42 32.77 11.07
CA PHE A 152 -29.37 33.09 12.04
C PHE A 152 -29.28 32.07 13.17
N ARG A 153 -30.02 30.98 13.09
CA ARG A 153 -30.00 29.93 14.10
C ARG A 153 -29.10 28.80 13.64
N ARG A 154 -28.54 28.07 14.62
CA ARG A 154 -27.66 26.95 14.30
C ARG A 154 -28.48 25.79 13.74
N SER A 155 -28.15 25.42 12.50
CA SER A 155 -28.93 24.43 11.76
C SER A 155 -28.06 23.89 10.65
N PRO A 156 -28.29 22.64 10.22
CA PRO A 156 -27.63 22.16 9.00
C PRO A 156 -28.07 22.88 7.73
N HIS A 157 -29.23 23.53 7.76
CA HIS A 157 -29.67 24.34 6.63
C HIS A 157 -28.78 25.57 6.45
N ASN A 158 -28.55 26.29 7.55
CA ASN A 158 -27.71 27.52 7.53
C ASN A 158 -26.24 27.15 7.42
N LEU A 159 -25.46 27.88 6.63
CA LEU A 159 -24.04 27.62 6.44
C LEU A 159 -23.17 28.27 7.52
N ILE A 160 -23.65 29.33 8.17
CA ILE A 160 -22.92 29.99 9.24
C ILE A 160 -23.82 30.13 10.45
N TYR A 161 -23.24 30.00 11.63
CA TYR A 161 -23.89 30.32 12.88
C TYR A 161 -23.05 31.37 13.57
N TYR A 162 -23.38 32.64 13.33
CA TYR A 162 -22.62 33.76 13.88
C TYR A 162 -23.31 34.36 15.09
N GLY A 163 -24.44 33.82 15.52
CA GLY A 163 -25.15 34.29 16.67
C GLY A 163 -26.43 35.00 16.31
N GLU A 164 -26.88 35.86 17.22
CA GLU A 164 -28.09 36.65 17.02
C GLU A 164 -27.89 38.13 17.32
N HIS A 165 -26.72 38.54 17.79
CA HIS A 165 -26.43 39.91 18.16
C HIS A 165 -25.39 40.49 17.23
N PRO A 166 -25.37 41.83 17.06
CA PRO A 166 -24.30 42.45 16.26
C PRO A 166 -22.91 42.26 16.83
N LEU A 167 -22.80 42.18 18.17
CA LEU A 167 -21.50 41.92 18.79
C LEU A 167 -21.02 40.51 18.48
N SER A 168 -21.92 39.54 18.52
CA SER A 168 -21.58 38.17 18.14
C SER A 168 -21.23 38.07 16.67
N PHE A 169 -21.94 38.83 15.83
CA PHE A 169 -21.63 38.87 14.40
C PHE A 169 -20.24 39.46 14.14
N ALA A 170 -19.90 40.54 14.85
CA ALA A 170 -18.58 41.16 14.68
C ALA A 170 -17.47 40.30 15.25
N ALA A 171 -17.76 39.54 16.32
CA ALA A 171 -16.77 38.63 16.88
C ALA A 171 -16.52 37.45 15.95
N CYS A 172 -17.58 36.93 15.33
CA CYS A 172 -17.42 35.74 14.50
C CYS A 172 -16.89 36.09 13.11
N VAL A 173 -17.15 37.31 12.63
CA VAL A 173 -16.59 37.74 11.36
C VAL A 173 -15.08 37.93 11.48
N GLY A 174 -14.63 38.61 12.52
CA GLY A 174 -13.22 38.81 12.76
C GLY A 174 -12.73 40.23 12.68
N SER A 175 -13.55 41.21 13.05
CA SER A 175 -13.15 42.61 13.02
C SER A 175 -13.09 43.13 14.45
N GLU A 176 -11.88 43.44 14.92
CA GLU A 176 -11.72 43.89 16.30
C GLU A 176 -12.20 45.32 16.46
N GLU A 177 -12.05 46.13 15.41
CA GLU A 177 -12.45 47.53 15.47
C GLU A 177 -13.96 47.68 15.63
N ILE A 178 -14.72 46.84 14.90
CA ILE A 178 -16.18 46.87 15.02
C ILE A 178 -16.62 46.36 16.39
N VAL A 179 -15.89 45.38 16.94
CA VAL A 179 -16.17 44.88 18.29
C VAL A 179 -15.97 45.98 19.33
N ARG A 180 -14.85 46.71 19.23
CA ARG A 180 -14.58 47.81 20.15
C ARG A 180 -15.59 48.93 19.99
N LEU A 181 -16.00 49.22 18.75
CA LEU A 181 -16.98 50.28 18.51
C LEU A 181 -18.35 49.91 19.07
N LEU A 182 -18.76 48.65 18.94
CA LEU A 182 -20.04 48.22 19.48
C LEU A 182 -20.01 48.19 21.01
N ILE A 183 -18.89 47.77 21.59
CA ILE A 183 -18.77 47.73 23.06
C ILE A 183 -18.75 49.14 23.63
N GLU A 184 -18.12 50.08 22.92
CA GLU A 184 -18.11 51.48 23.37
C GLU A 184 -19.51 52.10 23.30
N HIS A 185 -20.36 51.61 22.40
CA HIS A 185 -21.72 52.11 22.29
C HIS A 185 -22.72 51.38 23.18
N GLY A 186 -22.27 50.39 23.95
CA GLY A 186 -23.12 49.75 24.92
C GLY A 186 -23.57 48.35 24.61
N ALA A 187 -22.82 47.60 23.79
CA ALA A 187 -23.17 46.21 23.55
C ALA A 187 -22.88 45.36 24.79
N ASP A 188 -23.79 44.45 25.09
CA ASP A 188 -23.67 43.58 26.26
C ASP A 188 -22.96 42.30 25.86
N ILE A 189 -21.80 42.06 26.47
CA ILE A 189 -21.03 40.85 26.18
C ILE A 189 -21.73 39.62 26.72
N ARG A 190 -22.43 39.79 27.85
CA ARG A 190 -23.09 38.63 28.50
C ARG A 190 -24.51 38.52 27.96
N ALA A 191 -24.66 38.35 26.66
CA ALA A 191 -25.94 38.22 25.99
C ALA A 191 -26.06 36.82 25.39
N GLN A 192 -27.22 36.22 25.57
CA GLN A 192 -27.47 34.86 25.13
C GLN A 192 -28.53 34.84 24.03
N ASP A 193 -28.32 33.98 23.04
CA ASP A 193 -29.25 33.83 21.93
C ASP A 193 -30.32 32.79 22.30
N SER A 194 -31.03 32.28 21.28
CA SER A 194 -32.11 31.33 21.50
C SER A 194 -31.59 30.00 22.04
N LEU A 195 -30.35 29.64 21.70
CA LEU A 195 -29.72 28.44 22.22
C LEU A 195 -29.04 28.67 23.56
N GLY A 196 -29.05 29.89 24.08
CA GLY A 196 -28.40 30.20 25.33
C GLY A 196 -26.91 30.48 25.22
N ASN A 197 -26.34 30.42 24.01
CA ASN A 197 -24.92 30.64 23.84
C ASN A 197 -24.57 32.11 24.03
N THR A 198 -23.52 32.38 24.82
CA THR A 198 -22.95 33.71 24.87
C THR A 198 -22.02 33.91 23.67
N VAL A 199 -21.31 35.03 23.66
CA VAL A 199 -20.45 35.34 22.50
C VAL A 199 -19.23 34.43 22.47
N LEU A 200 -18.83 33.91 23.64
CA LEU A 200 -17.68 33.01 23.70
C LEU A 200 -18.00 31.65 23.11
N HIS A 201 -19.22 31.15 23.33
CA HIS A 201 -19.61 29.86 22.75
C HIS A 201 -19.66 29.93 21.23
N ILE A 202 -20.21 31.02 20.68
CA ILE A 202 -20.30 31.17 19.24
C ILE A 202 -18.93 31.44 18.64
N LEU A 203 -18.04 32.07 19.42
CA LEU A 203 -16.64 32.19 18.99
C LEU A 203 -15.96 30.83 18.91
N ILE A 204 -16.31 29.90 19.81
CA ILE A 204 -15.69 28.53 19.88
C ILE A 204 -16.36 27.60 18.88
N LEU A 205 -17.54 27.96 18.38
CA LEU A 205 -18.21 27.20 17.33
C LEU A 205 -17.74 27.54 15.92
N GLN A 206 -16.92 28.58 15.75
CA GLN A 206 -16.37 28.95 14.46
C GLN A 206 -15.35 27.91 13.99
N PRO A 207 -15.30 27.62 12.68
CA PRO A 207 -14.33 26.64 12.19
C PRO A 207 -12.96 27.22 11.91
N ASN A 208 -12.79 28.54 12.08
CA ASN A 208 -11.49 29.17 11.81
C ASN A 208 -10.45 28.75 12.85
N LYS A 209 -10.82 28.83 14.13
CA LYS A 209 -10.04 28.39 15.30
C LYS A 209 -8.70 29.09 15.51
N THR A 210 -8.38 30.11 14.70
CA THR A 210 -7.12 30.82 14.81
C THR A 210 -7.32 32.28 15.23
N PHE A 211 -8.13 33.03 14.47
CA PHE A 211 -8.43 34.40 14.88
C PHE A 211 -9.45 34.43 16.01
N ALA A 212 -10.18 33.32 16.20
CA ALA A 212 -11.14 33.24 17.28
C ALA A 212 -10.48 33.27 18.64
N CYS A 213 -9.23 32.80 18.74
CA CYS A 213 -8.48 32.94 19.99
C CYS A 213 -8.15 34.39 20.29
N GLN A 214 -7.80 35.16 19.27
CA GLN A 214 -7.53 36.59 19.45
C GLN A 214 -8.80 37.35 19.81
N MET A 215 -9.93 36.99 19.20
CA MET A 215 -11.19 37.61 19.55
C MET A 215 -11.66 37.19 20.94
N TYR A 216 -11.32 35.96 21.36
CA TYR A 216 -11.59 35.51 22.72
C TYR A 216 -10.77 36.31 23.73
N ASN A 217 -9.51 36.59 23.40
CA ASN A 217 -8.68 37.43 24.25
C ASN A 217 -9.22 38.86 24.32
N LEU A 218 -9.73 39.37 23.20
CA LEU A 218 -10.30 40.71 23.19
C LEU A 218 -11.58 40.78 24.03
N LEU A 219 -12.44 39.77 23.94
CA LEU A 219 -13.70 39.77 24.68
C LEU A 219 -13.54 39.32 26.11
N LEU A 220 -12.41 38.71 26.47
CA LEU A 220 -12.13 38.48 27.89
C LEU A 220 -11.86 39.78 28.61
N SER A 221 -11.21 40.73 27.93
CA SER A 221 -11.21 42.11 28.42
C SER A 221 -12.60 42.69 28.27
N TYR A 222 -12.87 43.74 29.05
CA TYR A 222 -14.15 44.41 29.33
C TYR A 222 -15.10 43.52 30.15
N ASP A 223 -14.69 42.31 30.54
CA ASP A 223 -15.47 41.45 31.42
C ASP A 223 -14.99 41.53 32.86
N GLU A 224 -14.50 42.69 33.28
CA GLU A 224 -14.06 42.88 34.66
C GLU A 224 -15.25 42.86 35.61
N HIS A 225 -15.10 42.13 36.71
CA HIS A 225 -16.16 41.99 37.71
C HIS A 225 -16.36 43.27 38.50
N GLN A 230 -19.64 36.41 38.67
CA GLN A 230 -19.40 35.32 37.74
C GLN A 230 -18.87 35.86 36.41
N SER A 231 -17.76 35.27 35.95
CA SER A 231 -17.16 35.70 34.70
C SER A 231 -17.93 35.14 33.52
N LEU A 232 -17.58 35.62 32.32
CA LEU A 232 -18.26 35.17 31.11
C LEU A 232 -17.87 33.74 30.74
N GLU A 233 -16.71 33.28 31.19
CA GLU A 233 -16.29 31.91 30.90
C GLU A 233 -17.03 30.88 31.74
N LEU A 234 -17.75 31.31 32.77
CA LEU A 234 -18.48 30.40 33.64
C LEU A 234 -19.98 30.43 33.40
N VAL A 235 -20.43 31.06 32.32
CA VAL A 235 -21.85 31.16 32.00
C VAL A 235 -22.26 30.00 31.11
N PRO A 236 -23.11 29.08 31.58
CA PRO A 236 -23.52 27.96 30.74
C PRO A 236 -24.66 28.34 29.81
N ASN A 237 -24.76 27.60 28.71
CA ASN A 237 -25.85 27.78 27.77
C ASN A 237 -27.02 26.90 28.19
N HIS A 238 -28.01 26.73 27.31
CA HIS A 238 -29.20 25.95 27.61
C HIS A 238 -28.93 24.45 27.70
N GLN A 239 -27.79 23.97 27.21
CA GLN A 239 -27.37 22.59 27.40
C GLN A 239 -26.52 22.41 28.65
N GLY A 240 -26.30 23.48 29.42
CA GLY A 240 -25.48 23.41 30.61
C GLY A 240 -23.99 23.46 30.36
N LEU A 241 -23.56 23.75 29.14
CA LEU A 241 -22.15 23.68 28.79
C LEU A 241 -21.49 25.04 28.95
N THR A 242 -20.37 25.07 29.66
CA THR A 242 -19.48 26.21 29.72
C THR A 242 -18.71 26.32 28.40
N PRO A 243 -18.06 27.46 28.12
CA PRO A 243 -17.17 27.53 26.96
C PRO A 243 -16.03 26.51 26.98
N PHE A 244 -15.52 26.18 28.17
CA PHE A 244 -14.54 25.11 28.29
C PHE A 244 -15.14 23.76 27.89
N LYS A 245 -16.34 23.46 28.38
CA LYS A 245 -17.01 22.21 28.04
C LYS A 245 -17.44 22.21 26.58
N LEU A 246 -17.83 23.37 26.04
CA LEU A 246 -18.21 23.44 24.63
C LEU A 246 -17.00 23.25 23.72
N ALA A 247 -15.83 23.77 24.12
CA ALA A 247 -14.61 23.53 23.36
C ALA A 247 -14.17 22.07 23.45
N GLY A 248 -14.43 21.43 24.59
CA GLY A 248 -14.16 20.00 24.70
C GLY A 248 -15.09 19.16 23.83
N VAL A 249 -16.38 19.52 23.80
CA VAL A 249 -17.37 18.76 23.04
C VAL A 249 -17.16 18.93 21.55
N GLU A 250 -16.95 20.17 21.09
CA GLU A 250 -16.84 20.45 19.67
C GLU A 250 -15.48 20.09 19.08
N GLY A 251 -14.51 19.70 19.91
CA GLY A 251 -13.22 19.29 19.39
C GLY A 251 -12.34 20.44 18.95
N ASN A 252 -12.53 21.63 19.51
CA ASN A 252 -11.71 22.79 19.19
C ASN A 252 -10.43 22.69 20.00
N THR A 253 -9.38 22.12 19.39
CA THR A 253 -8.14 21.87 20.11
C THR A 253 -7.34 23.15 20.30
N VAL A 254 -7.37 24.05 19.32
CA VAL A 254 -6.61 25.29 19.41
C VAL A 254 -7.21 26.20 20.49
N MET A 255 -8.54 26.28 20.54
CA MET A 255 -9.20 27.03 21.61
C MET A 255 -9.00 26.36 22.96
N PHE A 256 -8.90 25.03 22.99
CA PHE A 256 -8.60 24.34 24.23
C PHE A 256 -7.21 24.68 24.75
N GLN A 257 -6.22 24.73 23.85
CA GLN A 257 -4.87 25.14 24.24
C GLN A 257 -4.84 26.59 24.69
N HIS A 258 -5.59 27.46 24.01
CA HIS A 258 -5.67 28.86 24.42
C HIS A 258 -6.34 29.02 25.78
N LEU A 259 -7.35 28.21 26.07
CA LEU A 259 -8.01 28.27 27.37
C LEU A 259 -7.11 27.70 28.47
N MET A 260 -6.28 26.72 28.17
CA MET A 260 -5.45 26.23 29.29
C MET A 260 -4.28 27.20 29.47
N GLN A 261 -3.88 27.90 28.43
CA GLN A 261 -2.80 28.86 28.67
C GLN A 261 -3.11 29.75 29.87
N LYS A 262 -4.38 30.04 30.11
CA LYS A 262 -4.81 30.87 31.23
C LYS A 262 -5.05 30.05 32.50
N ARG A 263 -4.91 28.72 32.43
CA ARG A 263 -5.16 27.84 33.57
C ARG A 263 -3.93 27.01 33.87
N LYS A 264 -2.75 27.61 33.73
CA LYS A 264 -1.50 26.92 34.02
C LYS A 264 -0.60 27.88 34.79
N HIS A 265 0.38 27.30 35.49
CA HIS A 265 1.36 28.07 36.24
C HIS A 265 2.71 27.38 36.12
N VAL A 266 3.68 28.07 35.52
CA VAL A 266 5.02 27.53 35.37
C VAL A 266 5.75 27.68 36.70
N GLN A 267 6.14 26.55 37.29
CA GLN A 267 6.81 26.59 38.59
C GLN A 267 8.28 27.00 38.42
N TRP A 268 8.99 26.27 37.58
CA TRP A 268 10.43 26.54 37.38
C TRP A 268 10.80 26.17 35.95
N THR A 269 11.88 26.72 35.43
CA THR A 269 12.33 26.47 34.06
C THR A 269 13.84 26.23 34.07
N CYS A 270 14.30 25.35 34.96
CA CYS A 270 15.72 25.08 35.13
C CYS A 270 16.23 24.25 33.96
N GLY A 271 17.04 24.88 33.12
CA GLY A 271 17.64 24.20 31.99
C GLY A 271 16.63 23.88 30.91
N PRO A 272 16.72 22.68 30.34
CA PRO A 272 15.74 22.25 29.33
C PRO A 272 14.43 21.74 29.92
N LEU A 273 14.33 21.60 31.23
CA LEU A 273 13.14 21.07 31.88
C LEU A 273 12.31 22.22 32.43
N THR A 274 10.99 22.12 32.25
CA THR A 274 10.07 23.07 32.85
C THR A 274 8.93 22.31 33.52
N SER A 275 8.45 22.86 34.62
CA SER A 275 7.40 22.25 35.42
C SER A 275 6.20 23.18 35.45
N THR A 276 5.09 22.74 34.85
CA THR A 276 3.86 23.51 34.79
C THR A 276 2.81 22.87 35.69
N LEU A 277 1.91 23.69 36.20
CA LEU A 277 0.92 23.26 37.19
C LEU A 277 -0.48 23.57 36.64
N TYR A 278 -1.04 22.63 35.90
CA TYR A 278 -2.35 22.83 35.29
C TYR A 278 -3.45 22.70 36.32
N ASP A 279 -4.55 23.41 36.10
CA ASP A 279 -5.69 23.39 36.99
C ASP A 279 -6.71 22.36 36.48
N LEU A 280 -7.13 21.47 37.38
CA LEU A 280 -8.07 20.41 37.04
C LEU A 280 -9.48 20.70 37.53
N THR A 281 -9.81 21.97 37.76
CA THR A 281 -11.16 22.31 38.23
C THR A 281 -12.18 22.12 37.12
N GLU A 282 -11.87 22.55 35.90
CA GLU A 282 -12.78 22.45 34.78
C GLU A 282 -12.49 21.25 33.90
N ILE A 283 -11.52 20.41 34.25
CA ILE A 283 -11.18 19.21 33.50
C ILE A 283 -11.66 17.96 34.21
N ASP A 284 -11.32 17.81 35.49
CA ASP A 284 -11.75 16.64 36.24
C ASP A 284 -13.24 16.71 36.56
N SER A 285 -13.74 17.91 36.89
CA SER A 285 -15.15 18.19 37.19
C SER A 285 -15.68 17.33 38.33
N TRP A 286 -15.11 17.52 39.52
CA TRP A 286 -15.55 16.77 40.70
C TRP A 286 -16.92 17.22 41.14
N GLY A 287 -17.79 16.25 41.39
CA GLY A 287 -19.15 16.55 41.84
C GLY A 287 -20.18 16.82 40.76
N GLU A 288 -19.73 17.34 39.62
CA GLU A 288 -20.62 17.59 38.50
C GLU A 288 -21.11 16.29 37.90
N GLU A 289 -22.42 16.24 37.58
CA GLU A 289 -23.02 15.04 37.02
C GLU A 289 -22.48 14.73 35.63
N LEU A 290 -22.48 15.72 34.75
CA LEU A 290 -21.94 15.58 33.41
C LEU A 290 -20.56 16.22 33.40
N SER A 291 -19.53 15.41 33.63
CA SER A 291 -18.16 15.91 33.71
C SER A 291 -17.64 16.29 32.33
N PHE A 292 -16.47 16.93 32.32
CA PHE A 292 -15.85 17.37 31.07
C PHE A 292 -15.45 16.17 30.21
N LEU A 293 -14.80 15.17 30.80
CA LEU A 293 -14.30 14.03 30.05
C LEU A 293 -15.45 13.16 29.57
N GLU A 294 -16.53 13.07 30.35
CA GLU A 294 -17.71 12.31 29.93
C GLU A 294 -18.39 12.96 28.73
N LEU A 295 -18.46 14.29 28.72
CA LEU A 295 -18.99 15.00 27.57
C LEU A 295 -18.07 14.89 26.36
N VAL A 296 -16.77 14.80 26.60
CA VAL A 296 -15.82 14.69 25.49
C VAL A 296 -15.91 13.31 24.84
N VAL A 297 -15.94 12.24 25.63
CA VAL A 297 -15.90 10.91 25.03
C VAL A 297 -17.25 10.50 24.46
N SER A 298 -18.34 11.14 24.92
CA SER A 298 -19.67 10.83 24.40
C SER A 298 -20.09 11.78 23.29
N SER A 299 -19.24 12.72 22.90
CA SER A 299 -19.59 13.65 21.83
C SER A 299 -19.58 12.95 20.48
N LYS A 300 -20.46 13.42 19.60
CA LYS A 300 -20.58 12.81 18.28
C LYS A 300 -19.56 13.35 17.29
N LYS A 301 -18.84 14.41 17.67
CA LYS A 301 -17.86 15.01 16.79
C LYS A 301 -16.63 14.11 16.65
N ARG A 302 -16.03 14.05 15.47
CA ARG A 302 -14.81 13.23 15.29
C ARG A 302 -13.59 13.95 15.84
N GLU A 303 -13.59 15.27 15.85
CA GLU A 303 -12.45 15.98 16.42
C GLU A 303 -12.47 16.00 17.94
N ALA A 304 -13.59 15.60 18.57
CA ALA A 304 -13.74 15.66 20.02
C ALA A 304 -12.78 14.74 20.75
N ARG A 305 -12.31 13.67 20.12
CA ARG A 305 -11.32 12.79 20.72
C ARG A 305 -9.91 13.31 20.57
N GLN A 306 -9.71 14.45 19.91
CA GLN A 306 -8.42 15.11 19.83
C GLN A 306 -8.15 16.01 21.02
N ILE A 307 -9.16 16.22 21.88
CA ILE A 307 -8.98 16.90 23.15
C ILE A 307 -8.30 16.00 24.18
N LEU A 308 -8.46 14.68 24.05
CA LEU A 308 -7.86 13.72 24.96
C LEU A 308 -6.36 13.55 24.76
N GLU A 309 -5.79 14.15 23.71
CA GLU A 309 -4.36 14.11 23.46
C GLU A 309 -3.67 15.41 23.84
N GLN A 310 -4.35 16.31 24.54
CA GLN A 310 -3.77 17.57 24.96
C GLN A 310 -3.05 17.41 26.29
N THR A 311 -2.24 18.42 26.64
CA THR A 311 -1.23 18.28 27.69
C THR A 311 -1.77 18.00 29.09
N PRO A 312 -2.81 18.67 29.61
CA PRO A 312 -3.32 18.21 30.92
C PRO A 312 -4.18 16.96 30.83
N VAL A 313 -4.99 16.82 29.79
CA VAL A 313 -6.00 15.78 29.73
C VAL A 313 -5.37 14.41 29.52
N LYS A 314 -4.38 14.33 28.62
CA LYS A 314 -3.72 13.06 28.33
C LYS A 314 -2.97 12.54 29.56
N GLU A 315 -2.29 13.43 30.28
CA GLU A 315 -1.58 13.03 31.49
C GLU A 315 -2.56 12.64 32.60
N LEU A 316 -3.70 13.34 32.69
CA LEU A 316 -4.69 13.01 33.72
C LEU A 316 -5.33 11.65 33.47
N VAL A 317 -5.79 11.40 32.24
CA VAL A 317 -6.43 10.11 31.95
C VAL A 317 -5.42 8.98 31.90
N SER A 318 -4.15 9.27 31.58
CA SER A 318 -3.10 8.25 31.65
C SER A 318 -2.79 7.86 33.09
N PHE A 319 -2.73 8.85 33.99
CA PHE A 319 -2.55 8.54 35.41
C PHE A 319 -3.73 7.77 35.97
N LYS A 320 -4.95 8.13 35.56
CA LYS A 320 -6.14 7.43 36.03
C LYS A 320 -6.19 6.00 35.52
N TRP A 321 -5.79 5.78 34.27
CA TRP A 321 -5.84 4.44 33.70
C TRP A 321 -4.73 3.55 34.26
N LYS A 322 -3.54 4.05 34.41
CA LYS A 322 -2.49 3.17 34.96
C LYS A 322 -2.72 2.96 36.44
N LYS A 323 -2.95 4.01 37.21
CA LYS A 323 -2.98 3.85 38.66
C LYS A 323 -4.20 3.05 39.10
N TYR A 324 -5.37 3.33 38.54
CA TYR A 324 -6.61 2.74 39.00
C TYR A 324 -7.41 2.03 37.94
N GLY A 325 -7.40 2.51 36.69
CA GLY A 325 -8.32 2.01 35.69
C GLY A 325 -8.01 0.59 35.24
N ARG A 326 -6.75 0.32 34.90
CA ARG A 326 -6.36 -0.99 34.40
C ARG A 326 -6.48 -2.14 35.41
N PRO A 327 -6.08 -2.04 36.69
CA PRO A 327 -6.34 -3.16 37.61
C PRO A 327 -7.82 -3.44 37.86
N TYR A 328 -8.64 -2.39 37.94
CA TYR A 328 -10.08 -2.59 38.12
C TYR A 328 -10.71 -3.20 36.88
N PHE A 329 -10.27 -2.78 35.69
CA PHE A 329 -10.78 -3.37 34.46
C PHE A 329 -10.33 -4.83 34.32
N CYS A 330 -9.12 -5.14 34.78
CA CYS A 330 -8.64 -6.51 34.71
C CYS A 330 -9.39 -7.43 35.67
N VAL A 331 -9.68 -6.96 36.89
CA VAL A 331 -10.42 -7.82 37.82
C VAL A 331 -11.88 -7.93 37.40
N LEU A 332 -12.44 -6.90 36.76
CA LEU A 332 -13.79 -7.02 36.21
C LEU A 332 -13.83 -7.99 35.03
N ALA A 333 -12.78 -7.97 34.20
CA ALA A 333 -12.68 -8.93 33.10
C ALA A 333 -12.55 -10.36 33.61
N SER A 334 -11.76 -10.56 34.68
CA SER A 334 -11.63 -11.88 35.28
C SER A 334 -12.95 -12.35 35.89
N LEU A 335 -13.68 -11.45 36.54
CA LEU A 335 -14.98 -11.80 37.11
C LEU A 335 -15.99 -12.15 36.02
N TYR A 336 -15.97 -11.42 34.90
CA TYR A 336 -16.90 -11.74 33.81
C TYR A 336 -16.53 -13.05 33.12
N ILE A 337 -15.23 -13.34 33.03
CA ILE A 337 -14.78 -14.62 32.47
C ILE A 337 -15.21 -15.78 33.36
N LEU A 338 -15.07 -15.63 34.68
CA LEU A 338 -15.51 -16.68 35.61
C LEU A 338 -17.02 -16.84 35.59
N TYR A 339 -17.76 -15.74 35.44
CA TYR A 339 -19.21 -15.79 35.33
C TYR A 339 -19.65 -16.52 34.05
N MET A 340 -18.96 -16.26 32.94
CA MET A 340 -19.28 -16.95 31.70
C MET A 340 -18.88 -18.43 31.76
N ILE A 341 -17.81 -18.75 32.51
CA ILE A 341 -17.44 -20.15 32.73
C ILE A 341 -18.52 -20.87 33.52
N CYS A 342 -19.06 -20.21 34.55
CA CYS A 342 -20.17 -20.79 35.32
C CYS A 342 -21.42 -20.97 34.47
N PHE A 343 -21.75 -19.99 33.64
CA PHE A 343 -22.92 -20.10 32.75
C PHE A 343 -22.73 -21.21 31.72
N THR A 344 -21.53 -21.33 31.17
CA THR A 344 -21.23 -22.41 30.22
C THR A 344 -21.32 -23.77 30.88
N THR A 345 -20.80 -23.90 32.10
CA THR A 345 -20.87 -25.17 32.83
C THR A 345 -22.30 -25.52 33.21
N CYS A 346 -23.15 -24.52 33.47
CA CYS A 346 -24.56 -24.80 33.68
C CYS A 346 -25.25 -25.20 32.39
N CYS A 347 -24.79 -24.69 31.24
CA CYS A 347 -25.37 -25.10 29.98
C CYS A 347 -24.95 -26.50 29.57
N ILE A 348 -23.73 -26.91 29.94
CA ILE A 348 -23.24 -28.25 29.59
C ILE A 348 -23.99 -29.31 30.36
N TYR A 349 -24.23 -29.08 31.66
CA TYR A 349 -24.87 -30.06 32.53
C TYR A 349 -26.38 -29.87 32.58
N ARG A 350 -26.96 -29.35 31.51
CA ARG A 350 -28.38 -29.05 31.41
C ARG A 350 -29.21 -30.32 31.56
N PRO A 351 -30.30 -30.30 32.37
CA PRO A 351 -31.02 -31.54 32.69
C PRO A 351 -31.77 -32.13 31.51
N LEU A 352 -31.30 -33.28 31.03
CA LEU A 352 -31.89 -33.96 29.89
C LEU A 352 -32.15 -35.41 30.26
N LYS A 353 -33.37 -35.88 29.97
CA LYS A 353 -33.77 -37.25 30.22
C LYS A 353 -33.95 -37.97 28.89
N LEU A 354 -34.12 -39.28 28.95
CA LEU A 354 -34.44 -40.04 27.75
C LEU A 354 -35.85 -39.72 27.27
N ARG A 355 -36.07 -39.87 25.98
CA ARG A 355 -37.38 -39.59 25.40
C ARG A 355 -38.39 -40.64 25.81
N ASP A 356 -39.61 -40.19 26.08
CA ASP A 356 -40.72 -41.07 26.46
C ASP A 356 -41.60 -41.38 25.26
N ASP A 357 -41.01 -41.45 24.07
CA ASP A 357 -41.74 -41.76 22.85
C ASP A 357 -40.80 -42.49 21.92
N ASN A 358 -41.39 -43.29 21.03
CA ASN A 358 -40.62 -44.06 20.06
C ASN A 358 -40.32 -43.23 18.82
N ARG A 359 -39.20 -43.53 18.19
CA ARG A 359 -38.74 -42.82 16.99
C ARG A 359 -39.30 -43.54 15.77
N THR A 360 -40.50 -43.14 15.36
CA THR A 360 -41.13 -43.75 14.19
C THR A 360 -40.48 -43.26 12.90
N ASP A 361 -40.18 -41.97 12.82
CA ASP A 361 -39.56 -41.41 11.64
C ASP A 361 -38.09 -41.82 11.56
N PRO A 362 -37.63 -42.34 10.43
CA PRO A 362 -36.22 -42.77 10.33
C PRO A 362 -35.23 -41.63 10.23
N ARG A 363 -35.71 -40.41 9.96
CA ARG A 363 -34.84 -39.21 9.83
C ARG A 363 -34.85 -38.41 11.11
N ASP A 364 -35.45 -38.93 12.18
CA ASP A 364 -35.49 -38.26 13.48
C ASP A 364 -34.42 -38.85 14.38
N ILE A 365 -33.50 -38.00 14.83
CA ILE A 365 -32.36 -38.44 15.64
C ILE A 365 -32.42 -37.92 17.07
N THR A 366 -33.54 -37.33 17.48
CA THR A 366 -33.68 -36.83 18.84
C THR A 366 -33.88 -37.99 19.79
N ILE A 367 -32.96 -38.16 20.74
CA ILE A 367 -33.04 -39.22 21.73
C ILE A 367 -33.23 -38.71 23.15
N LEU A 368 -33.02 -37.42 23.38
CA LEU A 368 -33.13 -36.84 24.72
C LEU A 368 -34.11 -35.68 24.68
N GLN A 369 -34.69 -35.38 25.84
CA GLN A 369 -35.63 -34.28 25.95
C GLN A 369 -35.39 -33.56 27.28
N GLN A 370 -35.97 -32.38 27.41
CA GLN A 370 -35.80 -31.59 28.62
C GLN A 370 -36.59 -32.20 29.77
N LYS A 371 -35.96 -32.23 30.95
CA LYS A 371 -36.66 -32.68 32.15
C LYS A 371 -37.64 -31.60 32.61
N LEU A 372 -38.65 -32.05 33.35
CA LEU A 372 -39.54 -31.12 34.01
C LEU A 372 -38.86 -30.56 35.25
N LEU A 373 -39.44 -29.47 35.79
CA LEU A 373 -38.82 -28.77 36.90
C LEU A 373 -38.85 -29.60 38.19
N GLN A 374 -39.84 -30.49 38.31
CA GLN A 374 -39.94 -31.33 39.50
C GLN A 374 -38.84 -32.37 39.55
N GLU A 375 -38.46 -32.92 38.39
CA GLU A 375 -37.43 -33.94 38.32
C GLU A 375 -36.05 -33.39 37.96
N ALA A 376 -35.94 -32.08 37.72
CA ALA A 376 -34.65 -31.52 37.32
C ALA A 376 -33.68 -31.44 38.50
N TYR A 377 -34.19 -31.13 39.69
CA TYR A 377 -33.36 -30.89 40.87
C TYR A 377 -33.63 -31.99 41.89
N VAL A 378 -32.88 -33.08 41.78
CA VAL A 378 -33.01 -34.21 42.70
C VAL A 378 -31.65 -34.54 43.32
N THR A 379 -30.63 -34.69 42.49
CA THR A 379 -29.33 -35.15 42.96
C THR A 379 -28.50 -33.99 43.49
N HIS A 380 -27.30 -34.33 43.99
CA HIS A 380 -26.37 -33.33 44.50
C HIS A 380 -25.78 -32.48 43.38
N GLN A 381 -25.51 -33.11 42.23
CA GLN A 381 -25.01 -32.38 41.07
C GLN A 381 -26.06 -31.41 40.55
N ASP A 382 -27.34 -31.77 40.67
CA ASP A 382 -28.41 -30.86 40.31
C ASP A 382 -28.49 -29.69 41.30
N ASN A 383 -28.11 -29.92 42.56
CA ASN A 383 -28.07 -28.81 43.52
C ASN A 383 -26.91 -27.86 43.23
N ILE A 384 -25.76 -28.42 42.82
CA ILE A 384 -24.64 -27.58 42.40
C ILE A 384 -25.00 -26.78 41.16
N ARG A 385 -25.71 -27.41 40.22
CA ARG A 385 -26.20 -26.72 39.04
C ARG A 385 -27.22 -25.64 39.40
N LEU A 386 -28.05 -25.90 40.41
CA LEU A 386 -29.00 -24.89 40.88
C LEU A 386 -28.29 -23.69 41.47
N VAL A 387 -27.21 -23.92 42.22
CA VAL A 387 -26.40 -22.83 42.77
C VAL A 387 -25.77 -22.02 41.64
N GLY A 388 -25.23 -22.71 40.63
CA GLY A 388 -24.67 -22.02 39.47
C GLY A 388 -25.69 -21.26 38.65
N GLU A 389 -26.91 -21.79 38.54
CA GLU A 389 -27.96 -21.10 37.79
C GLU A 389 -28.48 -19.89 38.55
N LEU A 390 -28.52 -19.97 39.89
CA LEU A 390 -28.84 -18.79 40.69
C LEU A 390 -27.78 -17.72 40.56
N VAL A 391 -26.51 -18.14 40.48
CA VAL A 391 -25.40 -17.21 40.23
C VAL A 391 -25.56 -16.56 38.84
N THR A 392 -25.96 -17.34 37.85
CA THR A 392 -26.18 -16.82 36.49
C THR A 392 -27.33 -15.81 36.44
N VAL A 393 -28.45 -16.14 37.11
CA VAL A 393 -29.60 -15.24 37.14
C VAL A 393 -29.27 -13.96 37.89
N THR A 394 -28.54 -14.08 39.00
CA THR A 394 -28.11 -12.91 39.76
C THR A 394 -27.17 -12.03 38.94
N GLY A 395 -26.27 -12.67 38.16
CA GLY A 395 -25.39 -11.91 37.29
C GLY A 395 -26.13 -11.20 36.18
N ALA A 396 -27.16 -11.83 35.63
CA ALA A 396 -27.98 -11.18 34.59
C ALA A 396 -28.76 -10.01 35.16
N VAL A 397 -29.27 -10.15 36.39
CA VAL A 397 -29.98 -9.04 37.03
C VAL A 397 -29.03 -7.89 37.33
N ILE A 398 -27.80 -8.22 37.76
CA ILE A 398 -26.77 -7.19 38.00
C ILE A 398 -26.39 -6.48 36.70
N ILE A 399 -26.28 -7.24 35.61
CA ILE A 399 -25.97 -6.66 34.29
C ILE A 399 -27.08 -5.72 33.84
N LEU A 400 -28.34 -6.13 34.03
CA LEU A 400 -29.46 -5.26 33.66
C LEU A 400 -29.52 -4.02 34.55
N LEU A 401 -29.24 -4.15 35.84
CA LEU A 401 -29.28 -3.00 36.74
C LEU A 401 -28.13 -2.04 36.48
N LEU A 402 -27.02 -2.54 35.92
CA LEU A 402 -25.94 -1.64 35.54
C LEU A 402 -26.20 -0.98 34.19
N GLU A 403 -26.86 -1.70 33.27
CA GLU A 403 -26.95 -1.21 31.89
C GLU A 403 -28.16 -0.32 31.68
N ILE A 404 -29.28 -0.61 32.34
CA ILE A 404 -30.55 0.09 32.04
C ILE A 404 -30.53 1.58 32.38
N PRO A 405 -30.09 2.03 33.59
CA PRO A 405 -30.13 3.49 33.85
C PRO A 405 -29.19 4.33 33.00
N ASP A 406 -28.13 3.75 32.46
CA ASP A 406 -27.22 4.51 31.61
C ASP A 406 -27.84 4.85 30.26
N ILE A 407 -28.78 4.03 29.78
CA ILE A 407 -29.51 4.35 28.55
C ILE A 407 -30.32 5.62 28.73
N PHE A 408 -31.00 5.74 29.88
CA PHE A 408 -31.78 6.95 30.14
C PHE A 408 -30.87 8.11 30.51
N ARG A 409 -29.67 7.81 31.02
CA ARG A 409 -28.74 8.86 31.41
C ARG A 409 -28.13 9.55 30.19
N VAL A 410 -27.65 8.81 29.21
CA VAL A 410 -26.94 9.40 28.08
C VAL A 410 -27.71 9.34 26.77
N GLY A 411 -28.95 8.85 26.79
CA GLY A 411 -29.73 8.75 25.57
C GLY A 411 -29.57 7.39 24.92
N ALA A 412 -30.63 6.92 24.24
CA ALA A 412 -30.60 5.58 23.67
C ALA A 412 -29.70 5.51 22.44
N SER A 413 -29.68 6.57 21.63
CA SER A 413 -28.90 6.55 20.40
C SER A 413 -27.40 6.67 20.68
N ARG A 414 -27.04 7.48 21.66
CA ARG A 414 -25.63 7.68 21.97
C ARG A 414 -25.04 6.49 22.73
N TYR A 415 -25.88 5.79 23.51
CA TYR A 415 -25.38 4.65 24.28
C TYR A 415 -25.13 3.44 23.39
N PHE A 416 -26.04 3.19 22.44
CA PHE A 416 -25.97 2.02 21.58
C PHE A 416 -25.27 2.29 20.26
N GLY A 417 -24.83 3.52 20.01
CA GLY A 417 -24.35 3.86 18.69
C GLY A 417 -22.92 4.35 18.58
N GLN A 418 -22.24 4.53 19.72
CA GLN A 418 -20.90 5.08 19.72
C GLN A 418 -19.88 3.99 20.04
N THR A 419 -18.84 3.91 19.20
CA THR A 419 -17.81 2.90 19.36
C THR A 419 -16.97 3.15 20.61
N ILE A 420 -16.75 4.41 20.96
CA ILE A 420 -15.91 4.79 22.09
C ILE A 420 -16.53 4.35 23.41
N LEU A 421 -17.85 4.48 23.53
CA LEU A 421 -18.56 4.12 24.75
C LEU A 421 -18.87 2.63 24.85
N GLY A 422 -18.52 1.85 23.83
CA GLY A 422 -18.91 0.45 23.81
C GLY A 422 -20.34 0.25 23.34
N GLY A 423 -20.62 0.66 22.11
CA GLY A 423 -21.96 0.66 21.57
C GLY A 423 -22.61 -0.71 21.36
N PRO A 424 -22.05 -1.52 20.44
CA PRO A 424 -22.65 -2.85 20.18
C PRO A 424 -22.63 -3.79 21.38
N PHE A 425 -21.65 -3.65 22.27
CA PHE A 425 -21.54 -4.55 23.41
C PHE A 425 -22.67 -4.36 24.41
N HIS A 426 -23.20 -3.15 24.52
CA HIS A 426 -24.33 -2.91 25.41
C HIS A 426 -25.59 -3.57 24.88
N VAL A 427 -25.83 -3.50 23.57
CA VAL A 427 -26.94 -4.21 22.95
C VAL A 427 -26.77 -5.71 23.11
N ILE A 428 -25.54 -6.20 22.95
CA ILE A 428 -25.24 -7.62 23.07
C ILE A 428 -25.49 -8.13 24.49
N ILE A 429 -25.06 -7.37 25.50
CA ILE A 429 -25.24 -7.85 26.87
C ILE A 429 -26.67 -7.64 27.36
N ILE A 430 -27.40 -6.68 26.79
CA ILE A 430 -28.82 -6.55 27.14
C ILE A 430 -29.60 -7.71 26.54
N THR A 431 -29.27 -8.09 25.31
CA THR A 431 -29.86 -9.27 24.71
C THR A 431 -29.48 -10.55 25.46
N TYR A 432 -28.23 -10.61 25.94
CA TYR A 432 -27.77 -11.79 26.70
C TYR A 432 -28.53 -11.93 28.02
N ALA A 433 -28.66 -10.83 28.77
CA ALA A 433 -29.37 -10.89 30.04
C ALA A 433 -30.86 -11.15 29.84
N SER A 434 -31.43 -10.61 28.75
CA SER A 434 -32.82 -10.88 28.43
C SER A 434 -33.04 -12.35 28.06
N LEU A 435 -32.09 -12.94 27.34
CA LEU A 435 -32.21 -14.34 26.98
C LEU A 435 -32.00 -15.26 28.18
N VAL A 436 -31.14 -14.85 29.12
CA VAL A 436 -30.96 -15.63 30.35
C VAL A 436 -32.23 -15.59 31.20
N LEU A 437 -32.85 -14.41 31.32
CA LEU A 437 -34.10 -14.31 32.07
C LEU A 437 -35.24 -15.03 31.36
N LEU A 438 -35.26 -15.02 30.02
CA LEU A 438 -36.24 -15.78 29.27
C LEU A 438 -36.06 -17.27 29.48
N THR A 439 -34.81 -17.74 29.55
CA THR A 439 -34.55 -19.14 29.85
C THR A 439 -34.96 -19.50 31.27
N MET A 440 -34.81 -18.57 32.21
CA MET A 440 -35.28 -18.80 33.57
C MET A 440 -36.81 -18.92 33.61
N VAL A 441 -37.50 -18.07 32.85
CA VAL A 441 -38.96 -18.13 32.75
C VAL A 441 -39.41 -19.46 32.13
N MET A 442 -38.71 -19.89 31.06
CA MET A 442 -39.06 -21.14 30.41
C MET A 442 -38.75 -22.34 31.29
N ARG A 443 -37.72 -22.24 32.12
CA ARG A 443 -37.39 -23.31 33.06
C ARG A 443 -38.44 -23.42 34.16
N LEU A 444 -38.90 -22.27 34.66
CA LEU A 444 -39.89 -22.28 35.73
C LEU A 444 -41.27 -22.68 35.24
N THR A 445 -41.61 -22.32 33.99
CA THR A 445 -42.92 -22.59 33.45
C THR A 445 -42.98 -23.88 32.63
N ASN A 446 -41.90 -24.67 32.63
CA ASN A 446 -41.79 -25.97 31.94
C ASN A 446 -42.03 -25.84 30.44
N MET A 447 -41.55 -24.75 29.85
CA MET A 447 -41.62 -24.61 28.41
C MET A 447 -40.50 -25.42 27.76
N ASN A 448 -40.81 -25.97 26.59
CA ASN A 448 -39.87 -26.80 25.84
C ASN A 448 -39.21 -25.97 24.75
N GLY A 449 -37.90 -26.18 24.59
CA GLY A 449 -37.16 -25.44 23.59
C GLY A 449 -36.20 -24.42 24.17
N GLU A 450 -35.56 -24.75 25.30
CA GLU A 450 -34.61 -23.85 25.93
C GLU A 450 -33.30 -23.74 25.18
N VAL A 451 -33.07 -24.61 24.19
CA VAL A 451 -31.86 -24.55 23.38
C VAL A 451 -31.84 -23.28 22.54
N VAL A 452 -33.01 -22.84 22.08
CA VAL A 452 -33.09 -21.63 21.25
C VAL A 452 -32.68 -20.37 21.99
N PRO A 453 -33.12 -20.11 23.25
CA PRO A 453 -32.49 -18.98 23.96
C PRO A 453 -31.10 -19.29 24.49
N LEU A 454 -30.79 -20.55 24.82
CA LEU A 454 -29.52 -20.86 25.47
C LEU A 454 -28.34 -20.74 24.51
N SER A 455 -28.49 -21.21 23.27
CA SER A 455 -27.41 -21.10 22.29
C SER A 455 -27.15 -19.65 21.92
N PHE A 456 -28.22 -18.86 21.77
CA PHE A 456 -28.12 -17.43 21.52
C PHE A 456 -27.42 -16.73 22.69
N ALA A 457 -27.78 -17.12 23.92
CA ALA A 457 -27.17 -16.52 25.11
C ALA A 457 -25.70 -16.88 25.23
N LEU A 458 -25.32 -18.12 24.90
CA LEU A 458 -23.92 -18.51 24.96
C LEU A 458 -23.09 -17.78 23.92
N VAL A 459 -23.60 -17.67 22.69
CA VAL A 459 -22.88 -16.97 21.62
C VAL A 459 -22.74 -15.49 21.95
N LEU A 460 -23.80 -14.85 22.44
CA LEU A 460 -23.74 -13.43 22.77
C LEU A 460 -22.92 -13.16 24.03
N GLY A 461 -22.98 -14.05 25.03
CA GLY A 461 -22.24 -13.82 26.25
C GLY A 461 -20.75 -14.02 26.08
N TRP A 462 -20.35 -15.01 25.29
CA TRP A 462 -18.92 -15.18 25.06
C TRP A 462 -18.35 -14.15 24.09
N CYS A 463 -19.15 -13.64 23.15
CA CYS A 463 -18.67 -12.59 22.29
C CYS A 463 -18.68 -11.22 22.95
N SER A 464 -19.27 -11.11 24.15
CA SER A 464 -19.26 -9.87 24.91
C SER A 464 -18.05 -9.76 25.83
N VAL A 465 -17.11 -10.72 25.75
CA VAL A 465 -15.87 -10.65 26.50
C VAL A 465 -14.86 -9.90 25.64
N MET A 466 -15.23 -9.60 24.40
CA MET A 466 -14.44 -8.72 23.54
C MET A 466 -14.53 -7.27 23.95
N TYR A 467 -15.41 -6.92 24.88
CA TYR A 467 -15.42 -5.57 25.44
C TYR A 467 -14.13 -5.28 26.19
N PHE A 468 -13.72 -6.22 27.05
CA PHE A 468 -12.53 -6.07 27.87
C PHE A 468 -11.24 -6.06 27.06
N ALA A 469 -11.30 -6.46 25.79
CA ALA A 469 -10.19 -6.30 24.86
C ALA A 469 -9.81 -4.84 24.65
N ARG A 470 -10.71 -3.89 24.93
CA ARG A 470 -10.33 -2.47 24.88
C ARG A 470 -9.39 -2.07 26.00
N GLY A 471 -9.22 -2.89 27.02
CA GLY A 471 -8.27 -2.59 28.08
C GLY A 471 -6.83 -2.97 27.78
N PHE A 472 -6.57 -3.53 26.60
CA PHE A 472 -5.24 -4.01 26.24
C PHE A 472 -4.88 -3.47 24.87
N GLN A 473 -3.60 -3.09 24.70
CA GLN A 473 -3.16 -2.49 23.45
C GLN A 473 -3.08 -3.52 22.32
N MET A 474 -2.88 -4.78 22.69
CA MET A 474 -2.72 -5.82 21.65
C MET A 474 -4.09 -6.20 21.11
N LEU A 475 -5.15 -6.00 21.87
CA LEU A 475 -6.47 -6.49 21.51
C LEU A 475 -7.49 -5.40 21.21
N GLY A 476 -7.21 -4.16 21.63
CA GLY A 476 -8.13 -3.06 21.43
C GLY A 476 -8.37 -2.65 19.99
N PRO A 477 -7.30 -2.19 19.31
CA PRO A 477 -7.44 -1.81 17.89
C PRO A 477 -7.91 -2.94 16.97
N PHE A 478 -7.56 -4.19 17.26
CA PHE A 478 -8.06 -5.30 16.45
C PHE A 478 -9.56 -5.46 16.62
N THR A 479 -10.07 -5.28 17.84
CA THR A 479 -11.50 -5.33 18.08
C THR A 479 -12.24 -4.17 17.42
N ILE A 480 -11.65 -2.97 17.42
CA ILE A 480 -12.23 -1.85 16.69
C ILE A 480 -12.23 -2.13 15.19
N MET A 481 -11.18 -2.79 14.71
CA MET A 481 -11.11 -3.17 13.28
C MET A 481 -12.26 -4.13 12.97
N ILE A 482 -12.46 -5.14 13.83
CA ILE A 482 -13.53 -6.12 13.60
C ILE A 482 -14.89 -5.40 13.56
N GLN A 483 -15.10 -4.42 14.44
CA GLN A 483 -16.32 -3.62 14.39
C GLN A 483 -16.46 -2.85 13.08
N LYS A 484 -15.34 -2.29 12.59
CA LYS A 484 -15.38 -1.54 11.33
C LYS A 484 -15.61 -2.47 10.15
N MET A 485 -15.11 -3.70 10.22
CA MET A 485 -15.30 -4.63 9.11
C MET A 485 -16.73 -5.17 9.08
N ILE A 486 -17.32 -5.39 10.26
CA ILE A 486 -18.68 -5.96 10.31
C ILE A 486 -19.70 -4.96 9.79
N PHE A 487 -19.65 -3.73 10.26
CA PHE A 487 -20.59 -2.69 9.85
C PHE A 487 -20.17 -2.02 8.55
N GLY A 488 -19.04 -2.43 7.99
CA GLY A 488 -18.53 -1.91 6.74
C GLY A 488 -18.58 -2.93 5.62
N ASP A 489 -17.44 -3.58 5.38
CA ASP A 489 -17.28 -4.42 4.20
C ASP A 489 -18.11 -5.71 4.30
N LEU A 490 -18.39 -6.17 5.51
CA LEU A 490 -19.13 -7.43 5.66
C LEU A 490 -20.58 -7.27 5.22
N MET A 491 -21.21 -6.15 5.55
CA MET A 491 -22.60 -5.94 5.15
C MET A 491 -22.73 -5.73 3.64
N ARG A 492 -21.82 -4.96 3.06
CA ARG A 492 -21.89 -4.72 1.62
C ARG A 492 -21.48 -5.96 0.83
N PHE A 493 -20.70 -6.86 1.45
CA PHE A 493 -20.44 -8.14 0.83
C PHE A 493 -21.67 -9.06 0.95
N CYS A 494 -22.32 -9.06 2.10
CA CYS A 494 -23.46 -9.94 2.35
C CYS A 494 -24.68 -9.55 1.54
N TRP A 495 -24.85 -8.27 1.21
CA TRP A 495 -26.02 -7.86 0.41
C TRP A 495 -25.95 -8.41 -1.01
N LEU A 496 -24.74 -8.51 -1.58
CA LEU A 496 -24.61 -9.10 -2.91
C LEU A 496 -24.47 -10.62 -2.83
N MET A 497 -23.87 -11.12 -1.75
CA MET A 497 -23.80 -12.56 -1.52
C MET A 497 -25.18 -13.17 -1.36
N ALA A 498 -26.13 -12.42 -0.78
CA ALA A 498 -27.51 -12.91 -0.66
C ALA A 498 -28.14 -13.08 -2.03
N VAL A 499 -27.86 -12.21 -2.99
CA VAL A 499 -28.47 -12.29 -4.37
C VAL A 499 -27.75 -13.37 -5.17
N VAL A 500 -26.50 -13.67 -4.84
CA VAL A 500 -25.84 -14.80 -5.48
C VAL A 500 -26.37 -16.13 -4.92
N ILE A 501 -26.51 -16.25 -3.62
CA ILE A 501 -27.11 -17.48 -3.05
C ILE A 501 -28.54 -17.62 -3.57
N LEU A 502 -29.38 -16.58 -3.54
CA LEU A 502 -30.74 -16.74 -4.01
C LEU A 502 -30.83 -17.15 -5.47
N GLY A 503 -29.87 -16.76 -6.30
CA GLY A 503 -29.87 -17.26 -7.66
C GLY A 503 -29.43 -18.70 -7.77
N PHE A 504 -28.27 -19.02 -7.18
CA PHE A 504 -27.70 -20.34 -7.38
C PHE A 504 -28.40 -21.40 -6.55
N ALA A 505 -29.05 -21.03 -5.44
CA ALA A 505 -29.87 -21.98 -4.69
C ALA A 505 -31.06 -22.44 -5.53
N SER A 506 -31.72 -21.51 -6.19
CA SER A 506 -32.85 -21.84 -7.06
C SER A 506 -32.39 -22.68 -8.24
N ALA A 507 -31.25 -22.32 -8.85
CA ALA A 507 -30.73 -23.09 -9.98
C ALA A 507 -30.32 -24.51 -9.56
N PHE A 508 -29.62 -24.63 -8.43
CA PHE A 508 -29.19 -25.93 -7.93
C PHE A 508 -30.38 -26.78 -7.48
N HIS A 509 -31.44 -26.14 -7.00
CA HIS A 509 -32.62 -26.89 -6.58
C HIS A 509 -33.40 -27.40 -7.77
N ILE A 510 -33.55 -26.59 -8.82
CA ILE A 510 -34.35 -27.04 -9.95
C ILE A 510 -33.56 -27.99 -10.83
N THR A 511 -32.23 -27.98 -10.76
CA THR A 511 -31.47 -28.99 -11.49
C THR A 511 -31.59 -30.36 -10.82
N PHE A 512 -31.75 -30.38 -9.50
CA PHE A 512 -31.90 -31.62 -8.74
C PHE A 512 -33.33 -31.85 -8.30
N GLN A 513 -34.32 -31.31 -8.98
CA GLN A 513 -35.70 -31.49 -8.52
C GLN A 513 -36.25 -32.70 -9.21
N THR A 514 -35.55 -33.20 -10.24
CA THR A 514 -35.98 -34.40 -10.93
C THR A 514 -35.08 -35.60 -10.61
N GLU A 515 -34.22 -35.46 -9.61
CA GLU A 515 -33.24 -36.49 -9.28
C GLU A 515 -33.60 -37.10 -7.93
N ASP A 516 -33.02 -38.26 -7.62
CA ASP A 516 -33.34 -38.97 -6.36
C ASP A 516 -32.58 -38.28 -5.25
N PRO A 517 -33.24 -37.90 -4.16
CA PRO A 517 -32.57 -37.16 -3.07
C PRO A 517 -31.59 -37.98 -2.27
N ASN A 518 -31.63 -39.30 -2.38
CA ASN A 518 -30.73 -40.14 -1.59
C ASN A 518 -29.32 -40.11 -2.14
N ASN A 519 -29.17 -39.96 -3.45
CA ASN A 519 -27.84 -39.97 -4.05
C ASN A 519 -27.12 -38.65 -3.83
N LEU A 520 -27.83 -37.53 -3.96
CA LEU A 520 -27.24 -36.21 -3.73
C LEU A 520 -28.27 -35.37 -2.98
N GLY A 521 -28.16 -35.36 -1.66
CA GLY A 521 -29.11 -34.68 -0.80
C GLY A 521 -28.76 -33.25 -0.44
N GLU A 522 -27.75 -32.66 -1.08
CA GLU A 522 -27.40 -31.27 -0.81
C GLU A 522 -28.49 -30.32 -1.24
N PHE A 523 -29.11 -30.56 -2.40
CA PHE A 523 -30.19 -29.73 -2.92
C PHE A 523 -31.42 -30.62 -3.12
N SER A 524 -32.20 -30.80 -2.05
CA SER A 524 -33.42 -31.59 -2.11
C SER A 524 -34.64 -30.78 -1.70
N ASP A 525 -34.49 -29.82 -0.81
CA ASP A 525 -35.51 -28.84 -0.51
C ASP A 525 -34.90 -27.46 -0.70
N TYR A 526 -35.75 -26.46 -0.94
CA TYR A 526 -35.25 -25.10 -1.13
C TYR A 526 -34.56 -24.50 0.09
N PRO A 527 -35.03 -24.68 1.35
CA PRO A 527 -34.17 -24.27 2.48
C PRO A 527 -32.84 -25.01 2.56
N THR A 528 -32.85 -26.31 2.26
CA THR A 528 -31.60 -27.07 2.26
C THR A 528 -30.71 -26.65 1.10
N ALA A 529 -31.30 -26.29 -0.04
CA ALA A 529 -30.53 -25.77 -1.16
C ALA A 529 -29.90 -24.42 -0.83
N LEU A 530 -30.65 -23.56 -0.11
CA LEU A 530 -30.13 -22.28 0.33
C LEU A 530 -28.96 -22.45 1.29
N PHE A 531 -29.11 -23.33 2.28
CA PHE A 531 -28.03 -23.54 3.26
C PHE A 531 -26.82 -24.23 2.61
N SER A 532 -27.08 -25.16 1.69
CA SER A 532 -25.99 -25.85 1.01
C SER A 532 -25.20 -24.91 0.11
N THR A 533 -25.89 -24.03 -0.63
CA THR A 533 -25.14 -23.11 -1.47
C THR A 533 -24.51 -21.99 -0.66
N PHE A 534 -25.05 -21.69 0.54
CA PHE A 534 -24.38 -20.74 1.43
C PHE A 534 -23.08 -21.33 1.96
N GLU A 535 -23.11 -22.63 2.28
CA GLU A 535 -21.88 -23.32 2.68
C GLU A 535 -20.91 -23.46 1.50
N LEU A 536 -21.44 -23.61 0.28
CA LEU A 536 -20.59 -23.76 -0.89
C LEU A 536 -19.98 -22.43 -1.31
N PHE A 537 -20.61 -21.30 -0.93
CA PHE A 537 -20.02 -19.99 -1.17
C PHE A 537 -18.73 -19.84 -0.39
N LEU A 538 -18.74 -20.22 0.89
CA LEU A 538 -17.60 -20.03 1.77
C LEU A 538 -16.65 -21.22 1.77
N THR A 539 -16.93 -22.22 0.94
CA THR A 539 -16.13 -23.45 0.77
C THR A 539 -15.92 -24.19 2.09
N ILE A 540 -16.92 -24.18 2.97
CA ILE A 540 -16.83 -24.92 4.22
C ILE A 540 -17.37 -26.33 4.11
N ILE A 541 -18.06 -26.66 3.01
CA ILE A 541 -18.40 -28.03 2.69
C ILE A 541 -17.86 -28.33 1.30
N ASP A 542 -17.70 -29.61 1.01
CA ASP A 542 -17.21 -30.04 -0.30
C ASP A 542 -18.29 -29.85 -1.34
N GLY A 543 -17.87 -29.73 -2.60
CA GLY A 543 -18.77 -29.73 -3.72
C GLY A 543 -19.48 -31.07 -3.82
N PRO A 544 -20.78 -31.03 -4.09
CA PRO A 544 -21.56 -32.28 -4.17
C PRO A 544 -21.17 -33.09 -5.39
N ALA A 545 -20.58 -34.27 -5.16
CA ALA A 545 -20.08 -35.08 -6.26
C ALA A 545 -20.19 -36.54 -5.88
N ASN A 546 -21.15 -37.23 -6.48
CA ASN A 546 -21.28 -38.68 -6.36
C ASN A 546 -20.83 -39.30 -7.67
N TYR A 547 -19.66 -39.95 -7.66
CA TYR A 547 -19.03 -40.45 -8.86
C TYR A 547 -19.54 -41.81 -9.27
N SER A 548 -20.46 -42.41 -8.50
CA SER A 548 -21.06 -43.68 -8.85
C SER A 548 -22.38 -43.52 -9.60
N VAL A 549 -22.86 -42.29 -9.79
CA VAL A 549 -24.12 -42.02 -10.46
C VAL A 549 -23.89 -40.93 -11.51
N ASP A 550 -24.91 -40.74 -12.34
CA ASP A 550 -24.81 -39.77 -13.45
C ASP A 550 -25.54 -38.50 -13.07
N LEU A 551 -24.80 -37.49 -12.59
CA LEU A 551 -25.37 -36.20 -12.24
C LEU A 551 -25.77 -35.44 -13.51
N PRO A 552 -26.71 -34.50 -13.40
CA PRO A 552 -27.04 -33.66 -14.57
C PRO A 552 -25.87 -32.80 -15.00
N PHE A 553 -25.79 -32.55 -16.32
CA PHE A 553 -24.74 -31.69 -16.85
C PHE A 553 -25.00 -30.23 -16.50
N MET A 554 -26.27 -29.87 -16.29
CA MET A 554 -26.62 -28.53 -15.86
C MET A 554 -26.09 -28.21 -14.48
N TYR A 555 -26.01 -29.21 -13.60
CA TYR A 555 -25.34 -29.02 -12.32
C TYR A 555 -23.85 -28.70 -12.51
N CYS A 556 -23.20 -29.39 -13.46
CA CYS A 556 -21.79 -29.13 -13.72
C CYS A 556 -21.57 -27.73 -14.27
N ILE A 557 -22.43 -27.27 -15.19
CA ILE A 557 -22.31 -25.93 -15.76
C ILE A 557 -22.59 -24.87 -14.71
N THR A 558 -23.67 -25.04 -13.93
CA THR A 558 -24.03 -24.06 -12.92
C THR A 558 -23.04 -24.04 -11.78
N TYR A 559 -22.48 -25.19 -11.41
CA TYR A 559 -21.52 -25.22 -10.32
C TYR A 559 -20.16 -24.71 -10.76
N ALA A 560 -19.81 -24.88 -12.04
CA ALA A 560 -18.59 -24.25 -12.55
C ALA A 560 -18.71 -22.74 -12.57
N ALA A 561 -19.87 -22.22 -12.98
CA ALA A 561 -20.11 -20.77 -12.93
C ALA A 561 -20.13 -20.26 -11.49
N PHE A 562 -20.73 -21.04 -10.58
CA PHE A 562 -20.75 -20.67 -9.17
C PHE A 562 -19.36 -20.68 -8.56
N ALA A 563 -18.53 -21.65 -8.94
CA ALA A 563 -17.16 -21.72 -8.43
C ALA A 563 -16.32 -20.59 -8.98
N ILE A 564 -16.61 -20.13 -10.20
CA ILE A 564 -15.88 -19.00 -10.75
C ILE A 564 -16.28 -17.70 -10.06
N ILE A 565 -17.58 -17.44 -9.94
CA ILE A 565 -17.99 -16.08 -9.57
C ILE A 565 -18.12 -15.93 -8.05
N ALA A 566 -18.23 -17.04 -7.32
CA ALA A 566 -18.39 -16.92 -5.87
C ALA A 566 -17.12 -17.33 -5.12
N THR A 567 -16.63 -18.54 -5.39
CA THR A 567 -15.45 -19.04 -4.70
C THR A 567 -14.19 -18.28 -5.14
N LEU A 568 -13.99 -18.16 -6.45
CA LEU A 568 -12.77 -17.54 -6.95
C LEU A 568 -12.86 -16.02 -6.90
N LEU A 569 -13.97 -15.46 -7.37
CA LEU A 569 -14.05 -14.00 -7.53
C LEU A 569 -14.38 -13.30 -6.20
N MET A 570 -15.56 -13.58 -5.64
CA MET A 570 -16.06 -12.75 -4.55
C MET A 570 -15.41 -13.09 -3.22
N LEU A 571 -15.10 -14.37 -3.00
CA LEU A 571 -14.51 -14.78 -1.73
C LEU A 571 -13.09 -14.26 -1.57
N ASN A 572 -12.36 -14.11 -2.68
CA ASN A 572 -11.05 -13.49 -2.68
C ASN A 572 -11.13 -11.96 -2.78
N LEU A 573 -12.18 -11.44 -3.42
CA LEU A 573 -12.37 -10.00 -3.48
C LEU A 573 -12.76 -9.43 -2.12
N PHE A 574 -13.38 -10.23 -1.27
CA PHE A 574 -13.62 -9.81 0.11
C PHE A 574 -12.31 -9.65 0.88
N ILE A 575 -11.37 -10.57 0.65
CA ILE A 575 -10.03 -10.46 1.26
C ILE A 575 -9.31 -9.24 0.73
N ALA A 576 -9.41 -8.99 -0.58
CA ALA A 576 -8.77 -7.82 -1.19
C ALA A 576 -9.38 -6.52 -0.69
N MET A 577 -10.69 -6.48 -0.49
CA MET A 577 -11.40 -5.27 -0.03
C MET A 577 -11.10 -5.05 1.44
N MET A 578 -10.97 -6.11 2.24
CA MET A 578 -10.56 -5.96 3.63
C MET A 578 -9.12 -5.47 3.74
N GLY A 579 -8.23 -5.98 2.88
CA GLY A 579 -6.85 -5.49 2.87
C GLY A 579 -6.74 -4.05 2.42
N ASP A 580 -7.62 -3.63 1.50
CA ASP A 580 -7.62 -2.25 1.04
C ASP A 580 -8.18 -1.31 2.11
N THR A 581 -9.22 -1.72 2.82
CA THR A 581 -9.84 -0.88 3.84
C THR A 581 -9.24 -1.11 5.23
N HIS A 582 -8.19 -1.92 5.34
CA HIS A 582 -7.45 -2.03 6.57
C HIS A 582 -6.42 -0.91 6.74
N TRP A 583 -5.66 -0.62 5.69
CA TRP A 583 -4.63 0.42 5.80
C TRP A 583 -5.22 1.82 5.69
N ARG A 584 -6.41 1.95 5.10
CA ARG A 584 -7.04 3.27 5.00
C ARG A 584 -7.57 3.73 6.34
N VAL A 585 -8.13 2.82 7.12
CA VAL A 585 -8.72 3.15 8.42
C VAL A 585 -7.84 2.66 9.57
N ALA A 586 -6.53 2.48 9.33
CA ALA A 586 -5.64 2.01 10.39
C ALA A 586 -5.33 3.11 11.39
N GLN A 587 -5.09 4.34 10.91
CA GLN A 587 -4.85 5.46 11.81
C GLN A 587 -6.09 5.80 12.61
N GLU A 588 -7.26 5.73 11.98
CA GLU A 588 -8.52 5.95 12.69
C GLU A 588 -8.78 4.85 13.70
N ARG A 589 -8.37 3.61 13.37
CA ARG A 589 -8.48 2.50 14.34
C ARG A 589 -7.58 2.73 15.54
N ASP A 590 -6.42 3.35 15.48
CA ASP A 590 -5.66 3.44 16.77
C ASP A 590 -6.23 4.55 17.65
N GLU A 591 -6.70 5.64 17.06
CA GLU A 591 -7.21 6.80 17.83
C GLU A 591 -8.50 6.48 18.52
N LEU A 592 -9.35 5.73 17.85
CA LEU A 592 -10.63 5.33 18.47
C LEU A 592 -10.31 4.47 19.69
N TRP A 593 -9.30 3.61 19.64
CA TRP A 593 -8.90 2.83 20.84
C TRP A 593 -8.35 3.73 21.93
N ARG A 594 -7.50 4.66 21.55
CA ARG A 594 -6.95 5.45 22.65
C ARG A 594 -8.13 6.16 23.32
N ALA A 595 -9.16 6.56 22.57
CA ALA A 595 -10.33 7.16 23.26
C ALA A 595 -11.09 6.14 24.07
N GLN A 596 -11.39 4.97 23.53
CA GLN A 596 -12.08 3.87 24.25
C GLN A 596 -11.37 3.63 25.57
N VAL A 597 -10.08 3.92 25.71
CA VAL A 597 -9.48 3.67 27.07
C VAL A 597 -9.66 4.88 27.99
N VAL A 598 -10.30 5.97 27.54
CA VAL A 598 -10.56 7.20 28.32
C VAL A 598 -12.02 7.17 28.70
N ALA A 599 -12.81 6.33 28.03
CA ALA A 599 -14.24 6.20 28.34
C ALA A 599 -14.43 5.05 29.29
N THR A 600 -13.49 4.12 29.31
CA THR A 600 -13.54 2.99 30.26
C THR A 600 -13.14 3.56 31.61
N THR A 601 -12.23 4.52 31.64
CA THR A 601 -11.79 5.15 32.90
C THR A 601 -12.91 6.06 33.39
N VAL A 602 -13.51 6.82 32.51
CA VAL A 602 -14.55 7.81 32.88
C VAL A 602 -15.85 7.10 33.26
N MET A 603 -16.02 5.83 32.93
CA MET A 603 -17.21 5.08 33.37
C MET A 603 -16.88 4.47 34.72
N LEU A 604 -15.80 3.73 34.77
CA LEU A 604 -15.38 3.08 36.03
C LEU A 604 -15.31 4.17 37.10
N GLU A 605 -14.83 5.37 36.81
CA GLU A 605 -14.82 6.37 37.88
C GLU A 605 -16.25 6.74 38.28
N ARG A 606 -17.17 6.74 37.32
CA ARG A 606 -18.55 7.10 37.62
C ARG A 606 -19.28 5.98 38.37
N LYS A 607 -19.09 4.72 37.94
CA LYS A 607 -19.95 3.65 38.43
C LYS A 607 -19.42 3.01 39.71
N MET A 608 -18.11 2.84 39.83
CA MET A 608 -17.54 2.21 41.01
C MET A 608 -17.62 3.15 42.21
N PRO A 609 -17.60 2.61 43.44
CA PRO A 609 -17.69 3.47 44.62
C PRO A 609 -16.47 4.36 44.80
N ARG A 610 -16.65 5.41 45.60
CA ARG A 610 -15.66 6.48 45.67
C ARG A 610 -14.42 6.07 46.46
N PHE A 611 -14.56 5.10 47.36
CA PHE A 611 -13.41 4.67 48.16
C PHE A 611 -12.40 3.88 47.32
N LEU A 612 -12.82 3.33 46.19
CA LEU A 612 -11.90 2.66 45.27
C LEU A 612 -11.28 3.62 44.27
N TRP A 613 -11.87 4.79 44.05
CA TRP A 613 -11.38 5.79 43.11
C TRP A 613 -11.07 7.07 43.86
N PRO A 614 -9.85 7.24 44.35
CA PRO A 614 -9.47 8.50 44.99
C PRO A 614 -9.40 9.64 43.98
N ARG A 615 -9.55 10.85 44.47
CA ARG A 615 -9.54 12.03 43.61
C ARG A 615 -8.14 12.25 43.04
N SER A 616 -8.09 12.47 41.73
CA SER A 616 -6.83 12.56 41.00
C SER A 616 -6.32 13.98 40.99
N GLY A 617 -5.02 14.14 41.18
CA GLY A 617 -4.38 15.43 41.20
C GLY A 617 -3.71 15.70 42.52
N ILE A 618 -3.23 16.92 42.67
CA ILE A 618 -2.52 17.37 43.87
C ILE A 618 -3.43 18.36 44.59
N CYS A 619 -3.70 18.09 45.87
CA CYS A 619 -4.62 18.92 46.64
C CYS A 619 -3.95 20.24 47.00
N GLY A 620 -4.59 21.35 46.63
CA GLY A 620 -4.00 22.65 46.86
C GLY A 620 -4.12 23.15 48.28
N TYR A 621 -4.99 22.54 49.09
CA TYR A 621 -5.16 22.99 50.47
C TYR A 621 -3.98 22.56 51.33
N GLU A 622 -3.30 21.48 50.95
CA GLU A 622 -2.12 21.03 51.68
C GLU A 622 -0.97 22.02 51.54
N TYR A 623 -0.84 22.65 50.37
CA TYR A 623 0.26 23.55 50.08
C TYR A 623 -0.17 25.01 50.05
N GLY A 624 -1.40 25.32 50.47
CA GLY A 624 -1.84 26.69 50.55
C GLY A 624 -2.23 27.35 49.25
N LEU A 625 -2.29 26.60 48.16
CA LEU A 625 -2.66 27.17 46.87
C LEU A 625 -4.15 27.46 46.74
N GLY A 626 -4.98 26.91 47.61
CA GLY A 626 -6.40 27.17 47.56
C GLY A 626 -7.22 25.92 47.73
N ASP A 627 -8.47 25.94 47.25
CA ASP A 627 -9.36 24.79 47.29
C ASP A 627 -9.45 24.11 45.94
N ARG A 628 -8.36 24.13 45.17
CA ARG A 628 -8.33 23.60 43.82
C ARG A 628 -7.34 22.44 43.75
N TRP A 629 -7.57 21.54 42.79
CA TRP A 629 -6.73 20.38 42.57
C TRP A 629 -5.97 20.56 41.26
N PHE A 630 -4.66 20.34 41.30
CA PHE A 630 -3.76 20.63 40.20
C PHE A 630 -3.10 19.35 39.69
N LEU A 631 -2.53 19.44 38.50
CA LEU A 631 -1.74 18.38 37.91
C LEU A 631 -0.40 18.96 37.48
N ARG A 632 0.69 18.36 37.94
CA ARG A 632 2.03 18.85 37.65
C ARG A 632 2.60 18.08 36.46
N VAL A 633 2.98 18.80 35.42
CA VAL A 633 3.57 18.21 34.22
C VAL A 633 4.97 18.77 34.06
N GLU A 634 5.96 17.88 34.06
CA GLU A 634 7.35 18.26 33.84
C GLU A 634 7.76 17.80 32.45
N ASN A 635 8.19 18.74 31.61
CA ASN A 635 8.46 18.44 30.21
C ASN A 635 9.78 19.04 29.78
N HIS A 636 10.38 18.40 28.78
CA HIS A 636 11.70 18.75 28.26
C HIS A 636 11.50 19.65 27.05
N HIS A 637 11.56 20.97 27.28
CA HIS A 637 11.32 21.91 26.18
C HIS A 637 12.57 22.20 25.38
N ASP A 638 13.72 21.67 25.83
CA ASP A 638 15.04 21.83 25.19
C ASP A 638 15.46 23.29 24.98
N TRP B 29 9.58 7.94 41.72
CA TRP B 29 8.14 7.87 41.88
C TRP B 29 7.50 9.23 41.61
N GLU B 30 6.44 9.22 40.81
CA GLU B 30 5.85 10.45 40.28
C GLU B 30 5.15 11.27 41.35
N GLN B 31 4.37 10.62 42.21
CA GLN B 31 3.62 11.35 43.23
C GLN B 31 4.54 11.91 44.30
N TYR B 32 5.63 11.20 44.60
CA TYR B 32 6.63 11.71 45.53
C TYR B 32 7.32 12.96 44.99
N ARG B 33 7.64 12.95 43.68
CA ARG B 33 8.27 14.13 43.07
C ARG B 33 7.30 15.29 42.97
N ASP B 34 6.01 15.00 42.73
CA ASP B 34 5.00 16.06 42.73
C ASP B 34 4.84 16.68 44.11
N ARG B 35 4.83 15.84 45.15
CA ARG B 35 4.79 16.33 46.52
C ARG B 35 6.03 17.14 46.87
N VAL B 36 7.20 16.69 46.40
CA VAL B 36 8.46 17.39 46.66
C VAL B 36 8.47 18.77 46.01
N ASN B 37 8.02 18.85 44.75
CA ASN B 37 7.99 20.13 44.05
C ASN B 37 6.95 21.07 44.66
N MET B 38 5.79 20.55 45.04
CA MET B 38 4.77 21.37 45.69
C MET B 38 5.24 21.88 47.05
N LEU B 39 5.94 21.04 47.82
CA LEU B 39 6.45 21.45 49.12
C LEU B 39 7.58 22.46 48.96
N GLN B 40 8.40 22.32 47.91
CA GLN B 40 9.46 23.28 47.63
C GLN B 40 8.89 24.64 47.28
N GLN B 41 7.86 24.67 46.44
CA GLN B 41 7.20 25.94 46.11
C GLN B 41 6.48 26.53 47.30
N GLU B 42 5.90 25.69 48.18
CA GLU B 42 5.27 26.20 49.40
C GLU B 42 6.31 26.81 50.35
N ARG B 43 7.49 26.21 50.47
CA ARG B 43 8.48 26.84 51.35
C ARG B 43 8.97 28.13 50.70
N ILE B 44 9.13 28.13 49.38
CA ILE B 44 9.53 29.39 48.75
C ILE B 44 8.50 30.47 49.04
N ARG B 45 7.21 30.15 48.92
CA ARG B 45 6.15 31.12 49.16
C ARG B 45 5.99 31.50 50.63
N ASP B 46 6.42 30.64 51.56
CA ASP B 46 6.28 30.90 52.99
C ASP B 46 7.54 31.49 53.61
N SER B 47 8.54 31.82 52.79
CA SER B 47 9.77 32.43 53.28
C SER B 47 9.95 33.76 52.55
N PRO B 48 10.11 34.88 53.25
CA PRO B 48 10.28 36.16 52.55
C PRO B 48 11.59 36.28 51.80
N LEU B 49 12.66 35.67 52.31
CA LEU B 49 13.95 35.70 51.62
C LEU B 49 13.91 34.87 50.34
N LEU B 50 13.28 33.69 50.40
CA LEU B 50 13.18 32.83 49.23
C LEU B 50 12.24 33.44 48.19
N GLN B 51 11.14 34.07 48.64
CA GLN B 51 10.24 34.74 47.70
C GLN B 51 10.89 35.97 47.08
N ALA B 52 11.72 36.69 47.85
CA ALA B 52 12.44 37.83 47.30
C ALA B 52 13.51 37.38 46.32
N ALA B 53 14.13 36.24 46.56
CA ALA B 53 15.10 35.70 45.61
C ALA B 53 14.40 35.20 44.34
N LYS B 54 13.19 34.65 44.48
CA LYS B 54 12.44 34.18 43.32
C LYS B 54 11.94 35.33 42.45
N GLU B 55 11.34 36.36 43.07
CA GLU B 55 10.73 37.45 42.33
C GLU B 55 11.70 38.58 42.01
N ASN B 56 12.97 38.45 42.44
CA ASN B 56 14.02 39.47 42.27
C ASN B 56 13.61 40.82 42.86
N ASP B 57 12.97 40.79 44.03
CA ASP B 57 12.56 41.99 44.74
C ASP B 57 13.75 42.50 45.54
N LEU B 58 14.46 43.49 44.96
CA LEU B 58 15.71 43.94 45.54
C LEU B 58 15.49 44.79 46.78
N ARG B 59 14.36 45.49 46.86
CA ARG B 59 14.06 46.32 48.03
C ARG B 59 13.81 45.46 49.26
N LEU B 60 12.98 44.42 49.11
CA LEU B 60 12.73 43.48 50.19
C LEU B 60 13.99 42.69 50.54
N LEU B 61 14.83 42.42 49.54
CA LEU B 61 16.12 41.78 49.79
C LEU B 61 17.03 42.66 50.64
N LYS B 62 17.09 43.95 50.35
CA LYS B 62 17.91 44.86 51.15
C LYS B 62 17.38 44.98 52.57
N ILE B 63 16.04 45.01 52.71
CA ILE B 63 15.42 45.07 54.04
C ILE B 63 15.73 43.80 54.84
N LEU B 64 15.65 42.63 54.19
CA LEU B 64 15.87 41.37 54.91
C LEU B 64 17.34 41.15 55.24
N LEU B 65 18.24 41.54 54.33
CA LEU B 65 19.66 41.36 54.59
C LEU B 65 20.18 42.42 55.57
N LEU B 66 19.47 43.54 55.71
CA LEU B 66 19.82 44.49 56.77
C LEU B 66 19.50 43.93 58.15
N ASN B 67 18.40 43.19 58.27
CA ASN B 67 18.02 42.61 59.55
C ASN B 67 18.89 41.39 59.87
N GLN B 68 19.46 41.37 61.06
CA GLN B 68 20.37 40.28 61.43
C GLN B 68 19.59 39.06 61.93
N SER B 69 18.31 39.24 62.25
CA SER B 69 17.52 38.11 62.75
C SER B 69 17.15 37.15 61.63
N CYS B 70 17.11 37.65 60.39
CA CYS B 70 16.84 36.79 59.24
C CYS B 70 18.02 35.87 58.97
N ASP B 71 17.76 34.57 58.96
CA ASP B 71 18.81 33.56 58.79
C ASP B 71 19.22 33.52 57.33
N PHE B 72 20.51 33.68 57.06
CA PHE B 72 21.01 33.56 55.70
C PHE B 72 21.08 32.10 55.25
N GLN B 73 21.10 31.16 56.19
CA GLN B 73 21.13 29.74 55.90
C GLN B 73 19.76 29.08 55.96
N GLN B 74 18.73 29.81 55.53
CA GLN B 74 17.36 29.24 55.49
C GLN B 74 17.34 28.14 54.43
N ARG B 75 16.76 26.99 54.76
CA ARG B 75 16.65 25.88 53.83
C ARG B 75 15.19 25.63 53.47
N GLY B 76 14.97 25.26 52.21
CA GLY B 76 13.65 24.94 51.72
C GLY B 76 13.27 23.50 52.01
N ALA B 77 12.31 23.00 51.24
CA ALA B 77 11.84 21.64 51.43
C ALA B 77 12.85 20.63 50.92
N VAL B 78 13.65 21.01 49.93
CA VAL B 78 14.66 20.13 49.37
C VAL B 78 16.03 20.50 49.93
N GLY B 79 16.04 21.34 50.96
CA GLY B 79 17.28 21.81 51.53
C GLY B 79 17.97 22.90 50.76
N GLU B 80 17.28 23.51 49.79
CA GLU B 80 17.89 24.54 48.95
C GLU B 80 18.04 25.84 49.74
N THR B 81 19.13 26.56 49.49
CA THR B 81 19.30 27.87 50.10
C THR B 81 18.59 28.93 49.27
N ALA B 82 18.67 30.18 49.74
CA ALA B 82 18.15 31.29 48.95
C ALA B 82 18.98 31.54 47.70
N LEU B 83 20.27 31.19 47.74
CA LEU B 83 21.11 31.29 46.55
C LEU B 83 20.68 30.28 45.50
N HIS B 84 20.20 29.11 45.93
CA HIS B 84 19.64 28.13 45.00
C HIS B 84 18.38 28.64 44.33
N VAL B 85 17.54 29.36 45.08
CA VAL B 85 16.33 29.95 44.52
C VAL B 85 16.69 31.07 43.55
N ALA B 86 17.72 31.85 43.89
CA ALA B 86 18.16 32.93 43.01
C ALA B 86 18.76 32.39 41.71
N ALA B 87 19.52 31.29 41.79
CA ALA B 87 20.09 30.68 40.59
C ALA B 87 19.04 29.89 39.81
N LEU B 88 17.96 29.48 40.49
CA LEU B 88 16.92 28.69 39.83
C LEU B 88 16.11 29.54 38.85
N TYR B 89 15.84 30.79 39.22
CA TYR B 89 15.02 31.69 38.41
C TYR B 89 15.83 32.72 37.64
N ASP B 90 17.16 32.53 37.55
CA ASP B 90 18.09 33.40 36.83
C ASP B 90 18.04 34.85 37.30
N ASN B 91 17.90 35.02 38.62
CA ASN B 91 17.94 36.35 39.22
C ASN B 91 19.38 36.63 39.64
N LEU B 92 20.12 37.31 38.74
CA LEU B 92 21.53 37.58 38.98
C LEU B 92 21.73 38.61 40.08
N GLU B 93 20.86 39.62 40.13
CA GLU B 93 20.99 40.68 41.14
C GLU B 93 20.72 40.13 42.54
N ALA B 94 19.70 39.27 42.66
CA ALA B 94 19.39 38.63 43.93
C ALA B 94 20.52 37.73 44.40
N ALA B 95 21.10 36.98 43.47
CA ALA B 95 22.21 36.08 43.80
C ALA B 95 23.45 36.85 44.22
N THR B 96 23.75 37.96 43.54
CA THR B 96 24.91 38.77 43.90
C THR B 96 24.70 39.45 45.25
N LEU B 97 23.47 39.89 45.55
CA LEU B 97 23.19 40.47 46.86
C LEU B 97 23.30 39.43 47.97
N LEU B 98 22.84 38.21 47.71
CA LEU B 98 22.95 37.14 48.70
C LEU B 98 24.40 36.73 48.93
N MET B 99 25.20 36.72 47.87
CA MET B 99 26.61 36.36 48.02
C MET B 99 27.41 37.49 48.65
N GLU B 100 26.99 38.73 48.45
CA GLU B 100 27.59 39.86 49.16
C GLU B 100 27.28 39.80 50.64
N ALA B 101 26.04 39.44 50.98
CA ALA B 101 25.69 39.28 52.39
C ALA B 101 26.30 38.02 52.98
N ALA B 102 26.31 36.93 52.23
CA ALA B 102 26.83 35.64 52.71
C ALA B 102 27.53 34.92 51.56
N PRO B 103 28.86 35.03 51.48
CA PRO B 103 29.60 34.28 50.46
C PRO B 103 29.57 32.78 50.65
N GLU B 104 29.45 32.31 51.91
CA GLU B 104 29.52 30.88 52.20
C GLU B 104 28.30 30.11 51.70
N LEU B 105 27.24 30.82 51.28
CA LEU B 105 26.11 30.18 50.62
C LEU B 105 26.51 29.60 49.27
N ALA B 106 27.63 30.07 48.69
CA ALA B 106 28.17 29.43 47.51
C ALA B 106 28.71 28.03 47.82
N LYS B 107 29.11 27.78 49.06
CA LYS B 107 29.66 26.48 49.43
C LYS B 107 28.63 25.55 50.07
N GLU B 108 27.37 25.95 50.16
CA GLU B 108 26.35 25.16 50.83
C GLU B 108 25.51 24.41 49.80
N PRO B 109 25.54 23.08 49.78
CA PRO B 109 24.67 22.32 48.88
C PRO B 109 23.34 21.98 49.56
N ALA B 110 22.42 21.45 48.75
CA ALA B 110 21.17 20.94 49.29
C ALA B 110 21.39 19.57 49.94
N LEU B 111 20.55 19.25 50.93
CA LEU B 111 20.78 18.07 51.75
C LEU B 111 19.57 17.16 51.87
N CYS B 112 18.59 17.26 50.97
CA CYS B 112 17.43 16.37 50.99
C CYS B 112 17.44 15.47 49.76
N GLU B 113 16.67 14.38 49.87
CA GLU B 113 16.86 13.18 49.04
C GLU B 113 16.73 13.38 47.53
N PRO B 114 15.74 14.10 46.97
CA PRO B 114 15.73 14.24 45.49
C PRO B 114 16.85 15.11 44.94
N PHE B 115 17.48 15.94 45.76
CA PHE B 115 18.50 16.88 45.29
C PHE B 115 19.71 16.87 46.23
N VAL B 116 20.21 15.67 46.54
CA VAL B 116 21.40 15.55 47.38
C VAL B 116 22.63 16.07 46.63
N GLY B 117 23.32 17.05 47.23
CA GLY B 117 24.58 17.52 46.74
C GLY B 117 24.50 18.62 45.70
N GLN B 118 23.31 19.02 45.29
CA GLN B 118 23.17 20.06 44.29
C GLN B 118 23.49 21.42 44.90
N THR B 119 24.43 22.13 44.29
CA THR B 119 24.80 23.47 44.71
C THR B 119 24.19 24.50 43.77
N ALA B 120 24.45 25.77 44.07
CA ALA B 120 23.98 26.84 43.19
C ALA B 120 24.76 26.88 41.89
N LEU B 121 25.98 26.33 41.90
CA LEU B 121 26.78 26.24 40.68
C LEU B 121 26.14 25.32 39.65
N HIS B 122 25.54 24.22 40.11
CA HIS B 122 24.85 23.29 39.21
C HIS B 122 23.65 23.97 38.53
N ILE B 123 22.87 24.72 39.30
CA ILE B 123 21.69 25.36 38.75
C ILE B 123 22.07 26.54 37.86
N ALA B 124 23.18 27.22 38.19
CA ALA B 124 23.66 28.31 37.34
C ALA B 124 24.20 27.78 36.03
N VAL B 125 24.87 26.62 36.06
CA VAL B 125 25.40 26.01 34.84
C VAL B 125 24.26 25.47 33.98
N MET B 126 23.23 24.89 34.62
CA MET B 126 22.07 24.35 33.91
C MET B 126 21.30 25.43 33.17
N ASN B 127 21.17 26.61 33.78
CA ASN B 127 20.43 27.71 33.18
C ASN B 127 21.28 28.57 32.26
N GLN B 128 22.56 28.22 32.08
CA GLN B 128 23.49 28.86 31.14
C GLN B 128 23.67 30.35 31.44
N ASN B 129 23.77 30.69 32.72
CA ASN B 129 24.02 32.06 33.15
C ASN B 129 25.51 32.18 33.42
N LEU B 130 26.26 32.67 32.42
CA LEU B 130 27.72 32.68 32.49
C LEU B 130 28.23 33.67 33.54
N ASN B 131 27.56 34.82 33.67
CA ASN B 131 27.96 35.79 34.69
C ASN B 131 27.69 35.26 36.09
N LEU B 132 26.63 34.47 36.25
CA LEU B 132 26.36 33.85 37.55
C LEU B 132 27.38 32.77 37.88
N VAL B 133 27.86 32.04 36.86
CA VAL B 133 28.91 31.06 37.08
C VAL B 133 30.22 31.76 37.45
N ARG B 134 30.51 32.90 36.81
CA ARG B 134 31.67 33.71 37.17
C ARG B 134 31.58 34.21 38.61
N ALA B 135 30.40 34.68 39.01
CA ALA B 135 30.21 35.21 40.35
C ALA B 135 30.28 34.09 41.40
N LEU B 136 29.79 32.90 41.05
CA LEU B 136 29.85 31.78 42.00
C LEU B 136 31.27 31.25 42.13
N LEU B 137 32.00 31.18 41.04
CA LEU B 137 33.39 30.70 41.15
C LEU B 137 34.21 31.78 41.88
N ALA B 138 33.87 33.07 41.71
CA ALA B 138 34.60 34.11 42.43
C ALA B 138 34.42 33.96 43.94
N ARG B 139 33.25 33.52 44.38
CA ARG B 139 32.97 33.34 45.80
C ARG B 139 33.52 32.03 46.35
N GLY B 140 34.02 31.14 45.51
CA GLY B 140 34.60 29.91 46.00
C GLY B 140 33.66 28.72 46.00
N ALA B 141 32.74 28.64 45.05
CA ALA B 141 31.88 27.47 44.93
C ALA B 141 32.69 26.26 44.49
N SER B 142 32.33 25.09 45.00
CA SER B 142 33.10 23.89 44.74
C SER B 142 32.90 23.43 43.29
N VAL B 143 34.00 23.43 42.53
CA VAL B 143 33.95 22.96 41.14
C VAL B 143 33.94 21.45 41.06
N SER B 144 34.25 20.75 42.16
CA SER B 144 34.19 19.30 42.24
C SER B 144 32.98 18.82 43.03
N ALA B 145 31.98 19.67 43.21
CA ALA B 145 30.79 19.30 43.95
C ALA B 145 29.96 18.28 43.17
N ARG B 146 29.59 17.19 43.84
CA ARG B 146 28.94 16.06 43.20
C ARG B 146 27.50 16.00 43.66
N ALA B 147 26.57 16.07 42.71
CA ALA B 147 25.13 16.06 43.01
C ALA B 147 24.63 14.61 42.95
N THR B 148 24.74 13.93 44.08
CA THR B 148 24.34 12.52 44.19
C THR B 148 22.89 12.40 44.64
N GLY B 149 22.00 13.04 43.88
CA GLY B 149 20.58 13.01 44.17
C GLY B 149 19.86 12.11 43.18
N ALA B 150 18.60 11.80 43.51
CA ALA B 150 17.80 10.93 42.65
C ALA B 150 17.38 11.62 41.36
N ALA B 151 17.34 12.95 41.34
CA ALA B 151 16.96 13.67 40.13
C ALA B 151 18.10 13.78 39.13
N PHE B 152 19.34 13.52 39.56
CA PHE B 152 20.50 13.64 38.69
C PHE B 152 21.07 12.29 38.27
N ARG B 153 20.40 11.20 38.60
CA ARG B 153 20.85 9.86 38.25
C ARG B 153 20.09 9.38 37.02
N ARG B 154 20.72 8.48 36.26
CA ARG B 154 20.09 7.95 35.06
C ARG B 154 18.96 7.00 35.45
N SER B 155 17.75 7.36 35.01
CA SER B 155 16.54 6.65 35.42
C SER B 155 15.45 6.96 34.41
N PRO B 156 14.49 6.05 34.21
CA PRO B 156 13.31 6.40 33.42
C PRO B 156 12.43 7.47 34.07
N HIS B 157 12.56 7.66 35.39
CA HIS B 157 11.84 8.74 36.06
C HIS B 157 12.35 10.11 35.62
N ASN B 158 13.68 10.27 35.65
CA ASN B 158 14.33 11.55 35.26
C ASN B 158 14.31 11.71 33.75
N LEU B 159 14.05 12.92 33.25
CA LEU B 159 13.99 13.20 31.82
C LEU B 159 15.36 13.50 31.22
N ILE B 160 16.33 13.94 32.02
CA ILE B 160 17.68 14.21 31.55
C ILE B 160 18.67 13.51 32.46
N TYR B 161 19.75 13.01 31.86
CA TYR B 161 20.89 12.51 32.60
C TYR B 161 22.10 13.33 32.15
N TYR B 162 22.38 14.40 32.88
CA TYR B 162 23.48 15.30 32.54
C TYR B 162 24.71 15.04 33.39
N GLY B 163 24.67 14.06 34.28
CA GLY B 163 25.79 13.72 35.11
C GLY B 163 25.57 14.11 36.56
N GLU B 164 26.69 14.28 37.27
CA GLU B 164 26.67 14.69 38.67
C GLU B 164 27.61 15.84 38.97
N HIS B 165 28.39 16.30 38.00
CA HIS B 165 29.36 17.36 38.18
C HIS B 165 28.95 18.60 37.38
N PRO B 166 29.39 19.79 37.81
CA PRO B 166 29.12 20.99 37.00
C PRO B 166 29.77 20.97 35.62
N LEU B 167 30.93 20.31 35.50
CA LEU B 167 31.57 20.18 34.19
C LEU B 167 30.75 19.28 33.27
N SER B 168 30.22 18.19 33.81
CA SER B 168 29.34 17.31 33.02
C SER B 168 28.05 18.02 32.65
N PHE B 169 27.53 18.84 33.57
CA PHE B 169 26.33 19.63 33.28
C PHE B 169 26.58 20.64 32.17
N ALA B 170 27.73 21.31 32.20
CA ALA B 170 28.05 22.29 31.16
C ALA B 170 28.36 21.62 29.83
N ALA B 171 28.93 20.41 29.86
CA ALA B 171 29.18 19.67 28.63
C ALA B 171 27.89 19.19 28.00
N CYS B 172 26.94 18.73 28.83
CA CYS B 172 25.71 18.18 28.28
C CYS B 172 24.71 19.26 27.89
N VAL B 173 24.78 20.43 28.53
CA VAL B 173 23.93 21.54 28.14
C VAL B 173 24.36 22.09 26.78
N GLY B 174 25.65 22.30 26.58
CA GLY B 174 26.17 22.76 25.31
C GLY B 174 26.80 24.14 25.32
N SER B 175 27.42 24.54 26.42
CA SER B 175 28.07 25.85 26.51
C SER B 175 29.58 25.63 26.62
N GLU B 176 30.31 26.03 25.59
CA GLU B 176 31.76 25.81 25.59
C GLU B 176 32.46 26.80 26.51
N GLU B 177 31.90 28.00 26.63
CA GLU B 177 32.50 29.03 27.47
C GLU B 177 32.47 28.65 28.95
N ILE B 178 31.34 28.06 29.38
CA ILE B 178 31.23 27.61 30.77
C ILE B 178 32.15 26.42 31.02
N VAL B 179 32.33 25.56 30.02
CA VAL B 179 33.25 24.43 30.13
C VAL B 179 34.69 24.93 30.30
N ARG B 180 35.09 25.90 29.49
CA ARG B 180 36.43 26.48 29.59
C ARG B 180 36.62 27.20 30.92
N LEU B 181 35.59 27.91 31.39
CA LEU B 181 35.68 28.61 32.67
C LEU B 181 35.80 27.65 33.85
N LEU B 182 35.07 26.53 33.81
CA LEU B 182 35.16 25.55 34.88
C LEU B 182 36.50 24.83 34.85
N ILE B 183 37.01 24.53 33.66
CA ILE B 183 38.31 23.85 33.54
C ILE B 183 39.44 24.77 33.99
N GLU B 184 39.32 26.07 33.70
CA GLU B 184 40.33 27.04 34.16
C GLU B 184 40.32 27.18 35.68
N HIS B 185 39.18 26.94 36.32
CA HIS B 185 39.09 27.04 37.77
C HIS B 185 39.40 25.72 38.47
N GLY B 186 39.72 24.66 37.73
CA GLY B 186 40.16 23.42 38.33
C GLY B 186 39.21 22.26 38.29
N ALA B 187 38.27 22.23 37.33
CA ALA B 187 37.40 21.08 37.19
C ALA B 187 38.17 19.88 36.65
N ASP B 188 37.90 18.71 37.22
CA ASP B 188 38.57 17.48 36.83
C ASP B 188 37.77 16.80 35.73
N ILE B 189 38.39 16.64 34.56
CA ILE B 189 37.72 15.99 33.43
C ILE B 189 37.56 14.51 33.69
N ARG B 190 38.52 13.92 34.41
CA ARG B 190 38.49 12.47 34.65
C ARG B 190 37.74 12.21 35.96
N ALA B 191 36.49 12.63 36.05
CA ALA B 191 35.63 12.46 37.20
C ALA B 191 34.48 11.53 36.86
N GLN B 192 34.18 10.60 37.76
CA GLN B 192 33.16 9.60 37.54
C GLN B 192 32.02 9.79 38.53
N ASP B 193 30.80 9.59 38.04
CA ASP B 193 29.60 9.71 38.86
C ASP B 193 29.31 8.36 39.54
N SER B 194 28.08 8.21 40.03
CA SER B 194 27.68 6.98 40.74
C SER B 194 27.66 5.77 39.81
N LEU B 195 27.39 5.99 38.53
CA LEU B 195 27.43 4.92 37.53
C LEU B 195 28.82 4.69 36.98
N GLY B 196 29.82 5.47 37.39
CA GLY B 196 31.16 5.35 36.89
C GLY B 196 31.42 6.05 35.57
N ASN B 197 30.41 6.73 35.01
CA ASN B 197 30.58 7.40 33.74
C ASN B 197 31.44 8.65 33.89
N THR B 198 32.42 8.81 32.99
CA THR B 198 33.14 10.06 32.89
C THR B 198 32.31 11.06 32.07
N VAL B 199 32.90 12.21 31.77
CA VAL B 199 32.15 13.25 31.06
C VAL B 199 31.92 12.85 29.61
N LEU B 200 32.79 11.99 29.06
CA LEU B 200 32.63 11.54 27.68
C LEU B 200 31.46 10.59 27.53
N HIS B 201 31.25 9.71 28.51
CA HIS B 201 30.11 8.79 28.47
C HIS B 201 28.79 9.54 28.52
N ILE B 202 28.69 10.55 29.39
CA ILE B 202 27.46 11.31 29.52
C ILE B 202 27.26 12.22 28.32
N LEU B 203 28.37 12.64 27.69
CA LEU B 203 28.26 13.34 26.41
C LEU B 203 27.71 12.44 25.31
N ILE B 204 28.04 11.14 25.34
CA ILE B 204 27.60 10.14 24.31
C ILE B 204 26.21 9.63 24.63
N LEU B 205 25.73 9.82 25.85
CA LEU B 205 24.37 9.48 26.23
C LEU B 205 23.34 10.55 25.89
N GLN B 206 23.77 11.74 25.46
CA GLN B 206 22.87 12.81 25.05
C GLN B 206 22.17 12.45 23.75
N PRO B 207 20.89 12.83 23.60
CA PRO B 207 20.18 12.51 22.36
C PRO B 207 20.39 13.53 21.25
N ASN B 208 21.15 14.60 21.52
CA ASN B 208 21.39 15.63 20.51
C ASN B 208 22.29 15.09 19.39
N LYS B 209 23.41 14.46 19.77
CA LYS B 209 24.37 13.78 18.90
C LYS B 209 25.07 14.66 17.86
N THR B 210 24.85 15.97 17.90
CA THR B 210 25.46 16.89 16.94
C THR B 210 26.43 17.85 17.61
N PHE B 211 25.96 18.60 18.61
CA PHE B 211 26.87 19.48 19.35
C PHE B 211 27.73 18.68 20.33
N ALA B 212 27.30 17.46 20.65
CA ALA B 212 28.07 16.60 21.55
C ALA B 212 29.40 16.19 20.93
N CYS B 213 29.48 16.12 19.60
CA CYS B 213 30.75 15.86 18.95
C CYS B 213 31.71 17.03 19.11
N GLN B 214 31.19 18.27 19.04
CA GLN B 214 32.02 19.44 19.25
C GLN B 214 32.47 19.54 20.70
N MET B 215 31.59 19.20 21.64
CA MET B 215 31.98 19.19 23.04
C MET B 215 32.96 18.06 23.35
N TYR B 216 32.84 16.94 22.63
CA TYR B 216 33.80 15.85 22.75
C TYR B 216 35.18 16.29 22.24
N ASN B 217 35.21 17.04 21.13
CA ASN B 217 36.46 17.59 20.64
C ASN B 217 37.06 18.60 21.61
N LEU B 218 36.21 19.39 22.26
CA LEU B 218 36.69 20.36 23.24
C LEU B 218 37.27 19.66 24.48
N LEU B 219 36.61 18.60 24.94
CA LEU B 219 37.07 17.91 26.14
C LEU B 219 38.17 16.90 25.86
N LEU B 220 38.41 16.56 24.59
CA LEU B 220 39.60 15.78 24.25
C LEU B 220 40.85 16.62 24.43
N SER B 221 40.77 17.92 24.13
CA SER B 221 41.80 18.84 24.58
C SER B 221 41.70 19.01 26.09
N TYR B 222 42.81 19.44 26.70
CA TYR B 222 43.15 19.50 28.13
C TYR B 222 43.34 18.10 28.74
N ASP B 223 43.22 17.03 27.95
CA ASP B 223 43.50 15.67 28.41
C ASP B 223 44.88 15.21 27.99
N GLU B 224 45.84 16.12 27.91
CA GLU B 224 47.22 15.77 27.56
C GLU B 224 47.86 14.97 28.69
N HIS B 225 48.54 13.89 28.31
CA HIS B 225 49.19 13.00 29.27
C HIS B 225 50.43 13.65 29.88
N GLN B 230 47.07 6.87 30.73
CA GLN B 230 45.80 6.47 30.14
C GLN B 230 44.95 7.68 29.81
N SER B 231 44.45 7.73 28.56
CA SER B 231 43.63 8.84 28.13
C SER B 231 42.21 8.70 28.67
N LEU B 232 41.42 9.76 28.49
CA LEU B 232 40.04 9.75 28.98
C LEU B 232 39.16 8.83 28.14
N GLU B 233 39.54 8.58 26.89
CA GLU B 233 38.74 7.68 26.04
C GLU B 233 38.92 6.23 26.41
N LEU B 234 39.91 5.89 27.23
CA LEU B 234 40.17 4.52 27.64
C LEU B 234 39.73 4.22 29.06
N VAL B 235 38.98 5.12 29.68
CA VAL B 235 38.52 4.94 31.06
C VAL B 235 37.16 4.26 31.05
N PRO B 236 37.05 3.03 31.55
CA PRO B 236 35.74 2.36 31.56
C PRO B 236 34.90 2.78 32.77
N ASN B 237 33.59 2.64 32.61
CA ASN B 237 32.67 2.91 33.70
C ASN B 237 32.48 1.64 34.51
N HIS B 238 31.46 1.63 35.39
CA HIS B 238 31.20 0.49 36.25
C HIS B 238 30.67 -0.73 35.50
N GLN B 239 30.20 -0.57 34.27
CA GLN B 239 29.83 -1.69 33.42
C GLN B 239 31.00 -2.18 32.57
N GLY B 240 32.18 -1.58 32.72
CA GLY B 240 33.34 -1.95 31.93
C GLY B 240 33.37 -1.36 30.54
N LEU B 241 32.48 -0.43 30.22
CA LEU B 241 32.36 0.09 28.86
C LEU B 241 33.20 1.34 28.69
N THR B 242 34.01 1.35 27.64
CA THR B 242 34.71 2.54 27.17
C THR B 242 33.71 3.46 26.47
N PRO B 243 34.06 4.74 26.24
CA PRO B 243 33.20 5.59 25.41
C PRO B 243 32.96 5.06 24.00
N PHE B 244 33.94 4.37 23.42
CA PHE B 244 33.74 3.70 22.14
C PHE B 244 32.70 2.59 22.26
N LYS B 245 32.82 1.76 23.29
CA LYS B 245 31.87 0.68 23.52
C LYS B 245 30.50 1.23 23.92
N LEU B 246 30.47 2.34 24.66
CA LEU B 246 29.19 2.95 25.03
C LEU B 246 28.50 3.56 23.82
N ALA B 247 29.26 4.14 22.89
CA ALA B 247 28.68 4.65 21.65
C ALA B 247 28.18 3.52 20.77
N GLY B 248 28.87 2.37 20.80
CA GLY B 248 28.38 1.20 20.08
C GLY B 248 27.11 0.63 20.68
N VAL B 249 27.04 0.58 22.02
CA VAL B 249 25.87 0.01 22.69
C VAL B 249 24.66 0.90 22.55
N GLU B 250 24.83 2.21 22.75
CA GLU B 250 23.71 3.13 22.73
C GLU B 250 23.24 3.51 21.33
N GLY B 251 23.96 3.07 20.29
CA GLY B 251 23.53 3.34 18.93
C GLY B 251 23.77 4.76 18.47
N ASN B 252 24.76 5.44 19.05
CA ASN B 252 25.10 6.80 18.65
C ASN B 252 25.99 6.71 17.42
N THR B 253 25.36 6.82 16.24
CA THR B 253 26.08 6.64 14.99
C THR B 253 26.93 7.85 14.65
N VAL B 254 26.46 9.05 14.97
CA VAL B 254 27.20 10.27 14.66
C VAL B 254 28.46 10.35 15.53
N MET B 255 28.33 10.01 16.81
CA MET B 255 29.49 9.96 17.69
C MET B 255 30.43 8.83 17.30
N PHE B 256 29.90 7.74 16.75
CA PHE B 256 30.74 6.66 16.25
C PHE B 256 31.57 7.11 15.05
N GLN B 257 30.95 7.86 14.13
CA GLN B 257 31.68 8.40 13.00
C GLN B 257 32.72 9.42 13.45
N HIS B 258 32.38 10.25 14.44
CA HIS B 258 33.34 11.21 14.97
C HIS B 258 34.51 10.51 15.67
N LEU B 259 34.25 9.41 16.36
CA LEU B 259 35.33 8.66 17.00
C LEU B 259 36.19 7.93 15.98
N MET B 260 35.63 7.50 14.87
CA MET B 260 36.54 6.81 13.93
C MET B 260 37.31 7.87 13.15
N GLN B 261 36.75 9.07 12.99
CA GLN B 261 37.56 10.06 12.29
C GLN B 261 38.96 10.15 12.88
N LYS B 262 39.11 9.93 14.17
CA LYS B 262 40.39 9.97 14.86
C LYS B 262 41.11 8.63 14.83
N ARG B 263 40.50 7.59 14.26
CA ARG B 263 41.08 6.25 14.21
C ARG B 263 41.18 5.78 12.77
N LYS B 264 41.50 6.68 11.85
CA LYS B 264 41.66 6.33 10.45
C LYS B 264 42.90 7.03 9.92
N HIS B 265 43.42 6.52 8.80
CA HIS B 265 44.57 7.09 8.14
C HIS B 265 44.38 6.95 6.64
N VAL B 266 44.30 8.09 5.95
CA VAL B 266 44.14 8.10 4.50
C VAL B 266 45.50 7.81 3.87
N GLN B 267 45.59 6.71 3.13
CA GLN B 267 46.86 6.35 2.51
C GLN B 267 47.12 7.18 1.27
N TRP B 268 46.18 7.17 0.35
CA TRP B 268 46.34 7.90 -0.92
C TRP B 268 44.97 8.36 -1.40
N THR B 269 44.91 9.38 -2.24
CA THR B 269 43.67 9.92 -2.77
C THR B 269 43.81 10.16 -4.27
N CYS B 270 44.28 9.14 -4.98
CA CYS B 270 44.54 9.24 -6.41
C CYS B 270 43.22 9.24 -7.18
N GLY B 271 42.87 10.39 -7.74
CA GLY B 271 41.67 10.52 -8.53
C GLY B 271 40.42 10.47 -7.69
N PRO B 272 39.40 9.75 -8.17
CA PRO B 272 38.17 9.57 -7.39
C PRO B 272 38.26 8.49 -6.32
N LEU B 273 39.34 7.74 -6.26
CA LEU B 273 39.50 6.65 -5.31
C LEU B 273 40.35 7.12 -4.14
N THR B 274 39.95 6.73 -2.93
CA THR B 274 40.75 6.99 -1.74
C THR B 274 40.84 5.72 -0.92
N SER B 275 41.98 5.52 -0.28
CA SER B 275 42.25 4.34 0.52
C SER B 275 42.50 4.76 1.96
N THR B 276 41.60 4.35 2.86
CA THR B 276 41.70 4.67 4.27
C THR B 276 42.04 3.41 5.05
N LEU B 277 42.71 3.60 6.18
CA LEU B 277 43.24 2.49 6.98
C LEU B 277 42.67 2.60 8.40
N TYR B 278 41.51 2.00 8.62
CA TYR B 278 40.86 2.07 9.92
C TYR B 278 41.55 1.16 10.91
N ASP B 279 41.47 1.55 12.19
CA ASP B 279 42.08 0.78 13.26
C ASP B 279 41.03 -0.13 13.88
N LEU B 280 41.36 -1.42 13.99
CA LEU B 280 40.45 -2.42 14.53
C LEU B 280 40.80 -2.82 15.96
N THR B 281 41.51 -1.95 16.69
CA THR B 281 41.85 -2.27 18.08
C THR B 281 40.63 -2.22 18.97
N GLU B 282 39.79 -1.19 18.82
CA GLU B 282 38.61 -1.02 19.63
C GLU B 282 37.34 -1.54 18.96
N ILE B 283 37.44 -2.12 17.78
CA ILE B 283 36.31 -2.69 17.05
C ILE B 283 36.31 -4.20 17.10
N ASP B 284 37.44 -4.82 16.73
CA ASP B 284 37.52 -6.27 16.77
C ASP B 284 37.61 -6.79 18.20
N SER B 285 38.34 -6.08 19.06
CA SER B 285 38.51 -6.40 20.49
C SER B 285 39.06 -7.80 20.71
N TRP B 286 40.29 -8.03 20.25
CA TRP B 286 40.94 -9.31 20.42
C TRP B 286 41.31 -9.55 21.87
N GLY B 287 40.97 -10.73 22.37
CA GLY B 287 41.28 -11.08 23.76
C GLY B 287 40.28 -10.66 24.80
N GLU B 288 39.57 -9.56 24.55
CA GLU B 288 38.55 -9.07 25.47
C GLU B 288 37.37 -10.03 25.50
N GLU B 289 36.86 -10.30 26.71
CA GLU B 289 35.75 -11.23 26.88
C GLU B 289 34.46 -10.69 26.26
N LEU B 290 34.11 -9.46 26.59
CA LEU B 290 32.95 -8.79 26.02
C LEU B 290 33.45 -7.85 24.92
N SER B 291 33.45 -8.34 23.69
CA SER B 291 33.96 -7.56 22.57
C SER B 291 32.98 -6.45 22.19
N PHE B 292 33.44 -5.58 21.29
CA PHE B 292 32.62 -4.45 20.85
C PHE B 292 31.40 -4.93 20.07
N LEU B 293 31.59 -5.85 19.14
CA LEU B 293 30.50 -6.32 18.29
C LEU B 293 29.51 -7.16 19.08
N GLU B 294 29.99 -7.90 20.08
CA GLU B 294 29.11 -8.68 20.93
C GLU B 294 28.23 -7.79 21.78
N LEU B 295 28.79 -6.68 22.28
CA LEU B 295 27.99 -5.71 23.02
C LEU B 295 27.01 -4.98 22.11
N VAL B 296 27.39 -4.78 20.85
CA VAL B 296 26.51 -4.09 19.91
C VAL B 296 25.31 -4.97 19.53
N VAL B 297 25.55 -6.24 19.22
CA VAL B 297 24.44 -7.07 18.74
C VAL B 297 23.55 -7.53 19.88
N SER B 298 24.05 -7.53 21.12
CA SER B 298 23.25 -7.93 22.26
C SER B 298 22.62 -6.74 22.98
N SER B 299 22.82 -5.53 22.47
CA SER B 299 22.23 -4.35 23.10
C SER B 299 20.72 -4.31 22.86
N LYS B 300 20.01 -3.76 23.84
CA LYS B 300 18.55 -3.70 23.74
C LYS B 300 18.08 -2.48 22.95
N LYS B 301 18.99 -1.56 22.62
CA LYS B 301 18.62 -0.37 21.89
C LYS B 301 18.30 -0.71 20.44
N ARG B 302 17.33 -0.03 19.84
CA ARG B 302 16.99 -0.30 18.42
C ARG B 302 17.98 0.40 17.51
N GLU B 303 18.57 1.51 17.94
CA GLU B 303 19.57 2.17 17.10
C GLU B 303 20.92 1.47 17.14
N ALA B 304 21.12 0.52 18.06
CA ALA B 304 22.41 -0.14 18.23
C ALA B 304 22.81 -0.97 17.03
N ARG B 305 21.86 -1.44 16.23
CA ARG B 305 22.16 -2.17 15.01
C ARG B 305 22.48 -1.25 13.85
N GLN B 306 22.42 0.06 14.03
CA GLN B 306 22.84 1.02 13.01
C GLN B 306 24.33 1.30 13.08
N ILE B 307 25.03 0.79 14.10
CA ILE B 307 26.47 0.82 14.16
C ILE B 307 27.10 -0.22 13.23
N LEU B 308 26.39 -1.30 12.95
CA LEU B 308 26.86 -2.36 12.06
C LEU B 308 26.85 -1.97 10.59
N GLU B 309 26.27 -0.82 10.25
CA GLU B 309 26.26 -0.33 8.88
C GLU B 309 27.27 0.79 8.65
N GLN B 310 28.18 1.01 9.61
CA GLN B 310 29.19 2.05 9.48
C GLN B 310 30.41 1.50 8.75
N THR B 311 31.29 2.42 8.32
CA THR B 311 32.32 2.11 7.32
C THR B 311 33.35 1.07 7.75
N PRO B 312 33.94 1.08 8.96
CA PRO B 312 34.82 -0.05 9.29
C PRO B 312 34.06 -1.31 9.68
N VAL B 313 32.95 -1.17 10.40
CA VAL B 313 32.28 -2.31 11.02
C VAL B 313 31.60 -3.17 9.97
N LYS B 314 30.92 -2.54 9.01
CA LYS B 314 30.22 -3.28 7.96
C LYS B 314 31.19 -4.07 7.09
N GLU B 315 32.33 -3.45 6.74
CA GLU B 315 33.34 -4.15 5.95
C GLU B 315 33.99 -5.28 6.75
N LEU B 316 34.20 -5.07 8.06
CA LEU B 316 34.81 -6.11 8.89
C LEU B 316 33.90 -7.31 9.05
N VAL B 317 32.62 -7.08 9.39
CA VAL B 317 31.71 -8.20 9.57
C VAL B 317 31.33 -8.84 8.25
N SER B 318 31.37 -8.09 7.14
CA SER B 318 31.16 -8.67 5.82
C SER B 318 32.30 -9.57 5.40
N PHE B 319 33.55 -9.15 5.67
CA PHE B 319 34.70 -10.00 5.41
C PHE B 319 34.67 -11.26 6.27
N LYS B 320 34.28 -11.11 7.54
CA LYS B 320 34.20 -12.26 8.44
C LYS B 320 33.11 -13.24 8.01
N TRP B 321 31.97 -12.73 7.55
CA TRP B 321 30.87 -13.61 7.15
C TRP B 321 31.15 -14.29 5.82
N LYS B 322 31.70 -13.59 4.85
CA LYS B 322 31.96 -14.28 3.59
C LYS B 322 33.15 -15.21 3.74
N LYS B 323 34.26 -14.75 4.30
CA LYS B 323 35.45 -15.57 4.29
C LYS B 323 35.31 -16.80 5.18
N TYR B 324 34.76 -16.63 6.37
CA TYR B 324 34.71 -17.71 7.35
C TYR B 324 33.33 -18.04 7.87
N GLY B 325 32.44 -17.05 8.01
CA GLY B 325 31.19 -17.28 8.72
C GLY B 325 30.21 -18.16 7.96
N ARG B 326 30.00 -17.87 6.67
CA ARG B 326 29.05 -18.63 5.87
C ARG B 326 29.41 -20.10 5.61
N PRO B 327 30.66 -20.48 5.26
CA PRO B 327 30.94 -21.93 5.16
C PRO B 327 30.80 -22.70 6.46
N TYR B 328 31.21 -22.10 7.58
CA TYR B 328 31.05 -22.76 8.88
C TYR B 328 29.59 -22.88 9.26
N PHE B 329 28.79 -21.85 8.98
CA PHE B 329 27.36 -21.93 9.26
C PHE B 329 26.67 -22.95 8.36
N CYS B 330 27.13 -23.07 7.11
CA CYS B 330 26.55 -24.05 6.21
C CYS B 330 26.88 -25.48 6.62
N VAL B 331 28.12 -25.74 7.05
CA VAL B 331 28.46 -27.10 7.47
C VAL B 331 27.80 -27.42 8.81
N LEU B 332 27.60 -26.42 9.68
CA LEU B 332 26.84 -26.66 10.91
C LEU B 332 25.37 -26.93 10.62
N ALA B 333 24.81 -26.23 9.63
CA ALA B 333 23.43 -26.49 9.22
C ALA B 333 23.28 -27.89 8.63
N SER B 334 24.26 -28.33 7.83
CA SER B 334 24.24 -29.67 7.27
C SER B 334 24.37 -30.74 8.37
N LEU B 335 25.23 -30.48 9.35
CA LEU B 335 25.37 -31.42 10.47
C LEU B 335 24.09 -31.50 11.30
N TYR B 336 23.42 -30.37 11.52
CA TYR B 336 22.17 -30.40 12.28
C TYR B 336 21.05 -31.07 11.49
N ILE B 337 21.04 -30.90 10.17
CA ILE B 337 20.06 -31.58 9.33
C ILE B 337 20.28 -33.08 9.36
N LEU B 338 21.53 -33.53 9.28
CA LEU B 338 21.83 -34.96 9.35
C LEU B 338 21.50 -35.53 10.73
N TYR B 339 21.74 -34.75 11.79
CA TYR B 339 21.38 -35.17 13.14
C TYR B 339 19.87 -35.30 13.31
N MET B 340 19.11 -34.38 12.74
CA MET B 340 17.65 -34.47 12.81
C MET B 340 17.13 -35.61 11.95
N ILE B 341 17.82 -35.93 10.84
CA ILE B 341 17.46 -37.09 10.02
C ILE B 341 17.68 -38.38 10.81
N CYS B 342 18.79 -38.46 11.55
CA CYS B 342 19.05 -39.62 12.40
C CYS B 342 18.02 -39.74 13.53
N PHE B 343 17.66 -38.62 14.15
CA PHE B 343 16.64 -38.65 15.21
C PHE B 343 15.27 -39.04 14.67
N THR B 344 14.92 -38.55 13.48
CA THR B 344 13.65 -38.92 12.85
C THR B 344 13.63 -40.39 12.48
N THR B 345 14.74 -40.92 11.96
CA THR B 345 14.82 -42.34 11.61
C THR B 345 14.77 -43.22 12.85
N CYS B 346 15.31 -42.75 13.98
CA CYS B 346 15.15 -43.49 15.22
C CYS B 346 13.72 -43.43 15.74
N CYS B 347 13.00 -42.33 15.46
CA CYS B 347 11.61 -42.25 15.87
C CYS B 347 10.71 -43.12 15.00
N ILE B 348 11.05 -43.29 13.72
CA ILE B 348 10.23 -44.10 12.82
C ILE B 348 10.34 -45.57 13.18
N TYR B 349 11.54 -46.04 13.49
CA TYR B 349 11.79 -47.45 13.78
C TYR B 349 11.68 -47.75 15.27
N ARG B 350 10.86 -46.99 15.98
CA ARG B 350 10.69 -47.09 17.42
C ARG B 350 10.13 -48.47 17.79
N PRO B 351 10.69 -49.14 18.82
CA PRO B 351 10.31 -50.54 19.11
C PRO B 351 8.89 -50.70 19.62
N LEU B 352 8.05 -51.30 18.78
CA LEU B 352 6.64 -51.52 19.12
C LEU B 352 6.30 -52.98 18.89
N LYS B 353 5.65 -53.58 19.88
CA LYS B 353 5.20 -54.97 19.81
C LYS B 353 3.69 -55.00 19.74
N LEU B 354 3.14 -56.18 19.47
CA LEU B 354 1.70 -56.36 19.51
C LEU B 354 1.19 -56.28 20.95
N ARG B 355 -0.06 -55.86 21.10
CA ARG B 355 -0.65 -55.73 22.42
C ARG B 355 -0.91 -57.10 23.03
N ASP B 356 -0.66 -57.20 24.34
CA ASP B 356 -0.89 -58.43 25.10
C ASP B 356 -2.23 -58.39 25.81
N ASP B 357 -3.21 -57.72 25.23
CA ASP B 357 -4.55 -57.63 25.81
C ASP B 357 -5.55 -57.54 24.68
N ASN B 358 -6.77 -57.96 24.97
CA ASN B 358 -7.85 -57.94 23.98
C ASN B 358 -8.53 -56.58 23.97
N ARG B 359 -9.05 -56.22 22.81
CA ARG B 359 -9.72 -54.93 22.60
C ARG B 359 -11.21 -55.12 22.89
N THR B 360 -11.59 -54.95 24.15
CA THR B 360 -12.99 -55.10 24.54
C THR B 360 -13.82 -53.91 24.08
N ASP B 361 -13.27 -52.70 24.22
CA ASP B 361 -13.98 -51.51 23.81
C ASP B 361 -14.00 -51.39 22.29
N PRO B 362 -15.16 -51.16 21.68
CA PRO B 362 -15.21 -51.07 20.21
C PRO B 362 -14.64 -49.78 19.64
N ARG B 363 -14.43 -48.77 20.49
CA ARG B 363 -13.89 -47.46 20.06
C ARG B 363 -12.40 -47.39 20.34
N ASP B 364 -11.78 -48.49 20.75
CA ASP B 364 -10.34 -48.55 21.02
C ASP B 364 -9.63 -49.14 19.81
N ILE B 365 -8.71 -48.38 19.23
CA ILE B 365 -8.01 -48.79 18.01
C ILE B 365 -6.53 -49.04 18.25
N THR B 366 -6.08 -49.06 19.50
CA THR B 366 -4.68 -49.31 19.79
C THR B 366 -4.37 -50.79 19.61
N ILE B 367 -3.46 -51.10 18.69
CA ILE B 367 -3.06 -52.48 18.42
C ILE B 367 -1.61 -52.76 18.78
N LEU B 368 -0.81 -51.72 19.02
CA LEU B 368 0.61 -51.88 19.31
C LEU B 368 0.93 -51.17 20.62
N GLN B 369 1.99 -51.64 21.27
CA GLN B 369 2.43 -51.04 22.52
C GLN B 369 3.96 -50.99 22.54
N GLN B 370 4.49 -50.22 23.47
CA GLN B 370 5.94 -50.07 23.58
C GLN B 370 6.57 -51.35 24.13
N LYS B 371 7.69 -51.74 23.54
CA LYS B 371 8.46 -52.86 24.05
C LYS B 371 9.18 -52.47 25.33
N LEU B 372 9.47 -53.48 26.15
CA LEU B 372 10.33 -53.26 27.30
C LEU B 372 11.79 -53.17 26.84
N LEU B 373 12.64 -52.68 27.75
CA LEU B 373 14.04 -52.43 27.40
C LEU B 373 14.80 -53.73 27.17
N GLN B 374 14.37 -54.81 27.81
CA GLN B 374 15.04 -56.10 27.64
C GLN B 374 14.80 -56.67 26.25
N GLU B 375 13.60 -56.48 25.71
CA GLU B 375 13.25 -57.01 24.40
C GLU B 375 13.39 -55.99 23.28
N ALA B 376 13.77 -54.75 23.59
CA ALA B 376 13.86 -53.72 22.56
C ALA B 376 15.09 -53.92 21.68
N TYR B 377 16.20 -54.37 22.27
CA TYR B 377 17.48 -54.46 21.57
C TYR B 377 17.86 -55.94 21.47
N VAL B 378 17.41 -56.58 20.39
CA VAL B 378 17.71 -58.00 20.16
C VAL B 378 18.32 -58.17 18.77
N THR B 379 17.68 -57.60 17.75
CA THR B 379 18.11 -57.84 16.38
C THR B 379 19.22 -56.87 15.96
N HIS B 380 19.69 -57.04 14.73
CA HIS B 380 20.73 -56.17 14.19
C HIS B 380 20.20 -54.77 13.90
N GLN B 381 18.95 -54.69 13.43
CA GLN B 381 18.32 -53.39 13.19
C GLN B 381 18.12 -52.64 14.50
N ASP B 382 17.86 -53.37 15.58
CA ASP B 382 17.78 -52.74 16.90
C ASP B 382 19.15 -52.25 17.36
N ASN B 383 20.22 -52.92 16.95
CA ASN B 383 21.57 -52.43 17.27
C ASN B 383 21.90 -51.16 16.49
N ILE B 384 21.48 -51.10 15.22
CA ILE B 384 21.65 -49.88 14.42
C ILE B 384 20.85 -48.73 15.03
N ARG B 385 19.62 -49.04 15.49
CA ARG B 385 18.81 -48.04 16.17
C ARG B 385 19.43 -47.62 17.50
N LEU B 386 20.09 -48.54 18.20
CA LEU B 386 20.79 -48.19 19.43
C LEU B 386 21.96 -47.24 19.16
N VAL B 387 22.68 -47.48 18.07
CA VAL B 387 23.77 -46.59 17.66
C VAL B 387 23.22 -45.21 17.33
N GLY B 388 22.11 -45.16 16.58
CA GLY B 388 21.48 -43.88 16.27
C GLY B 388 20.92 -43.16 17.49
N GLU B 389 20.40 -43.89 18.46
CA GLU B 389 19.88 -43.27 19.68
C GLU B 389 20.99 -42.77 20.57
N LEU B 390 22.14 -43.47 20.58
CA LEU B 390 23.31 -42.95 21.28
C LEU B 390 23.83 -41.69 20.62
N VAL B 391 23.78 -41.63 19.28
CA VAL B 391 24.13 -40.41 18.55
C VAL B 391 23.17 -39.27 18.91
N THR B 392 21.88 -39.58 19.02
CA THR B 392 20.87 -38.58 19.39
C THR B 392 21.08 -38.04 20.81
N VAL B 393 21.36 -38.94 21.76
CA VAL B 393 21.59 -38.55 23.15
C VAL B 393 22.87 -37.73 23.26
N THR B 394 23.92 -38.13 22.53
CA THR B 394 25.17 -37.37 22.52
C THR B 394 24.98 -35.98 21.91
N GLY B 395 24.15 -35.90 20.86
CA GLY B 395 23.84 -34.61 20.27
C GLY B 395 23.06 -33.71 21.19
N ALA B 396 22.13 -34.28 21.95
CA ALA B 396 21.37 -33.50 22.92
C ALA B 396 22.26 -33.00 24.06
N VAL B 397 23.21 -33.84 24.50
CA VAL B 397 24.15 -33.42 25.53
C VAL B 397 25.07 -32.32 25.01
N ILE B 398 25.50 -32.42 23.76
CA ILE B 398 26.32 -31.38 23.13
C ILE B 398 25.54 -30.08 22.99
N ILE B 399 24.25 -30.17 22.63
CA ILE B 399 23.39 -28.98 22.52
C ILE B 399 23.23 -28.31 23.88
N LEU B 400 23.02 -29.11 24.94
CA LEU B 400 22.90 -28.53 26.28
C LEU B 400 24.22 -27.91 26.75
N LEU B 401 25.34 -28.55 26.44
CA LEU B 401 26.64 -28.02 26.87
C LEU B 401 27.01 -26.76 26.09
N LEU B 402 26.47 -26.58 24.88
CA LEU B 402 26.70 -25.34 24.15
C LEU B 402 25.74 -24.25 24.61
N GLU B 403 24.51 -24.61 24.99
CA GLU B 403 23.49 -23.60 25.23
C GLU B 403 23.50 -23.10 26.66
N ILE B 404 23.78 -23.98 27.63
CA ILE B 404 23.63 -23.62 29.05
C ILE B 404 24.58 -22.52 29.53
N PRO B 405 25.92 -22.57 29.27
CA PRO B 405 26.78 -21.48 29.79
C PRO B 405 26.53 -20.11 29.17
N ASP B 406 25.98 -20.05 27.97
CA ASP B 406 25.69 -18.75 27.36
C ASP B 406 24.55 -18.01 28.05
N ILE B 407 23.62 -18.75 28.67
CA ILE B 407 22.55 -18.13 29.45
C ILE B 407 23.14 -17.38 30.63
N PHE B 408 24.10 -18.00 31.32
CA PHE B 408 24.75 -17.34 32.45
C PHE B 408 25.72 -16.27 31.98
N ARG B 409 26.22 -16.42 30.75
CA ARG B 409 27.18 -15.45 30.22
C ARG B 409 26.50 -14.12 29.87
N VAL B 410 25.38 -14.16 29.16
CA VAL B 410 24.75 -12.93 28.68
C VAL B 410 23.44 -12.61 29.38
N GLY B 411 23.05 -13.38 30.39
CA GLY B 411 21.80 -13.11 31.09
C GLY B 411 20.66 -13.91 30.50
N ALA B 412 19.68 -14.30 31.33
CA ALA B 412 18.60 -15.14 30.86
C ALA B 412 17.62 -14.38 29.98
N SER B 413 17.37 -13.10 30.30
CA SER B 413 16.40 -12.33 29.55
C SER B 413 16.92 -11.92 28.18
N ARG B 414 18.21 -11.59 28.10
CA ARG B 414 18.79 -11.16 26.84
C ARG B 414 19.03 -12.34 25.90
N TYR B 415 19.29 -13.52 26.47
CA TYR B 415 19.55 -14.70 25.63
C TYR B 415 18.28 -15.23 24.99
N PHE B 416 17.18 -15.26 25.76
CA PHE B 416 15.92 -15.82 25.30
C PHE B 416 14.98 -14.78 24.73
N GLY B 417 15.36 -13.50 24.72
CA GLY B 417 14.42 -12.47 24.37
C GLY B 417 14.76 -11.60 23.18
N GLN B 418 15.95 -11.78 22.60
CA GLN B 418 16.41 -10.93 21.51
C GLN B 418 16.38 -11.70 20.20
N THR B 419 15.76 -11.08 19.18
CA THR B 419 15.62 -11.70 17.87
C THR B 419 16.97 -11.83 17.16
N ILE B 420 17.87 -10.85 17.38
CA ILE B 420 19.16 -10.83 16.72
C ILE B 420 20.04 -11.99 17.16
N LEU B 421 20.00 -12.32 18.45
CA LEU B 421 20.81 -13.39 19.01
C LEU B 421 20.20 -14.77 18.83
N GLY B 422 19.01 -14.85 18.22
CA GLY B 422 18.32 -16.13 18.13
C GLY B 422 17.59 -16.48 19.41
N GLY B 423 16.63 -15.66 19.81
CA GLY B 423 15.94 -15.80 21.08
C GLY B 423 15.06 -17.02 21.23
N PRO B 424 13.98 -17.12 20.43
CA PRO B 424 13.08 -18.28 20.56
C PRO B 424 13.73 -19.63 20.24
N PHE B 425 14.73 -19.64 19.36
CA PHE B 425 15.37 -20.90 18.97
C PHE B 425 16.16 -21.52 20.11
N HIS B 426 16.70 -20.70 21.01
CA HIS B 426 17.42 -21.25 22.16
C HIS B 426 16.46 -21.92 23.13
N VAL B 427 15.30 -21.32 23.37
CA VAL B 427 14.26 -21.96 24.19
C VAL B 427 13.78 -23.24 23.53
N ILE B 428 13.62 -23.21 22.20
CA ILE B 428 13.15 -24.37 21.45
C ILE B 428 14.15 -25.52 21.53
N ILE B 429 15.44 -25.24 21.38
CA ILE B 429 16.41 -26.33 21.40
C ILE B 429 16.71 -26.80 22.82
N ILE B 430 16.51 -25.93 23.83
CA ILE B 430 16.66 -26.40 25.21
C ILE B 430 15.50 -27.32 25.56
N THR B 431 14.29 -26.96 25.12
CA THR B 431 13.15 -27.85 25.29
C THR B 431 13.32 -29.15 24.51
N TYR B 432 13.91 -29.08 23.31
CA TYR B 432 14.15 -30.27 22.50
C TYR B 432 15.13 -31.22 23.17
N ALA B 433 16.26 -30.70 23.66
CA ALA B 433 17.24 -31.54 24.32
C ALA B 433 16.72 -32.09 25.64
N SER B 434 15.90 -31.30 26.35
CA SER B 434 15.28 -31.77 27.57
C SER B 434 14.29 -32.89 27.29
N LEU B 435 13.53 -32.79 26.20
CA LEU B 435 12.57 -33.83 25.85
C LEU B 435 13.28 -35.09 25.36
N VAL B 436 14.42 -34.94 24.69
CA VAL B 436 15.20 -36.11 24.27
C VAL B 436 15.77 -36.84 25.48
N LEU B 437 16.29 -36.08 26.46
CA LEU B 437 16.81 -36.71 27.68
C LEU B 437 15.69 -37.31 28.51
N LEU B 438 14.51 -36.68 28.51
CA LEU B 438 13.35 -37.26 29.20
C LEU B 438 12.91 -38.56 28.54
N THR B 439 12.96 -38.61 27.20
CA THR B 439 12.66 -39.86 26.50
C THR B 439 13.70 -40.93 26.78
N MET B 440 14.96 -40.55 26.93
CA MET B 440 15.99 -41.51 27.32
C MET B 440 15.73 -42.07 28.72
N VAL B 441 15.32 -41.20 29.66
CA VAL B 441 14.98 -41.64 31.01
C VAL B 441 13.78 -42.57 30.99
N MET B 442 12.75 -42.25 30.19
CA MET B 442 11.57 -43.10 30.10
C MET B 442 11.88 -44.42 29.42
N ARG B 443 12.82 -44.41 28.48
CA ARG B 443 13.23 -45.66 27.83
C ARG B 443 14.00 -46.55 28.79
N LEU B 444 14.87 -45.95 29.61
CA LEU B 444 15.66 -46.76 30.54
C LEU B 444 14.83 -47.25 31.71
N THR B 445 13.83 -46.48 32.14
CA THR B 445 13.02 -46.83 33.29
C THR B 445 11.73 -47.55 32.91
N ASN B 446 11.56 -47.91 31.64
CA ASN B 446 10.40 -48.64 31.10
C ASN B 446 9.08 -47.91 31.36
N MET B 447 9.11 -46.58 31.27
CA MET B 447 7.89 -45.81 31.37
C MET B 447 7.13 -45.87 30.04
N ASN B 448 5.81 -45.88 30.14
CA ASN B 448 4.93 -45.95 28.98
C ASN B 448 4.43 -44.56 28.61
N GLY B 449 4.40 -44.28 27.32
CA GLY B 449 3.96 -42.98 26.85
C GLY B 449 5.07 -42.12 26.29
N GLU B 450 6.02 -42.74 25.58
CA GLU B 450 7.13 -41.99 24.99
C GLU B 450 6.71 -41.18 23.77
N VAL B 451 5.49 -41.39 23.27
CA VAL B 451 4.99 -40.61 22.13
C VAL B 451 4.80 -39.15 22.54
N VAL B 452 4.40 -38.90 23.79
CA VAL B 452 4.18 -37.53 24.26
C VAL B 452 5.46 -36.69 24.29
N PRO B 453 6.62 -37.19 24.79
CA PRO B 453 7.84 -36.40 24.57
C PRO B 453 8.39 -36.50 23.16
N LEU B 454 8.17 -37.62 22.46
CA LEU B 454 8.82 -37.81 21.16
C LEU B 454 8.21 -36.93 20.07
N SER B 455 6.88 -36.78 20.06
CA SER B 455 6.23 -35.92 19.07
C SER B 455 6.58 -34.46 19.30
N PHE B 456 6.62 -34.05 20.57
CA PHE B 456 7.05 -32.70 20.93
C PHE B 456 8.49 -32.46 20.51
N ALA B 457 9.36 -33.45 20.74
CA ALA B 457 10.77 -33.34 20.37
C ALA B 457 10.95 -33.26 18.86
N LEU B 458 10.17 -34.04 18.10
CA LEU B 458 10.27 -33.99 16.64
C LEU B 458 9.81 -32.66 16.09
N VAL B 459 8.68 -32.14 16.60
CA VAL B 459 8.15 -30.85 16.15
C VAL B 459 9.12 -29.71 16.50
N LEU B 460 9.66 -29.73 17.72
CA LEU B 460 10.58 -28.67 18.13
C LEU B 460 11.94 -28.79 17.45
N GLY B 461 12.43 -30.02 17.22
CA GLY B 461 13.72 -30.18 16.60
C GLY B 461 13.72 -29.84 15.13
N TRP B 462 12.65 -30.18 14.42
CA TRP B 462 12.60 -29.80 13.01
C TRP B 462 12.28 -28.33 12.81
N CYS B 463 11.54 -27.70 13.73
CA CYS B 463 11.32 -26.27 13.61
C CYS B 463 12.50 -25.44 14.08
N SER B 464 13.52 -26.07 14.68
CA SER B 464 14.74 -25.38 15.08
C SER B 464 15.78 -25.37 13.98
N VAL B 465 15.45 -25.86 12.78
CA VAL B 465 16.33 -25.80 11.62
C VAL B 465 16.06 -24.47 10.90
N MET B 466 15.03 -23.76 11.36
CA MET B 466 14.78 -22.40 10.90
C MET B 466 15.76 -21.38 11.46
N TYR B 467 16.60 -21.79 12.42
CA TYR B 467 17.69 -20.92 12.87
C TYR B 467 18.67 -20.65 11.75
N PHE B 468 19.09 -21.72 11.07
CA PHE B 468 20.07 -21.63 9.99
C PHE B 468 19.56 -20.87 8.77
N ALA B 469 18.25 -20.64 8.67
CA ALA B 469 17.68 -19.75 7.69
C ALA B 469 18.18 -18.32 7.81
N ARG B 470 18.71 -17.91 8.97
CA ARG B 470 19.33 -16.60 9.08
C ARG B 470 20.66 -16.51 8.33
N GLY B 471 21.23 -17.62 7.89
CA GLY B 471 22.44 -17.59 7.11
C GLY B 471 22.24 -17.35 5.63
N PHE B 472 20.99 -17.19 5.18
CA PHE B 472 20.68 -17.04 3.77
C PHE B 472 19.75 -15.85 3.59
N GLN B 473 19.97 -15.08 2.52
CA GLN B 473 19.19 -13.88 2.29
C GLN B 473 17.75 -14.19 1.87
N MET B 474 17.56 -15.36 1.27
CA MET B 474 16.21 -15.71 0.77
C MET B 474 15.35 -16.17 1.93
N LEU B 475 15.95 -16.66 3.01
CA LEU B 475 15.21 -17.29 4.09
C LEU B 475 15.26 -16.53 5.41
N GLY B 476 16.21 -15.60 5.56
CA GLY B 476 16.37 -14.85 6.79
C GLY B 476 15.24 -13.91 7.14
N PRO B 477 15.00 -12.90 6.28
CA PRO B 477 13.89 -11.96 6.52
C PRO B 477 12.51 -12.62 6.60
N PHE B 478 12.28 -13.69 5.85
CA PHE B 478 11.00 -14.39 5.96
C PHE B 478 10.84 -15.05 7.32
N THR B 479 11.92 -15.60 7.87
CA THR B 479 11.88 -16.18 9.21
C THR B 479 11.69 -15.11 10.29
N ILE B 480 12.30 -13.94 10.12
CA ILE B 480 12.06 -12.82 11.03
C ILE B 480 10.60 -12.36 10.94
N MET B 481 10.06 -12.39 9.72
CA MET B 481 8.64 -12.02 9.52
C MET B 481 7.76 -13.02 10.29
N ILE B 482 8.05 -14.32 10.15
CA ILE B 482 7.26 -15.34 10.84
C ILE B 482 7.31 -15.11 12.35
N GLN B 483 8.49 -14.75 12.88
CA GLN B 483 8.60 -14.42 14.30
C GLN B 483 7.76 -13.20 14.67
N LYS B 484 7.75 -12.19 13.81
CA LYS B 484 6.95 -10.99 14.08
C LYS B 484 5.46 -11.28 13.99
N MET B 485 5.06 -12.20 13.11
CA MET B 485 3.64 -12.52 12.98
C MET B 485 3.16 -13.37 14.14
N ILE B 486 4.01 -14.28 14.64
CA ILE B 486 3.60 -15.16 15.73
C ILE B 486 3.42 -14.38 17.03
N PHE B 487 4.38 -13.55 17.39
CA PHE B 487 4.32 -12.76 18.62
C PHE B 487 3.52 -11.48 18.43
N GLY B 488 3.03 -11.24 17.22
CA GLY B 488 2.23 -10.07 16.91
C GLY B 488 0.78 -10.42 16.61
N ASP B 489 0.47 -10.53 15.31
CA ASP B 489 -0.93 -10.64 14.89
C ASP B 489 -1.53 -11.99 15.25
N LEU B 490 -0.70 -13.04 15.37
CA LEU B 490 -1.24 -14.37 15.66
C LEU B 490 -1.78 -14.46 17.07
N MET B 491 -1.10 -13.85 18.04
CA MET B 491 -1.58 -13.90 19.41
C MET B 491 -2.85 -13.06 19.59
N ARG B 492 -2.88 -11.87 18.99
CA ARG B 492 -4.07 -11.03 19.13
C ARG B 492 -5.24 -11.58 18.33
N PHE B 493 -4.96 -12.40 17.30
CA PHE B 493 -6.03 -13.11 16.63
C PHE B 493 -6.52 -14.28 17.49
N CYS B 494 -5.60 -15.00 18.11
CA CYS B 494 -5.94 -16.19 18.90
C CYS B 494 -6.69 -15.84 20.18
N TRP B 495 -6.45 -14.66 20.76
CA TRP B 495 -7.15 -14.29 21.99
C TRP B 495 -8.64 -14.07 21.74
N LEU B 496 -9.00 -13.54 20.55
CA LEU B 496 -10.41 -13.38 20.23
C LEU B 496 -10.99 -14.65 19.60
N MET B 497 -10.15 -15.40 18.88
CA MET B 497 -10.56 -16.68 18.34
C MET B 497 -10.91 -17.66 19.44
N ALA B 498 -10.22 -17.59 20.58
CA ALA B 498 -10.54 -18.44 21.72
C ALA B 498 -11.93 -18.14 22.26
N VAL B 499 -12.36 -16.88 22.28
CA VAL B 499 -13.71 -16.49 22.82
C VAL B 499 -14.77 -16.81 21.78
N VAL B 500 -14.41 -16.86 20.51
CA VAL B 500 -15.38 -17.32 19.51
C VAL B 500 -15.54 -18.84 19.57
N ILE B 501 -14.46 -19.58 19.67
CA ILE B 501 -14.59 -21.06 19.84
C ILE B 501 -15.34 -21.35 21.14
N LEU B 502 -14.99 -20.73 22.26
CA LEU B 502 -15.69 -21.04 23.51
C LEU B 502 -17.18 -20.73 23.45
N GLY B 503 -17.59 -19.74 22.66
CA GLY B 503 -19.01 -19.53 22.48
C GLY B 503 -19.67 -20.56 21.60
N PHE B 504 -19.10 -20.75 20.41
CA PHE B 504 -19.77 -21.61 19.43
C PHE B 504 -19.61 -23.09 19.75
N ALA B 505 -18.57 -23.48 20.49
CA ALA B 505 -18.45 -24.86 20.96
C ALA B 505 -19.57 -25.20 21.91
N SER B 506 -19.85 -24.30 22.85
CA SER B 506 -20.95 -24.51 23.79
C SER B 506 -22.29 -24.53 23.09
N ALA B 507 -22.49 -23.61 22.13
CA ALA B 507 -23.74 -23.58 21.37
C ALA B 507 -23.93 -24.84 20.53
N PHE B 508 -22.87 -25.27 19.83
CA PHE B 508 -22.94 -26.47 19.00
C PHE B 508 -23.09 -27.73 19.84
N HIS B 509 -22.55 -27.73 21.06
CA HIS B 509 -22.69 -28.89 21.93
C HIS B 509 -24.09 -28.99 22.49
N ILE B 510 -24.69 -27.86 22.89
CA ILE B 510 -26.01 -27.95 23.50
C ILE B 510 -27.09 -28.11 22.43
N THR B 511 -26.81 -27.75 21.18
CA THR B 511 -27.78 -28.04 20.13
C THR B 511 -27.80 -29.53 19.80
N PHE B 512 -26.66 -30.21 19.94
CA PHE B 512 -26.56 -31.64 19.69
C PHE B 512 -26.49 -32.45 20.96
N GLN B 513 -27.01 -31.97 22.07
CA GLN B 513 -26.90 -32.73 23.32
C GLN B 513 -28.13 -33.59 23.43
N THR B 514 -29.15 -33.32 22.60
CA THR B 514 -30.35 -34.13 22.61
C THR B 514 -30.45 -35.02 21.37
N GLU B 515 -29.37 -35.13 20.60
CA GLU B 515 -29.37 -35.86 19.35
C GLU B 515 -28.50 -37.10 19.49
N ASP B 516 -28.64 -38.04 18.56
CA ASP B 516 -27.89 -39.31 18.64
C ASP B 516 -26.48 -39.03 18.16
N PRO B 517 -25.45 -39.41 18.90
CA PRO B 517 -24.06 -39.10 18.53
C PRO B 517 -23.55 -39.87 17.34
N ASN B 518 -24.24 -40.94 16.94
CA ASN B 518 -23.76 -41.76 15.82
C ASN B 518 -24.01 -41.07 14.48
N ASN B 519 -25.08 -40.29 14.39
CA ASN B 519 -25.41 -39.64 13.13
C ASN B 519 -24.52 -38.43 12.88
N LEU B 520 -24.26 -37.63 13.92
CA LEU B 520 -23.39 -36.46 13.79
C LEU B 520 -22.53 -36.41 15.05
N GLY B 521 -21.33 -36.98 14.96
CA GLY B 521 -20.42 -37.08 16.08
C GLY B 521 -19.42 -35.95 16.22
N GLU B 522 -19.57 -34.86 15.46
CA GLU B 522 -18.67 -33.73 15.59
C GLU B 522 -18.81 -33.03 16.94
N PHE B 523 -20.04 -32.89 17.43
CA PHE B 523 -20.31 -32.26 18.73
C PHE B 523 -21.07 -33.27 19.59
N SER B 524 -20.32 -34.14 20.27
CA SER B 524 -20.90 -35.13 21.16
C SER B 524 -20.39 -35.00 22.59
N ASP B 525 -19.15 -34.56 22.76
CA ASP B 525 -18.62 -34.17 24.05
C ASP B 525 -18.09 -32.75 23.93
N TYR B 526 -18.00 -32.05 25.05
CA TYR B 526 -17.50 -30.68 25.03
C TYR B 526 -16.04 -30.55 24.58
N PRO B 527 -15.08 -31.41 24.97
CA PRO B 527 -13.77 -31.34 24.30
C PRO B 527 -13.81 -31.62 22.80
N THR B 528 -14.64 -32.57 22.37
CA THR B 528 -14.78 -32.84 20.95
C THR B 528 -15.48 -31.70 20.24
N ALA B 529 -16.43 -31.04 20.92
CA ALA B 529 -17.07 -29.86 20.35
C ALA B 529 -16.09 -28.70 20.21
N LEU B 530 -15.20 -28.54 21.20
CA LEU B 530 -14.17 -27.52 21.13
C LEU B 530 -13.20 -27.77 19.97
N PHE B 531 -12.73 -29.01 19.83
CA PHE B 531 -11.80 -29.32 18.75
C PHE B 531 -12.47 -29.25 17.38
N SER B 532 -13.74 -29.67 17.31
CA SER B 532 -14.48 -29.63 16.05
C SER B 532 -14.73 -28.20 15.61
N THR B 533 -15.11 -27.31 16.54
CA THR B 533 -15.34 -25.93 16.14
C THR B 533 -14.03 -25.19 15.92
N PHE B 534 -12.93 -25.64 16.53
CA PHE B 534 -11.62 -25.07 16.21
C PHE B 534 -11.20 -25.44 14.80
N GLU B 535 -11.49 -26.68 14.39
CA GLU B 535 -11.24 -27.09 13.01
C GLU B 535 -12.20 -26.38 12.05
N LEU B 536 -13.42 -26.10 12.49
CA LEU B 536 -14.39 -25.43 11.63
C LEU B 536 -14.09 -23.94 11.49
N PHE B 537 -13.36 -23.36 12.46
CA PHE B 537 -12.91 -21.99 12.33
C PHE B 537 -11.94 -21.83 11.16
N LEU B 538 -10.98 -22.76 11.06
CA LEU B 538 -9.94 -22.68 10.05
C LEU B 538 -10.31 -23.40 8.76
N THR B 539 -11.53 -23.94 8.69
CA THR B 539 -12.08 -24.65 7.53
C THR B 539 -11.21 -25.82 7.09
N ILE B 540 -10.58 -26.52 8.04
CA ILE B 540 -9.78 -27.69 7.73
C ILE B 540 -10.58 -28.97 7.77
N ILE B 541 -11.80 -28.94 8.30
CA ILE B 541 -12.75 -30.04 8.18
C ILE B 541 -14.02 -29.48 7.56
N ASP B 542 -14.82 -30.38 6.98
CA ASP B 542 -16.08 -29.99 6.38
C ASP B 542 -17.10 -29.66 7.45
N GLY B 543 -18.09 -28.85 7.09
CA GLY B 543 -19.23 -28.60 7.93
C GLY B 543 -20.00 -29.87 8.16
N PRO B 544 -20.44 -30.10 9.40
CA PRO B 544 -21.17 -31.33 9.73
C PRO B 544 -22.55 -31.33 9.08
N ALA B 545 -22.76 -32.25 8.15
CA ALA B 545 -24.01 -32.27 7.40
C ALA B 545 -24.33 -33.70 7.03
N ASN B 546 -25.32 -34.28 7.69
CA ASN B 546 -25.86 -35.59 7.33
C ASN B 546 -27.22 -35.36 6.70
N TYR B 547 -27.31 -35.58 5.39
CA TYR B 547 -28.49 -35.25 4.63
C TYR B 547 -29.54 -36.36 4.66
N SER B 548 -29.25 -37.47 5.33
CA SER B 548 -30.22 -38.55 5.48
C SER B 548 -31.01 -38.46 6.77
N VAL B 549 -30.72 -37.48 7.63
CA VAL B 549 -31.40 -37.30 8.91
C VAL B 549 -31.82 -35.84 9.05
N ASP B 550 -32.63 -35.59 10.06
CA ASP B 550 -33.17 -34.23 10.29
C ASP B 550 -32.39 -33.56 11.38
N LEU B 551 -31.41 -32.72 11.03
CA LEU B 551 -30.63 -31.95 11.99
C LEU B 551 -31.49 -30.85 12.61
N PRO B 552 -31.13 -30.39 13.81
CA PRO B 552 -31.85 -29.24 14.39
C PRO B 552 -31.67 -27.98 13.57
N PHE B 553 -32.72 -27.14 13.55
CA PHE B 553 -32.64 -25.86 12.85
C PHE B 553 -31.74 -24.89 13.58
N MET B 554 -31.60 -25.05 14.89
CA MET B 554 -30.69 -24.22 15.67
C MET B 554 -29.24 -24.44 15.28
N TYR B 555 -28.89 -25.67 14.88
CA TYR B 555 -27.56 -25.91 14.32
C TYR B 555 -27.36 -25.12 13.02
N CYS B 556 -28.40 -25.07 12.17
CA CYS B 556 -28.29 -24.32 10.92
C CYS B 556 -28.13 -22.82 11.17
N ILE B 557 -28.89 -22.27 12.13
CA ILE B 557 -28.78 -20.85 12.46
C ILE B 557 -27.43 -20.52 13.07
N THR B 558 -26.99 -21.34 14.05
CA THR B 558 -25.72 -21.09 14.72
C THR B 558 -24.54 -21.31 13.79
N TYR B 559 -24.63 -22.29 12.88
CA TYR B 559 -23.53 -22.55 11.98
C TYR B 559 -23.49 -21.52 10.85
N ALA B 560 -24.63 -20.97 10.46
CA ALA B 560 -24.63 -19.86 9.52
C ALA B 560 -24.00 -18.62 10.12
N ALA B 561 -24.32 -18.32 11.39
CA ALA B 561 -23.68 -17.21 12.08
C ALA B 561 -22.18 -17.45 12.29
N PHE B 562 -21.81 -18.69 12.60
CA PHE B 562 -20.40 -19.05 12.75
C PHE B 562 -19.65 -18.94 11.43
N ALA B 563 -20.28 -19.34 10.33
CA ALA B 563 -19.65 -19.23 9.02
C ALA B 563 -19.50 -17.79 8.59
N ILE B 564 -20.43 -16.93 9.00
CA ILE B 564 -20.32 -15.51 8.69
C ILE B 564 -19.19 -14.86 9.50
N ILE B 565 -19.18 -15.06 10.81
CA ILE B 565 -18.32 -14.22 11.65
C ILE B 565 -16.93 -14.84 11.83
N ALA B 566 -16.78 -16.14 11.57
CA ALA B 566 -15.47 -16.76 11.77
C ALA B 566 -14.79 -17.07 10.44
N THR B 567 -15.48 -17.83 9.58
CA THR B 567 -14.90 -18.22 8.31
C THR B 567 -14.77 -17.02 7.37
N LEU B 568 -15.84 -16.26 7.21
CA LEU B 568 -15.82 -15.15 6.26
C LEU B 568 -15.12 -13.93 6.84
N LEU B 569 -15.47 -13.56 8.07
CA LEU B 569 -14.99 -12.29 8.62
C LEU B 569 -13.56 -12.42 9.17
N MET B 570 -13.37 -13.25 10.19
CA MET B 570 -12.12 -13.20 10.95
C MET B 570 -10.99 -13.92 10.23
N LEU B 571 -11.30 -15.00 9.52
CA LEU B 571 -10.26 -15.76 8.84
C LEU B 571 -9.67 -14.99 7.66
N ASN B 572 -10.48 -14.15 7.01
CA ASN B 572 -9.99 -13.24 5.99
C ASN B 572 -9.43 -11.95 6.57
N LEU B 573 -9.93 -11.51 7.72
CA LEU B 573 -9.39 -10.33 8.38
C LEU B 573 -8.00 -10.60 8.93
N PHE B 574 -7.69 -11.85 9.27
CA PHE B 574 -6.32 -12.20 9.64
C PHE B 574 -5.37 -12.05 8.46
N ILE B 575 -5.82 -12.44 7.25
CA ILE B 575 -5.02 -12.24 6.04
C ILE B 575 -4.84 -10.75 5.75
N ALA B 576 -5.92 -9.98 5.93
CA ALA B 576 -5.84 -8.53 5.70
C ALA B 576 -4.93 -7.85 6.71
N MET B 577 -4.94 -8.28 7.96
CA MET B 577 -4.12 -7.69 9.03
C MET B 577 -2.67 -8.10 8.83
N MET B 578 -2.40 -9.32 8.36
CA MET B 578 -1.05 -9.72 8.03
C MET B 578 -0.51 -8.95 6.83
N GLY B 579 -1.35 -8.72 5.82
CA GLY B 579 -0.93 -7.91 4.68
C GLY B 579 -0.69 -6.46 5.05
N ASP B 580 -1.46 -5.94 6.01
CA ASP B 580 -1.25 -4.57 6.46
C ASP B 580 0.01 -4.44 7.30
N THR B 581 0.30 -5.41 8.16
CA THR B 581 1.47 -5.36 9.01
C THR B 581 2.70 -6.02 8.39
N HIS B 582 2.60 -6.45 7.14
CA HIS B 582 3.77 -6.89 6.40
C HIS B 582 4.56 -5.74 5.80
N TRP B 583 3.88 -4.79 5.17
CA TRP B 583 4.60 -3.68 4.54
C TRP B 583 5.02 -2.63 5.56
N ARG B 584 4.36 -2.59 6.73
CA ARG B 584 4.75 -1.61 7.75
C ARG B 584 6.06 -1.99 8.41
N VAL B 585 6.26 -3.29 8.65
CA VAL B 585 7.47 -3.79 9.31
C VAL B 585 8.41 -4.47 8.33
N ALA B 586 8.32 -4.13 7.03
CA ALA B 586 9.20 -4.76 6.04
C ALA B 586 10.61 -4.22 6.12
N GLN B 587 10.76 -2.90 6.30
CA GLN B 587 12.08 -2.31 6.43
C GLN B 587 12.75 -2.75 7.73
N GLU B 588 11.98 -2.85 8.81
CA GLU B 588 12.50 -3.36 10.07
C GLU B 588 12.87 -4.83 9.96
N ARG B 589 12.11 -5.60 9.17
CA ARG B 589 12.46 -7.00 8.91
C ARG B 589 13.77 -7.11 8.13
N ASP B 590 14.17 -6.24 7.24
CA ASP B 590 15.47 -6.53 6.57
C ASP B 590 16.65 -6.18 7.47
N GLU B 591 16.52 -5.13 8.28
CA GLU B 591 17.63 -4.64 9.14
C GLU B 591 17.90 -5.62 10.26
N LEU B 592 16.85 -6.18 10.81
CA LEU B 592 17.02 -7.17 11.89
C LEU B 592 17.77 -8.36 11.31
N TRP B 593 17.51 -8.77 10.06
CA TRP B 593 18.30 -9.87 9.45
C TRP B 593 19.75 -9.45 9.23
N ARG B 594 19.95 -8.26 8.74
CA ARG B 594 21.36 -7.94 8.48
C ARG B 594 22.07 -8.01 9.83
N ALA B 595 21.42 -7.62 10.93
CA ALA B 595 22.11 -7.77 12.24
C ALA B 595 22.26 -9.23 12.62
N GLN B 596 21.23 -10.05 12.51
CA GLN B 596 21.28 -11.49 12.80
C GLN B 596 22.45 -12.11 12.07
N VAL B 597 22.91 -11.56 10.95
CA VAL B 597 24.09 -12.22 10.30
C VAL B 597 25.41 -11.68 10.88
N VAL B 598 25.39 -10.76 11.84
CA VAL B 598 26.58 -10.16 12.49
C VAL B 598 26.67 -10.79 13.86
N ALA B 599 25.59 -11.41 14.33
CA ALA B 599 25.57 -12.07 15.64
C ALA B 599 25.89 -13.53 15.45
N THR B 600 25.64 -14.05 14.26
CA THR B 600 25.99 -15.44 13.94
C THR B 600 27.49 -15.48 13.75
N THR B 601 28.09 -14.42 13.21
CA THR B 601 29.54 -14.36 13.01
C THR B 601 30.20 -14.14 14.36
N VAL B 602 29.65 -13.26 15.18
CA VAL B 602 30.26 -12.91 16.49
C VAL B 602 30.08 -14.06 17.48
N MET B 603 29.20 -15.02 17.22
CA MET B 603 29.07 -16.20 18.11
C MET B 603 30.06 -17.23 17.60
N LEU B 604 29.95 -17.57 16.34
CA LEU B 604 30.84 -18.57 15.74
C LEU B 604 32.28 -18.14 16.03
N GLU B 605 32.63 -16.86 15.97
CA GLU B 605 34.01 -16.52 16.30
C GLU B 605 34.30 -16.80 17.77
N ARG B 606 33.31 -16.63 18.63
CA ARG B 606 33.51 -16.87 20.05
C ARG B 606 33.57 -18.35 20.39
N LYS B 607 32.67 -19.16 19.79
CA LYS B 607 32.51 -20.53 20.25
C LYS B 607 33.44 -21.51 19.55
N MET B 608 33.68 -21.33 18.25
CA MET B 608 34.54 -22.23 17.51
C MET B 608 36.00 -22.03 17.91
N PRO B 609 36.86 -23.05 17.72
CA PRO B 609 38.27 -22.90 18.09
C PRO B 609 39.00 -21.89 17.23
N ARG B 610 40.14 -21.43 17.75
CA ARG B 610 40.83 -20.28 17.17
C ARG B 610 41.54 -20.64 15.87
N PHE B 611 41.89 -21.91 15.68
CA PHE B 611 42.59 -22.30 14.46
C PHE B 611 41.67 -22.28 13.24
N LEU B 612 40.35 -22.34 13.46
CA LEU B 612 39.40 -22.20 12.36
C LEU B 612 39.02 -20.76 12.08
N TRP B 613 39.25 -19.86 13.03
CA TRP B 613 38.93 -18.44 12.88
C TRP B 613 40.20 -17.62 13.02
N PRO B 614 40.90 -17.36 11.92
CA PRO B 614 42.08 -16.49 11.98
C PRO B 614 41.69 -15.05 12.29
N ARG B 615 42.63 -14.30 12.83
CA ARG B 615 42.38 -12.92 13.20
C ARG B 615 42.20 -12.06 11.95
N SER B 616 41.14 -11.25 11.96
CA SER B 616 40.72 -10.48 10.81
C SER B 616 41.42 -9.13 10.79
N GLY B 617 41.86 -8.72 9.61
CA GLY B 617 42.54 -7.45 9.43
C GLY B 617 43.94 -7.65 8.89
N ILE B 618 44.69 -6.55 8.85
CA ILE B 618 46.05 -6.54 8.33
C ILE B 618 46.98 -6.31 9.52
N CYS B 619 47.95 -7.20 9.69
CA CYS B 619 48.85 -7.12 10.83
C CYS B 619 49.85 -6.00 10.64
N GLY B 620 49.90 -5.08 11.60
CA GLY B 620 50.78 -3.93 11.48
C GLY B 620 52.23 -4.19 11.76
N TYR B 621 52.54 -5.34 12.39
CA TYR B 621 53.93 -5.65 12.70
C TYR B 621 54.70 -6.07 11.46
N GLU B 622 53.99 -6.60 10.46
CA GLU B 622 54.63 -6.98 9.20
C GLU B 622 55.12 -5.75 8.44
N TYR B 623 54.38 -4.64 8.51
CA TYR B 623 54.69 -3.44 7.77
C TYR B 623 55.23 -2.31 8.65
N GLY B 624 55.54 -2.61 9.92
CA GLY B 624 56.15 -1.63 10.79
C GLY B 624 55.22 -0.58 11.36
N LEU B 625 53.90 -0.73 11.17
CA LEU B 625 52.96 0.25 11.70
C LEU B 625 52.74 0.12 13.20
N GLY B 626 53.14 -0.99 13.81
CA GLY B 626 52.99 -1.15 15.24
C GLY B 626 52.46 -2.52 15.61
N ASP B 627 51.85 -2.63 16.78
CA ASP B 627 51.25 -3.87 17.24
C ASP B 627 49.73 -3.85 17.10
N ARG B 628 49.24 -3.15 16.07
CA ARG B 628 47.81 -2.98 15.86
C ARG B 628 47.40 -3.63 14.54
N TRP B 629 46.12 -4.00 14.47
CA TRP B 629 45.55 -4.62 13.28
C TRP B 629 44.59 -3.65 12.63
N PHE B 630 44.74 -3.48 11.31
CA PHE B 630 44.02 -2.46 10.55
C PHE B 630 43.13 -3.10 9.51
N LEU B 631 42.20 -2.30 8.99
CA LEU B 631 41.33 -2.69 7.89
C LEU B 631 41.42 -1.62 6.82
N ARG B 632 41.73 -2.03 5.59
CA ARG B 632 41.89 -1.09 4.49
C ARG B 632 40.60 -1.02 3.68
N VAL B 633 40.05 0.18 3.56
CA VAL B 633 38.82 0.41 2.80
C VAL B 633 39.15 1.36 1.66
N GLU B 634 38.92 0.90 0.43
CA GLU B 634 39.10 1.72 -0.76
C GLU B 634 37.73 2.10 -1.30
N ASN B 635 37.47 3.40 -1.41
CA ASN B 635 36.15 3.88 -1.76
C ASN B 635 36.23 4.96 -2.81
N HIS B 636 35.16 5.05 -3.60
CA HIS B 636 35.06 5.98 -4.73
C HIS B 636 34.35 7.23 -4.25
N HIS B 637 35.14 8.25 -3.88
CA HIS B 637 34.54 9.47 -3.34
C HIS B 637 34.15 10.45 -4.43
N ASP B 638 34.50 10.14 -5.69
CA ASP B 638 34.21 10.93 -6.89
C ASP B 638 34.72 12.38 -6.81
N TRP C 29 41.93 -9.94 -6.21
CA TRP C 29 41.81 -10.49 -4.86
C TRP C 29 42.07 -9.41 -3.82
N GLU C 30 41.18 -9.35 -2.83
CA GLU C 30 41.16 -8.25 -1.87
C GLU C 30 42.36 -8.25 -0.93
N GLN C 31 42.71 -9.43 -0.41
CA GLN C 31 43.82 -9.51 0.55
C GLN C 31 45.16 -9.27 -0.13
N TYR C 32 45.28 -9.69 -1.40
CA TYR C 32 46.50 -9.40 -2.16
C TYR C 32 46.66 -7.91 -2.41
N ARG C 33 45.55 -7.21 -2.72
CA ARG C 33 45.63 -5.77 -2.93
C ARG C 33 45.89 -5.02 -1.63
N ASP C 34 45.35 -5.52 -0.51
CA ASP C 34 45.65 -4.93 0.79
C ASP C 34 47.12 -5.10 1.15
N ARG C 35 47.67 -6.29 0.89
CA ARG C 35 49.09 -6.53 1.10
C ARG C 35 49.95 -5.65 0.19
N VAL C 36 49.52 -5.46 -1.06
CA VAL C 36 50.26 -4.64 -2.02
C VAL C 36 50.28 -3.18 -1.58
N ASN C 37 49.13 -2.66 -1.13
CA ASN C 37 49.07 -1.27 -0.69
C ASN C 37 49.85 -1.06 0.60
N MET C 38 49.78 -2.01 1.53
CA MET C 38 50.56 -1.92 2.77
C MET C 38 52.05 -1.99 2.50
N LEU C 39 52.47 -2.85 1.57
CA LEU C 39 53.89 -2.96 1.23
C LEU C 39 54.37 -1.71 0.49
N GLN C 40 53.50 -1.11 -0.33
CA GLN C 40 53.84 0.13 -1.02
C GLN C 40 54.04 1.27 -0.04
N GLN C 41 53.14 1.39 0.94
CA GLN C 41 53.30 2.41 1.97
C GLN C 41 54.50 2.15 2.86
N GLU C 42 54.82 0.87 3.14
CA GLU C 42 56.03 0.55 3.90
C GLU C 42 57.29 0.91 3.12
N ARG C 43 57.32 0.70 1.82
CA ARG C 43 58.54 1.11 1.10
C ARG C 43 58.60 2.63 1.05
N ILE C 44 57.46 3.28 0.89
CA ILE C 44 57.51 4.75 0.93
C ILE C 44 58.08 5.23 2.26
N ARG C 45 57.63 4.64 3.37
CA ARG C 45 58.11 5.03 4.70
C ARG C 45 59.54 4.62 4.97
N ASP C 46 60.06 3.59 4.29
CA ASP C 46 61.42 3.11 4.52
C ASP C 46 62.42 3.68 3.52
N SER C 47 62.00 4.62 2.68
CA SER C 47 62.89 5.26 1.72
C SER C 47 62.85 6.77 1.99
N PRO C 48 63.99 7.42 2.21
CA PRO C 48 63.95 8.87 2.47
C PRO C 48 63.54 9.69 1.26
N LEU C 49 63.90 9.26 0.05
CA LEU C 49 63.51 9.97 -1.16
C LEU C 49 62.01 9.86 -1.39
N LEU C 50 61.45 8.67 -1.19
CA LEU C 50 60.01 8.46 -1.38
C LEU C 50 59.22 9.18 -0.30
N GLN C 51 59.71 9.19 0.94
CA GLN C 51 59.03 9.92 2.01
C GLN C 51 59.12 11.43 1.79
N ALA C 52 60.25 11.91 1.25
CA ALA C 52 60.37 13.33 0.94
C ALA C 52 59.47 13.72 -0.21
N ALA C 53 59.28 12.83 -1.18
CA ALA C 53 58.36 13.10 -2.28
C ALA C 53 56.91 13.07 -1.79
N LYS C 54 56.61 12.19 -0.81
CA LYS C 54 55.25 12.12 -0.28
C LYS C 54 54.91 13.35 0.57
N GLU C 55 55.80 13.74 1.48
CA GLU C 55 55.53 14.82 2.41
C GLU C 55 55.90 16.20 1.86
N ASN C 56 56.42 16.26 0.63
CA ASN C 56 56.88 17.49 -0.04
C ASN C 56 57.93 18.23 0.80
N ASP C 57 58.85 17.48 1.40
CA ASP C 57 59.94 18.04 2.19
C ASP C 57 61.06 18.44 1.23
N LEU C 58 61.09 19.73 0.89
CA LEU C 58 61.99 20.21 -0.15
C LEU C 58 63.43 20.28 0.35
N ARG C 59 63.62 20.51 1.65
CA ARG C 59 64.98 20.57 2.21
C ARG C 59 65.65 19.20 2.17
N LEU C 60 64.93 18.16 2.62
CA LEU C 60 65.44 16.80 2.54
C LEU C 60 65.61 16.35 1.10
N LEU C 61 64.74 16.83 0.21
CA LEU C 61 64.88 16.54 -1.21
C LEU C 61 66.16 17.15 -1.78
N LYS C 62 66.47 18.38 -1.42
CA LYS C 62 67.71 19.01 -1.89
C LYS C 62 68.94 18.29 -1.33
N ILE C 63 68.87 17.87 -0.08
CA ILE C 63 69.97 17.13 0.54
C ILE C 63 70.17 15.78 -0.15
N LEU C 64 69.07 15.08 -0.47
CA LEU C 64 69.19 13.76 -1.09
C LEU C 64 69.62 13.85 -2.55
N LEU C 65 69.13 14.85 -3.27
CA LEU C 65 69.51 14.99 -4.67
C LEU C 65 70.92 15.57 -4.81
N LEU C 66 71.42 16.24 -3.78
CA LEU C 66 72.83 16.64 -3.78
C LEU C 66 73.76 15.44 -3.66
N ASN C 67 73.37 14.45 -2.86
CA ASN C 67 74.18 13.26 -2.68
C ASN C 67 74.07 12.35 -3.90
N GLN C 68 75.21 11.94 -4.45
CA GLN C 68 75.20 11.11 -5.66
C GLN C 68 74.99 9.64 -5.33
N SER C 69 75.15 9.27 -4.06
CA SER C 69 74.98 7.86 -3.68
C SER C 69 73.51 7.48 -3.64
N CYS C 70 72.62 8.45 -3.45
CA CYS C 70 71.18 8.19 -3.49
C CYS C 70 70.74 7.89 -4.91
N ASP C 71 70.12 6.73 -5.09
CA ASP C 71 69.68 6.26 -6.41
C ASP C 71 68.43 7.02 -6.82
N PHE C 72 68.47 7.66 -7.99
CA PHE C 72 67.29 8.33 -8.51
C PHE C 72 66.26 7.33 -9.05
N GLN C 73 66.69 6.12 -9.37
CA GLN C 73 65.83 5.08 -9.89
C GLN C 73 65.37 4.10 -8.80
N GLN C 74 65.15 4.61 -7.59
CA GLN C 74 64.65 3.76 -6.48
C GLN C 74 63.23 3.32 -6.83
N ARG C 75 62.92 2.04 -6.66
CA ARG C 75 61.60 1.51 -6.92
C ARG C 75 60.94 1.04 -5.64
N GLY C 76 59.63 1.26 -5.55
CA GLY C 76 58.85 0.83 -4.41
C GLY C 76 58.43 -0.62 -4.52
N ALA C 77 57.37 -0.95 -3.78
CA ALA C 77 56.87 -2.32 -3.78
C ALA C 77 56.13 -2.63 -5.08
N VAL C 78 55.55 -1.62 -5.71
CA VAL C 78 54.83 -1.82 -6.97
C VAL C 78 55.70 -1.37 -8.12
N GLY C 79 56.98 -1.14 -7.85
CA GLY C 79 57.89 -0.65 -8.87
C GLY C 79 57.79 0.82 -9.17
N GLU C 80 57.08 1.58 -8.32
CA GLU C 80 56.89 3.01 -8.56
C GLU C 80 58.18 3.77 -8.27
N THR C 81 58.44 4.81 -9.07
CA THR C 81 59.58 5.67 -8.80
C THR C 81 59.20 6.74 -7.77
N ALA C 82 60.17 7.59 -7.44
CA ALA C 82 59.88 8.74 -6.59
C ALA C 82 59.01 9.76 -7.30
N LEU C 83 59.10 9.83 -8.63
CA LEU C 83 58.22 10.70 -9.40
C LEU C 83 56.77 10.22 -9.33
N HIS C 84 56.57 8.91 -9.25
CA HIS C 84 55.23 8.35 -9.07
C HIS C 84 54.66 8.73 -7.70
N VAL C 85 55.51 8.74 -6.67
CA VAL C 85 55.08 9.15 -5.33
C VAL C 85 54.77 10.64 -5.31
N ALA C 86 55.56 11.43 -6.02
CA ALA C 86 55.33 12.87 -6.10
C ALA C 86 54.04 13.19 -6.84
N ALA C 87 53.75 12.45 -7.92
CA ALA C 87 52.51 12.67 -8.66
C ALA C 87 51.31 12.07 -7.94
N LEU C 88 51.56 11.09 -7.05
CA LEU C 88 50.47 10.44 -6.33
C LEU C 88 49.86 11.37 -5.29
N TYR C 89 50.67 12.17 -4.63
CA TYR C 89 50.22 13.06 -3.56
C TYR C 89 50.11 14.51 -4.00
N ASP C 90 50.17 14.77 -5.30
CA ASP C 90 50.04 16.11 -5.90
C ASP C 90 51.09 17.09 -5.37
N ASN C 91 52.31 16.59 -5.18
CA ASN C 91 53.44 17.43 -4.78
C ASN C 91 54.15 17.88 -6.05
N LEU C 92 53.77 19.08 -6.52
CA LEU C 92 54.32 19.61 -7.76
C LEU C 92 55.77 20.02 -7.61
N GLU C 93 56.12 20.59 -6.45
CA GLU C 93 57.49 21.04 -6.22
C GLU C 93 58.45 19.86 -6.14
N ALA C 94 58.03 18.79 -5.46
CA ALA C 94 58.83 17.57 -5.37
C ALA C 94 59.03 16.93 -6.73
N ALA C 95 57.96 16.90 -7.54
CA ALA C 95 58.04 16.31 -8.87
C ALA C 95 58.95 17.12 -9.80
N THR C 96 58.87 18.45 -9.71
CA THR C 96 59.73 19.29 -10.54
C THR C 96 61.19 19.18 -10.11
N LEU C 97 61.45 19.06 -8.81
CA LEU C 97 62.83 18.85 -8.34
C LEU C 97 63.37 17.49 -8.79
N LEU C 98 62.53 16.46 -8.75
CA LEU C 98 62.96 15.14 -9.20
C LEU C 98 63.21 15.10 -10.70
N MET C 99 62.39 15.82 -11.46
CA MET C 99 62.59 15.86 -12.91
C MET C 99 63.78 16.74 -13.29
N GLU C 100 64.07 17.75 -12.49
CA GLU C 100 65.28 18.55 -12.69
C GLU C 100 66.52 17.72 -12.40
N ALA C 101 66.47 16.89 -11.35
CA ALA C 101 67.60 16.00 -11.06
C ALA C 101 67.67 14.85 -12.05
N ALA C 102 66.52 14.30 -12.42
CA ALA C 102 66.46 13.14 -13.33
C ALA C 102 65.25 13.28 -14.23
N PRO C 103 65.43 13.79 -15.46
CA PRO C 103 64.31 13.85 -16.41
C PRO C 103 63.83 12.49 -16.88
N GLU C 104 64.71 11.48 -16.91
CA GLU C 104 64.36 10.17 -17.44
C GLU C 104 63.39 9.41 -16.55
N LEU C 105 63.16 9.89 -15.31
CA LEU C 105 62.12 9.33 -14.46
C LEU C 105 60.73 9.59 -15.05
N ALA C 106 60.61 10.57 -15.94
CA ALA C 106 59.36 10.74 -16.67
C ALA C 106 59.10 9.58 -17.64
N LYS C 107 60.16 8.91 -18.09
CA LYS C 107 60.02 7.80 -19.04
C LYS C 107 60.01 6.44 -18.37
N GLU C 108 60.06 6.37 -17.04
CA GLU C 108 60.15 5.10 -16.35
C GLU C 108 58.78 4.71 -15.80
N PRO C 109 58.18 3.61 -16.26
CA PRO C 109 56.92 3.14 -15.69
C PRO C 109 57.16 2.16 -14.55
N ALA C 110 56.08 1.82 -13.86
CA ALA C 110 56.13 0.79 -12.84
C ALA C 110 56.15 -0.60 -13.50
N LEU C 111 56.75 -1.57 -12.80
CA LEU C 111 57.00 -2.87 -13.40
C LEU C 111 56.51 -4.05 -12.56
N CYS C 112 55.61 -3.83 -11.60
CA CYS C 112 55.06 -4.91 -10.81
C CYS C 112 53.58 -5.09 -11.12
N GLU C 113 53.07 -6.28 -10.74
CA GLU C 113 51.85 -6.84 -11.32
C GLU C 113 50.57 -6.01 -11.14
N PRO C 114 50.24 -5.43 -9.97
CA PRO C 114 48.99 -4.64 -9.93
C PRO C 114 49.05 -3.33 -10.71
N PHE C 115 50.24 -2.83 -11.01
CA PHE C 115 50.40 -1.53 -11.67
C PHE C 115 51.41 -1.63 -12.81
N VAL C 116 51.24 -2.63 -13.68
CA VAL C 116 52.13 -2.78 -14.85
C VAL C 116 51.88 -1.64 -15.83
N GLY C 117 52.94 -0.90 -16.16
CA GLY C 117 52.91 0.09 -17.20
C GLY C 117 52.46 1.47 -16.77
N GLN C 118 52.08 1.65 -15.51
CA GLN C 118 51.63 2.95 -15.05
C GLN C 118 52.81 3.89 -14.90
N THR C 119 52.73 5.04 -15.56
CA THR C 119 53.76 6.07 -15.46
C THR C 119 53.27 7.20 -14.55
N ALA C 120 54.13 8.19 -14.37
CA ALA C 120 53.74 9.37 -13.58
C ALA C 120 52.73 10.22 -14.32
N LEU C 121 52.69 10.11 -15.65
CA LEU C 121 51.70 10.84 -16.44
C LEU C 121 50.29 10.36 -16.14
N HIS C 122 50.12 9.05 -15.94
CA HIS C 122 48.81 8.49 -15.59
C HIS C 122 48.32 9.03 -14.25
N ILE C 123 49.20 9.07 -13.25
CA ILE C 123 48.80 9.53 -11.93
C ILE C 123 48.60 11.04 -11.91
N ALA C 124 49.36 11.77 -12.73
CA ALA C 124 49.16 13.21 -12.84
C ALA C 124 47.84 13.54 -13.53
N VAL C 125 47.47 12.75 -14.54
CA VAL C 125 46.21 12.95 -15.25
C VAL C 125 45.04 12.57 -14.35
N MET C 126 45.18 11.49 -13.57
CA MET C 126 44.13 11.03 -12.66
C MET C 126 43.83 12.06 -11.58
N ASN C 127 44.87 12.72 -11.06
CA ASN C 127 44.70 13.71 -10.00
C ASN C 127 44.39 15.10 -10.53
N GLN C 128 44.28 15.27 -11.86
CA GLN C 128 43.88 16.51 -12.53
C GLN C 128 44.82 17.67 -12.21
N ASN C 129 46.12 17.39 -12.18
CA ASN C 129 47.14 18.41 -11.96
C ASN C 129 47.66 18.82 -13.33
N LEU C 130 47.11 19.91 -13.88
CA LEU C 130 47.40 20.30 -15.25
C LEU C 130 48.84 20.79 -15.41
N ASN C 131 49.36 21.50 -14.40
CA ASN C 131 50.74 21.96 -14.44
C ASN C 131 51.71 20.78 -14.37
N LEU C 132 51.34 19.74 -13.62
CA LEU C 132 52.18 18.55 -13.56
C LEU C 132 52.16 17.78 -14.88
N VAL C 133 51.02 17.78 -15.57
CA VAL C 133 50.95 17.16 -16.89
C VAL C 133 51.79 17.95 -17.90
N ARG C 134 51.76 19.29 -17.79
CA ARG C 134 52.62 20.13 -18.63
C ARG C 134 54.10 19.86 -18.37
N ALA C 135 54.47 19.72 -17.09
CA ALA C 135 55.87 19.49 -16.74
C ALA C 135 56.32 18.09 -17.16
N LEU C 136 55.42 17.11 -17.09
CA LEU C 136 55.77 15.76 -17.51
C LEU C 136 55.88 15.65 -19.03
N LEU C 137 54.99 16.31 -19.74
CA LEU C 137 55.10 16.27 -21.21
C LEU C 137 56.34 17.06 -21.63
N ALA C 138 56.71 18.12 -20.89
CA ALA C 138 57.91 18.88 -21.22
C ALA C 138 59.16 18.00 -21.11
N ARG C 139 59.18 17.08 -20.14
CA ARG C 139 60.30 16.20 -19.93
C ARG C 139 60.32 15.00 -20.88
N GLY C 140 59.25 14.80 -21.65
CA GLY C 140 59.24 13.70 -22.59
C GLY C 140 58.58 12.43 -22.10
N ALA C 141 57.55 12.54 -21.26
CA ALA C 141 56.80 11.37 -20.83
C ALA C 141 56.02 10.79 -22.00
N SER C 142 55.90 9.47 -22.04
CA SER C 142 55.26 8.81 -23.17
C SER C 142 53.75 9.04 -23.13
N VAL C 143 53.25 9.71 -24.17
CA VAL C 143 51.80 9.94 -24.29
C VAL C 143 51.07 8.71 -24.78
N SER C 144 51.79 7.71 -25.29
CA SER C 144 51.21 6.45 -25.70
C SER C 144 51.51 5.32 -24.72
N ALA C 145 51.89 5.66 -23.49
CA ALA C 145 52.20 4.66 -22.49
C ALA C 145 50.93 3.93 -22.05
N ARG C 146 50.99 2.61 -22.06
CA ARG C 146 49.83 1.76 -21.82
C ARG C 146 49.98 1.08 -20.47
N ALA C 147 49.03 1.32 -19.57
CA ALA C 147 49.06 0.76 -18.22
C ALA C 147 48.30 -0.57 -18.22
N THR C 148 49.02 -1.64 -18.55
CA THR C 148 48.43 -2.98 -18.63
C THR C 148 48.55 -3.71 -17.30
N GLY C 149 48.02 -3.08 -16.25
CA GLY C 149 48.04 -3.65 -14.91
C GLY C 149 46.66 -4.15 -14.54
N ALA C 150 46.61 -4.93 -13.45
CA ALA C 150 45.35 -5.50 -12.99
C ALA C 150 44.44 -4.44 -12.37
N ALA C 151 45.00 -3.32 -11.89
CA ALA C 151 44.18 -2.28 -11.31
C ALA C 151 43.52 -1.39 -12.36
N PHE C 152 43.98 -1.44 -13.60
CA PHE C 152 43.45 -0.60 -14.67
C PHE C 152 42.58 -1.37 -15.65
N ARG C 153 42.29 -2.64 -15.38
CA ARG C 153 41.46 -3.46 -16.24
C ARG C 153 40.05 -3.52 -15.69
N ARG C 154 39.08 -3.74 -16.58
CA ARG C 154 37.68 -3.81 -16.17
C ARG C 154 37.43 -5.10 -15.40
N SER C 155 37.01 -4.95 -14.15
CA SER C 155 36.87 -6.08 -13.24
C SER C 155 35.94 -5.67 -12.11
N PRO C 156 35.22 -6.62 -11.51
CA PRO C 156 34.49 -6.30 -10.28
C PRO C 156 35.39 -5.96 -9.10
N HIS C 157 36.66 -6.37 -9.15
CA HIS C 157 37.62 -5.99 -8.11
C HIS C 157 37.91 -4.49 -8.15
N ASN C 158 38.21 -3.99 -9.35
CA ASN C 158 38.54 -2.55 -9.54
C ASN C 158 37.25 -1.72 -9.48
N LEU C 159 37.30 -0.55 -8.84
CA LEU C 159 36.15 0.33 -8.70
C LEU C 159 35.96 1.26 -9.90
N ILE C 160 37.01 1.54 -10.66
CA ILE C 160 36.93 2.37 -11.85
C ILE C 160 37.58 1.65 -13.02
N TYR C 161 37.01 1.82 -14.20
CA TYR C 161 37.62 1.39 -15.44
C TYR C 161 37.77 2.63 -16.31
N TYR C 162 38.93 3.27 -16.22
CA TYR C 162 39.19 4.50 -16.97
C TYR C 162 40.03 4.24 -18.21
N GLY C 163 40.38 3.00 -18.48
CA GLY C 163 41.15 2.65 -19.66
C GLY C 163 42.56 2.24 -19.31
N GLU C 164 43.44 2.38 -20.31
CA GLU C 164 44.85 2.06 -20.15
C GLU C 164 45.78 3.16 -20.66
N HIS C 165 45.24 4.22 -21.25
CA HIS C 165 46.01 5.31 -21.81
C HIS C 165 45.78 6.60 -21.03
N PRO C 166 46.75 7.52 -21.04
CA PRO C 166 46.51 8.82 -20.39
C PRO C 166 45.39 9.63 -21.02
N LEU C 167 45.17 9.48 -22.33
CA LEU C 167 44.05 10.16 -22.99
C LEU C 167 42.72 9.60 -22.52
N SER C 168 42.64 8.28 -22.36
CA SER C 168 41.42 7.65 -21.84
C SER C 168 41.20 8.04 -20.39
N PHE C 169 42.29 8.16 -19.62
CA PHE C 169 42.19 8.61 -18.23
C PHE C 169 41.68 10.04 -18.14
N ALA C 170 42.18 10.92 -19.01
CA ALA C 170 41.74 12.31 -19.00
C ALA C 170 40.32 12.46 -19.51
N ALA C 171 39.91 11.60 -20.45
CA ALA C 171 38.54 11.63 -20.93
C ALA C 171 37.57 11.14 -19.87
N CYS C 172 37.95 10.10 -19.13
CA CYS C 172 37.03 9.53 -18.14
C CYS C 172 37.00 10.33 -16.86
N VAL C 173 38.09 11.03 -16.53
CA VAL C 173 38.09 11.90 -15.36
C VAL C 173 37.19 13.12 -15.60
N GLY C 174 37.31 13.76 -16.75
CA GLY C 174 36.47 14.88 -17.09
C GLY C 174 37.17 16.21 -17.23
N SER C 175 38.42 16.23 -17.69
CA SER C 175 39.18 17.46 -17.87
C SER C 175 39.42 17.66 -19.36
N GLU C 176 38.79 18.68 -19.93
CA GLU C 176 38.92 18.92 -21.36
C GLU C 176 40.28 19.52 -21.70
N GLU C 177 40.83 20.31 -20.78
CA GLU C 177 42.11 20.96 -21.00
C GLU C 177 43.25 19.94 -21.09
N ILE C 178 43.20 18.92 -20.21
CA ILE C 178 44.22 17.87 -20.25
C ILE C 178 44.07 17.03 -21.51
N VAL C 179 42.83 16.83 -21.96
CA VAL C 179 42.58 16.09 -23.21
C VAL C 179 43.18 16.84 -24.40
N ARG C 180 42.94 18.15 -24.46
CA ARG C 180 43.50 18.97 -25.54
C ARG C 180 45.02 19.01 -25.48
N LEU C 181 45.58 19.09 -24.27
CA LEU C 181 47.03 19.11 -24.11
C LEU C 181 47.68 17.80 -24.54
N LEU C 182 47.04 16.67 -24.21
CA LEU C 182 47.58 15.37 -24.61
C LEU C 182 47.45 15.18 -26.12
N ILE C 183 46.34 15.62 -26.71
CA ILE C 183 46.14 15.48 -28.15
C ILE C 183 47.12 16.37 -28.92
N GLU C 184 47.41 17.56 -28.38
CA GLU C 184 48.39 18.45 -29.00
C GLU C 184 49.81 17.86 -28.95
N HIS C 185 50.09 17.03 -27.94
CA HIS C 185 51.40 16.41 -27.82
C HIS C 185 51.50 15.07 -28.54
N GLY C 186 50.43 14.62 -29.19
CA GLY C 186 50.49 13.44 -30.02
C GLY C 186 49.79 12.21 -29.49
N ALA C 187 48.79 12.35 -28.63
CA ALA C 187 48.02 11.20 -28.19
C ALA C 187 47.15 10.68 -29.32
N ASP C 188 47.09 9.35 -29.43
CA ASP C 188 46.32 8.69 -30.48
C ASP C 188 44.92 8.40 -29.95
N ILE C 189 43.91 9.00 -30.59
CA ILE C 189 42.52 8.78 -30.18
C ILE C 189 42.08 7.37 -30.52
N ARG C 190 42.61 6.82 -31.60
CA ARG C 190 42.19 5.48 -32.06
C ARG C 190 43.12 4.45 -31.43
N ALA C 191 43.17 4.39 -30.11
CA ALA C 191 44.00 3.47 -29.35
C ALA C 191 43.10 2.53 -28.57
N GLN C 192 43.45 1.24 -28.59
CA GLN C 192 42.65 0.20 -27.96
C GLN C 192 43.43 -0.42 -26.80
N ASP C 193 42.73 -0.72 -25.73
CA ASP C 193 43.31 -1.35 -24.55
C ASP C 193 43.28 -2.87 -24.71
N SER C 194 43.45 -3.59 -23.60
CA SER C 194 43.49 -5.06 -23.63
C SER C 194 42.13 -5.64 -24.01
N LEU C 195 41.04 -4.94 -23.68
CA LEU C 195 39.71 -5.37 -24.08
C LEU C 195 39.33 -4.90 -25.48
N GLY C 196 40.20 -4.15 -26.15
CA GLY C 196 39.91 -3.63 -27.46
C GLY C 196 39.09 -2.36 -27.49
N ASN C 197 38.73 -1.82 -26.32
CA ASN C 197 37.92 -0.62 -26.26
C ASN C 197 38.73 0.60 -26.67
N THR C 198 38.17 1.43 -27.55
CA THR C 198 38.74 2.74 -27.81
C THR C 198 38.31 3.71 -26.71
N VAL C 199 38.65 4.99 -26.89
CA VAL C 199 38.35 5.97 -25.84
C VAL C 199 36.85 6.25 -25.76
N LEU C 200 36.13 6.03 -26.86
CA LEU C 200 34.68 6.25 -26.87
C LEU C 200 33.95 5.19 -26.08
N HIS C 201 34.41 3.93 -26.16
CA HIS C 201 33.79 2.85 -25.39
C HIS C 201 33.95 3.07 -23.89
N ILE C 202 35.15 3.48 -23.47
CA ILE C 202 35.40 3.71 -22.05
C ILE C 202 34.70 4.97 -21.58
N LEU C 203 34.50 5.93 -22.48
CA LEU C 203 33.66 7.08 -22.16
C LEU C 203 32.20 6.68 -21.94
N ILE C 204 31.72 5.68 -22.67
CA ILE C 204 30.29 5.19 -22.60
C ILE C 204 30.14 4.21 -21.45
N LEU C 205 31.23 3.66 -20.93
CA LEU C 205 31.21 2.80 -19.75
C LEU C 205 31.21 3.57 -18.43
N GLN C 206 31.42 4.88 -18.45
CA GLN C 206 31.38 5.71 -17.25
C GLN C 206 29.95 5.81 -16.71
N PRO C 207 29.80 5.82 -15.38
CA PRO C 207 28.44 5.93 -14.82
C PRO C 207 27.94 7.37 -14.70
N ASN C 208 28.76 8.35 -15.05
CA ASN C 208 28.35 9.75 -14.95
C ASN C 208 27.27 10.08 -15.98
N LYS C 209 27.51 9.70 -17.25
CA LYS C 209 26.59 9.81 -18.38
C LYS C 209 26.17 11.23 -18.75
N THR C 210 26.73 12.25 -18.11
CA THR C 210 26.37 13.64 -18.40
C THR C 210 27.54 14.42 -18.99
N PHE C 211 28.69 14.44 -18.30
CA PHE C 211 29.86 15.10 -18.86
C PHE C 211 30.52 14.22 -19.93
N ALA C 212 30.21 12.93 -19.93
CA ALA C 212 30.74 12.01 -20.94
C ALA C 212 30.23 12.34 -22.32
N CYS C 213 29.03 12.92 -22.42
CA CYS C 213 28.54 13.38 -23.72
C CYS C 213 29.35 14.56 -24.24
N GLN C 214 29.74 15.48 -23.34
CA GLN C 214 30.57 16.61 -23.73
C GLN C 214 31.97 16.14 -24.13
N MET C 215 32.51 15.17 -23.40
CA MET C 215 33.81 14.62 -23.77
C MET C 215 33.74 13.81 -25.06
N TYR C 216 32.60 13.17 -25.32
CA TYR C 216 32.38 12.49 -26.59
C TYR C 216 32.33 13.48 -27.75
N ASN C 217 31.69 14.63 -27.53
CA ASN C 217 31.69 15.69 -28.54
C ASN C 217 33.09 16.26 -28.77
N LEU C 218 33.87 16.37 -27.70
CA LEU C 218 35.25 16.86 -27.83
C LEU C 218 36.12 15.88 -28.60
N LEU C 219 35.96 14.59 -28.33
CA LEU C 219 36.80 13.58 -28.97
C LEU C 219 36.28 13.18 -30.35
N LEU C 220 35.04 13.56 -30.69
CA LEU C 220 34.59 13.40 -32.07
C LEU C 220 35.31 14.38 -32.98
N SER C 221 35.60 15.59 -32.48
CA SER C 221 36.57 16.45 -33.13
C SER C 221 37.96 15.86 -32.99
N TYR C 222 38.86 16.26 -33.89
CA TYR C 222 40.20 15.74 -34.18
C TYR C 222 40.16 14.34 -34.82
N ASP C 223 38.98 13.77 -35.06
CA ASP C 223 38.84 12.51 -35.77
C ASP C 223 38.49 12.72 -37.23
N GLU C 224 38.97 13.80 -37.84
CA GLU C 224 38.72 14.06 -39.26
C GLU C 224 39.47 13.06 -40.12
N HIS C 225 38.77 12.52 -41.12
CA HIS C 225 39.33 11.52 -42.02
C HIS C 225 40.35 12.14 -42.98
N GLN C 230 37.62 5.09 -42.02
CA GLN C 230 36.72 4.66 -40.96
C GLN C 230 36.81 5.59 -39.75
N SER C 231 35.66 6.06 -39.28
CA SER C 231 35.63 6.96 -38.14
C SER C 231 35.82 6.18 -36.84
N LEU C 232 36.00 6.92 -35.75
CA LEU C 232 36.22 6.29 -34.45
C LEU C 232 34.93 5.65 -33.91
N GLU C 233 33.77 6.13 -34.36
CA GLU C 233 32.51 5.54 -33.92
C GLU C 233 32.22 4.21 -34.57
N LEU C 234 32.97 3.82 -35.61
CA LEU C 234 32.76 2.57 -36.30
C LEU C 234 33.83 1.53 -35.98
N VAL C 235 34.65 1.78 -34.97
CA VAL C 235 35.72 0.85 -34.58
C VAL C 235 35.21 -0.10 -33.52
N PRO C 236 35.09 -1.40 -33.81
CA PRO C 236 34.60 -2.34 -32.81
C PRO C 236 35.72 -2.80 -31.87
N ASN C 237 35.31 -3.21 -30.67
CA ASN C 237 36.25 -3.76 -29.71
C ASN C 237 36.39 -5.26 -29.94
N HIS C 238 37.00 -5.97 -28.98
CA HIS C 238 37.23 -7.40 -29.11
C HIS C 238 35.95 -8.22 -29.02
N GLN C 239 34.86 -7.65 -28.52
CA GLN C 239 33.56 -8.30 -28.55
C GLN C 239 32.77 -7.98 -29.82
N GLY C 240 33.35 -7.21 -30.73
CA GLY C 240 32.67 -6.81 -31.95
C GLY C 240 31.70 -5.67 -31.80
N LEU C 241 31.68 -5.00 -30.65
CA LEU C 241 30.69 -3.97 -30.38
C LEU C 241 31.21 -2.60 -30.76
N THR C 242 30.42 -1.87 -31.53
CA THR C 242 30.63 -0.45 -31.80
C THR C 242 30.26 0.36 -30.56
N PRO C 243 30.66 1.63 -30.46
CA PRO C 243 30.16 2.48 -29.37
C PRO C 243 28.65 2.63 -29.33
N PHE C 244 27.98 2.60 -30.49
CA PHE C 244 26.53 2.57 -30.53
C PHE C 244 25.98 1.29 -29.91
N LYS C 245 26.56 0.14 -30.29
CA LYS C 245 26.14 -1.14 -29.73
C LYS C 245 26.52 -1.26 -28.27
N LEU C 246 27.66 -0.68 -27.87
CA LEU C 246 28.05 -0.71 -26.46
C LEU C 246 27.13 0.16 -25.62
N ALA C 247 26.68 1.30 -26.15
CA ALA C 247 25.71 2.13 -25.44
C ALA C 247 24.36 1.45 -25.35
N GLY C 248 24.00 0.67 -26.37
CA GLY C 248 22.77 -0.11 -26.30
C GLY C 248 22.86 -1.24 -25.28
N VAL C 249 24.01 -1.92 -25.22
CA VAL C 249 24.17 -3.05 -24.31
C VAL C 249 24.24 -2.58 -22.87
N GLU C 250 25.02 -1.53 -22.60
CA GLU C 250 25.23 -1.08 -21.23
C GLU C 250 24.07 -0.25 -20.68
N GLY C 251 23.08 0.08 -21.51
CA GLY C 251 21.93 0.81 -21.02
C GLY C 251 22.17 2.28 -20.77
N ASN C 252 23.14 2.87 -21.49
CA ASN C 252 23.43 4.29 -21.36
C ASN C 252 22.44 5.05 -22.24
N THR C 253 21.34 5.51 -21.61
CA THR C 253 20.27 6.14 -22.37
C THR C 253 20.63 7.55 -22.78
N VAL C 254 21.37 8.28 -21.93
CA VAL C 254 21.75 9.65 -22.23
C VAL C 254 22.75 9.68 -23.38
N MET C 255 23.71 8.76 -23.37
CA MET C 255 24.65 8.65 -24.48
C MET C 255 23.96 8.16 -25.74
N PHE C 256 22.91 7.35 -25.59
CA PHE C 256 22.13 6.92 -26.76
C PHE C 256 21.39 8.09 -27.39
N GLN C 257 20.81 8.97 -26.56
CA GLN C 257 20.16 10.16 -27.08
C GLN C 257 21.16 11.10 -27.74
N HIS C 258 22.35 11.23 -27.13
CA HIS C 258 23.39 12.07 -27.72
C HIS C 258 23.89 11.51 -29.05
N LEU C 259 23.98 10.18 -29.17
CA LEU C 259 24.39 9.57 -30.42
C LEU C 259 23.30 9.69 -31.49
N MET C 260 22.04 9.67 -31.10
CA MET C 260 21.05 9.79 -32.20
C MET C 260 20.94 11.26 -32.58
N GLN C 261 21.23 12.18 -31.66
CA GLN C 261 21.18 13.57 -32.10
C GLN C 261 21.96 13.78 -33.39
N LYS C 262 23.04 13.04 -33.59
CA LYS C 262 23.86 13.12 -34.78
C LYS C 262 23.36 12.23 -35.91
N ARG C 263 22.31 11.44 -35.67
CA ARG C 263 21.77 10.51 -36.66
C ARG C 263 20.31 10.81 -36.92
N LYS C 264 19.94 12.08 -36.93
CA LYS C 264 18.57 12.49 -37.20
C LYS C 264 18.59 13.68 -38.15
N HIS C 265 17.47 13.92 -38.81
CA HIS C 265 17.31 15.04 -39.72
C HIS C 265 15.89 15.56 -39.59
N VAL C 266 15.76 16.81 -39.15
CA VAL C 266 14.45 17.45 -38.99
C VAL C 266 13.99 17.89 -40.38
N GLN C 267 12.86 17.33 -40.83
CA GLN C 267 12.36 17.68 -42.15
C GLN C 267 11.66 19.04 -42.13
N TRP C 268 10.69 19.18 -41.24
CA TRP C 268 9.91 20.43 -41.17
C TRP C 268 9.47 20.64 -39.72
N THR C 269 9.17 21.87 -39.34
CA THR C 269 8.74 22.21 -37.99
C THR C 269 7.54 23.14 -38.05
N CYS C 270 6.54 22.76 -38.85
CA CYS C 270 5.35 23.58 -39.06
C CYS C 270 4.47 23.55 -37.82
N GLY C 271 4.42 24.68 -37.12
CA GLY C 271 3.59 24.80 -35.95
C GLY C 271 4.10 24.01 -34.77
N PRO C 272 3.21 23.34 -34.05
CA PRO C 272 3.63 22.47 -32.94
C PRO C 272 4.12 21.10 -33.36
N LEU C 273 4.01 20.75 -34.64
CA LEU C 273 4.41 19.45 -35.15
C LEU C 273 5.78 19.54 -35.79
N THR C 274 6.62 18.54 -35.53
CA THR C 274 7.91 18.43 -36.19
C THR C 274 8.10 17.01 -36.69
N SER C 275 8.76 16.88 -37.83
CA SER C 275 8.99 15.59 -38.47
C SER C 275 10.49 15.35 -38.56
N THR C 276 10.97 14.33 -37.84
CA THR C 276 12.37 13.97 -37.82
C THR C 276 12.57 12.66 -38.56
N LEU C 277 13.76 12.48 -39.12
CA LEU C 277 14.06 11.34 -39.98
C LEU C 277 15.28 10.61 -39.40
N TYR C 278 15.02 9.67 -38.50
CA TYR C 278 16.10 8.94 -37.84
C TYR C 278 16.70 7.91 -38.80
N ASP C 279 17.99 7.62 -38.59
CA ASP C 279 18.70 6.66 -39.41
C ASP C 279 18.69 5.30 -38.72
N LEU C 280 18.28 4.27 -39.45
CA LEU C 280 18.17 2.92 -38.92
C LEU C 280 19.32 2.02 -39.36
N THR C 281 20.45 2.61 -39.75
CA THR C 281 21.60 1.81 -40.18
C THR C 281 22.22 1.08 -39.00
N GLU C 282 22.40 1.77 -37.87
CA GLU C 282 23.01 1.19 -36.69
C GLU C 282 21.99 0.70 -35.66
N ILE C 283 20.70 0.79 -35.96
CA ILE C 283 19.64 0.34 -35.07
C ILE C 283 19.02 -0.96 -35.58
N ASP C 284 18.60 -0.98 -36.85
CA ASP C 284 18.01 -2.19 -37.41
C ASP C 284 19.06 -3.27 -37.64
N SER C 285 20.25 -2.86 -38.11
CA SER C 285 21.41 -3.74 -38.36
C SER C 285 21.08 -4.86 -39.34
N TRP C 286 20.76 -4.48 -40.57
CA TRP C 286 20.45 -5.45 -41.61
C TRP C 286 21.69 -6.21 -42.03
N GLY C 287 21.57 -7.53 -42.10
CA GLY C 287 22.69 -8.38 -42.50
C GLY C 287 23.64 -8.79 -41.41
N GLU C 288 23.79 -7.97 -40.38
CA GLU C 288 24.66 -8.28 -39.25
C GLU C 288 24.08 -9.44 -38.44
N GLU C 289 24.96 -10.37 -38.05
CA GLU C 289 24.53 -11.55 -37.31
C GLU C 289 24.01 -11.19 -35.92
N LEU C 290 24.78 -10.40 -35.17
CA LEU C 290 24.39 -9.92 -33.86
C LEU C 290 23.90 -8.47 -34.03
N SER C 291 22.60 -8.32 -34.20
CA SER C 291 22.03 -6.99 -34.43
C SER C 291 22.02 -6.18 -33.14
N PHE C 292 21.68 -4.89 -33.30
CA PHE C 292 21.65 -3.98 -32.15
C PHE C 292 20.56 -4.37 -31.16
N LEU C 293 19.36 -4.65 -31.65
CA LEU C 293 18.23 -4.97 -30.78
C LEU C 293 18.41 -6.32 -30.12
N GLU C 294 19.05 -7.27 -30.82
CA GLU C 294 19.33 -8.58 -30.23
C GLU C 294 20.33 -8.47 -29.10
N LEU C 295 21.34 -7.61 -29.26
CA LEU C 295 22.29 -7.38 -28.18
C LEU C 295 21.65 -6.63 -27.02
N VAL C 296 20.68 -5.76 -27.32
CA VAL C 296 20.02 -5.00 -26.27
C VAL C 296 19.11 -5.91 -25.43
N VAL C 297 18.31 -6.76 -26.07
CA VAL C 297 17.35 -7.55 -25.30
C VAL C 297 18.02 -8.73 -24.61
N SER C 298 19.20 -9.15 -25.08
CA SER C 298 19.91 -10.25 -24.44
C SER C 298 20.97 -9.77 -23.45
N SER C 299 21.08 -8.46 -23.24
CA SER C 299 22.06 -7.94 -22.29
C SER C 299 21.62 -8.23 -20.86
N LYS C 300 22.62 -8.43 -20.00
CA LYS C 300 22.33 -8.76 -18.61
C LYS C 300 22.09 -7.50 -17.76
N LYS C 301 22.34 -6.32 -18.33
CA LYS C 301 22.15 -5.09 -17.59
C LYS C 301 20.67 -4.79 -17.40
N ARG C 302 20.28 -4.23 -16.27
CA ARG C 302 18.86 -3.88 -16.04
C ARG C 302 18.51 -2.59 -16.76
N GLU C 303 19.47 -1.70 -16.94
CA GLU C 303 19.17 -0.47 -17.67
C GLU C 303 19.11 -0.67 -19.18
N ALA C 304 19.55 -1.84 -19.68
CA ALA C 304 19.61 -2.11 -21.11
C ALA C 304 18.24 -2.12 -21.77
N ARG C 305 17.18 -2.42 -21.02
CA ARG C 305 15.83 -2.38 -21.56
C ARG C 305 15.25 -0.97 -21.55
N GLN C 306 15.98 0.02 -21.07
CA GLN C 306 15.56 1.41 -21.16
C GLN C 306 15.97 2.05 -22.48
N ILE C 307 16.77 1.35 -23.29
CA ILE C 307 17.06 1.76 -24.66
C ILE C 307 15.88 1.51 -25.59
N LEU C 308 15.05 0.53 -25.27
CA LEU C 308 13.88 0.18 -26.08
C LEU C 308 12.74 1.19 -25.95
N GLU C 309 12.85 2.15 -25.03
CA GLU C 309 11.85 3.19 -24.86
C GLU C 309 12.29 4.53 -25.45
N GLN C 310 13.38 4.53 -26.23
CA GLN C 310 13.87 5.75 -26.85
C GLN C 310 13.18 5.99 -28.18
N THR C 311 13.34 7.21 -28.71
CA THR C 311 12.48 7.71 -29.78
C THR C 311 12.58 6.94 -31.11
N PRO C 312 13.74 6.56 -31.65
CA PRO C 312 13.68 5.70 -32.85
C PRO C 312 13.36 4.25 -32.55
N VAL C 313 13.88 3.72 -31.44
CA VAL C 313 13.82 2.28 -31.18
C VAL C 313 12.41 1.84 -30.83
N LYS C 314 11.73 2.62 -29.99
CA LYS C 314 10.37 2.28 -29.57
C LYS C 314 9.40 2.31 -30.76
N GLU C 315 9.54 3.32 -31.63
CA GLU C 315 8.70 3.40 -32.82
C GLU C 315 9.02 2.27 -33.80
N LEU C 316 10.30 1.90 -33.92
CA LEU C 316 10.68 0.82 -34.84
C LEU C 316 10.15 -0.53 -34.37
N VAL C 317 10.35 -0.87 -33.09
CA VAL C 317 9.88 -2.15 -32.60
C VAL C 317 8.37 -2.17 -32.44
N SER C 318 7.72 -1.02 -32.25
CA SER C 318 6.26 -0.96 -32.24
C SER C 318 5.68 -1.19 -33.63
N PHE C 319 6.30 -0.60 -34.66
CA PHE C 319 5.88 -0.86 -36.03
C PHE C 319 6.09 -2.32 -36.41
N LYS C 320 7.21 -2.90 -35.99
CA LYS C 320 7.50 -4.30 -36.29
C LYS C 320 6.52 -5.24 -35.58
N TRP C 321 6.16 -4.93 -34.33
CA TRP C 321 5.24 -5.80 -33.59
C TRP C 321 3.81 -5.66 -34.09
N LYS C 322 3.34 -4.47 -34.38
CA LYS C 322 1.96 -4.39 -34.86
C LYS C 322 1.88 -4.90 -36.29
N LYS C 323 2.75 -4.45 -37.18
CA LYS C 323 2.57 -4.79 -38.58
C LYS C 323 2.80 -6.28 -38.84
N TYR C 324 3.84 -6.84 -38.25
CA TYR C 324 4.23 -8.22 -38.56
C TYR C 324 4.33 -9.14 -37.36
N GLY C 325 4.74 -8.62 -36.19
CA GLY C 325 5.08 -9.51 -35.09
C GLY C 325 3.86 -10.18 -34.46
N ARG C 326 2.82 -9.40 -34.17
CA ARG C 326 1.63 -9.93 -33.51
C ARG C 326 0.82 -10.94 -34.36
N PRO C 327 0.53 -10.73 -35.66
CA PRO C 327 -0.15 -11.82 -36.40
C PRO C 327 0.65 -13.12 -36.52
N TYR C 328 1.97 -13.01 -36.69
CA TYR C 328 2.81 -14.21 -36.76
C TYR C 328 2.86 -14.91 -35.42
N PHE C 329 2.94 -14.15 -34.33
CA PHE C 329 2.93 -14.76 -33.00
C PHE C 329 1.57 -15.39 -32.69
N CYS C 330 0.49 -14.78 -33.17
CA CYS C 330 -0.83 -15.35 -32.95
C CYS C 330 -1.04 -16.64 -33.73
N VAL C 331 -0.57 -16.70 -34.98
CA VAL C 331 -0.75 -17.94 -35.74
C VAL C 331 0.20 -19.02 -35.23
N LEU C 332 1.38 -18.65 -34.69
CA LEU C 332 2.24 -19.64 -34.06
C LEU C 332 1.64 -20.15 -32.76
N ALA C 333 0.98 -19.27 -32.00
CA ALA C 333 0.28 -19.69 -30.79
C ALA C 333 -0.88 -20.64 -31.11
N SER C 334 -1.62 -20.35 -32.18
CA SER C 334 -2.71 -21.22 -32.61
C SER C 334 -2.19 -22.58 -33.07
N LEU C 335 -1.06 -22.58 -33.80
CA LEU C 335 -0.45 -23.84 -34.23
C LEU C 335 0.05 -24.67 -33.05
N TYR C 336 0.62 -24.01 -32.04
CA TYR C 336 1.09 -24.75 -30.87
C TYR C 336 -0.08 -25.27 -30.04
N ILE C 337 -1.17 -24.51 -29.97
CA ILE C 337 -2.37 -24.98 -29.27
C ILE C 337 -2.97 -26.19 -29.97
N LEU C 338 -3.04 -26.17 -31.31
CA LEU C 338 -3.55 -27.32 -32.06
C LEU C 338 -2.63 -28.52 -31.92
N TYR C 339 -1.31 -28.28 -31.89
CA TYR C 339 -0.35 -29.37 -31.68
C TYR C 339 -0.50 -29.99 -30.30
N MET C 340 -0.73 -29.17 -29.28
CA MET C 340 -0.93 -29.71 -27.94
C MET C 340 -2.27 -30.42 -27.82
N ILE C 341 -3.28 -29.97 -28.58
CA ILE C 341 -4.57 -30.67 -28.62
C ILE C 341 -4.40 -32.05 -29.25
N CYS C 342 -3.61 -32.14 -30.32
CA CYS C 342 -3.32 -33.43 -30.95
C CYS C 342 -2.54 -34.35 -30.01
N PHE C 343 -1.55 -33.81 -29.29
CA PHE C 343 -0.78 -34.61 -28.34
C PHE C 343 -1.65 -35.09 -27.18
N THR C 344 -2.55 -34.22 -26.69
CA THR C 344 -3.46 -34.60 -25.61
C THR C 344 -4.43 -35.68 -26.08
N THR C 345 -4.95 -35.56 -27.31
CA THR C 345 -5.86 -36.55 -27.85
C THR C 345 -5.16 -37.89 -28.09
N CYS C 346 -3.87 -37.87 -28.44
CA CYS C 346 -3.12 -39.11 -28.53
C CYS C 346 -2.86 -39.71 -27.15
N CYS C 347 -2.74 -38.87 -26.11
CA CYS C 347 -2.56 -39.39 -24.76
C CYS C 347 -3.85 -39.98 -24.21
N ILE C 348 -5.00 -39.42 -24.59
CA ILE C 348 -6.29 -39.92 -24.09
C ILE C 348 -6.59 -41.29 -24.67
N TYR C 349 -6.33 -41.48 -25.96
CA TYR C 349 -6.65 -42.72 -26.66
C TYR C 349 -5.48 -43.70 -26.65
N ARG C 350 -4.65 -43.63 -25.62
CA ARG C 350 -3.45 -44.43 -25.48
C ARG C 350 -3.81 -45.92 -25.41
N PRO C 351 -3.10 -46.80 -26.15
CA PRO C 351 -3.52 -48.21 -26.25
C PRO C 351 -3.36 -49.00 -24.96
N LEU C 352 -4.50 -49.35 -24.36
CA LEU C 352 -4.51 -50.09 -23.10
C LEU C 352 -5.41 -51.32 -23.26
N LYS C 353 -4.90 -52.46 -22.84
CA LYS C 353 -5.64 -53.72 -22.87
C LYS C 353 -5.94 -54.15 -21.44
N LEU C 354 -6.78 -55.18 -21.32
CA LEU C 354 -7.06 -55.76 -20.02
C LEU C 354 -5.83 -56.50 -19.51
N ARG C 355 -5.71 -56.58 -18.19
CA ARG C 355 -4.57 -57.26 -17.58
C ARG C 355 -4.67 -58.76 -17.79
N ASP C 356 -3.52 -59.38 -18.05
CA ASP C 356 -3.42 -60.83 -18.24
C ASP C 356 -2.97 -61.52 -16.95
N ASP C 357 -3.35 -60.97 -15.80
CA ASP C 357 -3.01 -61.55 -14.51
C ASP C 357 -4.13 -61.24 -13.54
N ASN C 358 -4.25 -62.08 -12.53
CA ASN C 358 -5.28 -61.92 -11.51
C ASN C 358 -4.80 -60.97 -10.41
N ARG C 359 -5.76 -60.27 -9.81
CA ARG C 359 -5.49 -59.30 -8.75
C ARG C 359 -5.55 -60.02 -7.41
N THR C 360 -4.41 -60.57 -6.99
CA THR C 360 -4.36 -61.28 -5.72
C THR C 360 -4.37 -60.31 -4.54
N ASP C 361 -3.63 -59.21 -4.67
CA ASP C 361 -3.59 -58.22 -3.60
C ASP C 361 -4.89 -57.42 -3.56
N PRO C 362 -5.51 -57.28 -2.39
CA PRO C 362 -6.78 -56.54 -2.32
C PRO C 362 -6.63 -55.03 -2.43
N ARG C 363 -5.40 -54.52 -2.30
CA ARG C 363 -5.13 -53.06 -2.37
C ARG C 363 -4.61 -52.71 -3.75
N ASP C 364 -4.64 -53.64 -4.71
CA ASP C 364 -4.20 -53.39 -6.08
C ASP C 364 -5.42 -53.12 -6.95
N ILE C 365 -5.46 -51.95 -7.57
CA ILE C 365 -6.60 -51.53 -8.38
C ILE C 365 -6.27 -51.42 -9.85
N THR C 366 -5.10 -51.89 -10.28
CA THR C 366 -4.73 -51.82 -11.69
C THR C 366 -5.49 -52.89 -12.46
N ILE C 367 -6.30 -52.46 -13.43
CA ILE C 367 -7.07 -53.38 -14.26
C ILE C 367 -6.65 -53.36 -15.72
N LEU C 368 -5.86 -52.37 -16.14
CA LEU C 368 -5.45 -52.23 -17.53
C LEU C 368 -3.93 -52.15 -17.59
N GLN C 369 -3.38 -52.54 -18.74
CA GLN C 369 -1.95 -52.49 -18.95
C GLN C 369 -1.67 -52.01 -20.37
N GLN C 370 -0.42 -51.65 -20.62
CA GLN C 370 -0.03 -51.15 -21.94
C GLN C 370 -0.01 -52.30 -22.95
N LYS C 371 -0.53 -52.03 -24.15
CA LYS C 371 -0.44 -52.98 -25.23
C LYS C 371 0.98 -53.04 -25.77
N LEU C 372 1.30 -54.18 -26.39
CA LEU C 372 2.55 -54.29 -27.12
C LEU C 372 2.42 -53.57 -28.46
N LEU C 373 3.57 -53.34 -29.11
CA LEU C 373 3.59 -52.56 -30.34
C LEU C 373 2.94 -53.32 -31.50
N GLN C 374 2.96 -54.65 -31.44
CA GLN C 374 2.36 -55.46 -32.50
C GLN C 374 0.83 -55.36 -32.47
N GLU C 375 0.26 -55.30 -31.27
CA GLU C 375 -1.20 -55.24 -31.12
C GLU C 375 -1.72 -53.82 -30.93
N ALA C 376 -0.84 -52.81 -30.87
CA ALA C 376 -1.30 -51.45 -30.63
C ALA C 376 -1.97 -50.86 -31.86
N TYR C 377 -1.46 -51.18 -33.04
CA TYR C 377 -1.92 -50.57 -34.29
C TYR C 377 -2.60 -51.64 -35.14
N VAL C 378 -3.90 -51.82 -34.94
CA VAL C 378 -4.68 -52.81 -35.68
C VAL C 378 -5.88 -52.13 -36.32
N THR C 379 -6.65 -51.37 -35.54
CA THR C 379 -7.90 -50.81 -36.03
C THR C 379 -7.67 -49.48 -36.76
N HIS C 380 -8.76 -48.92 -37.27
CA HIS C 380 -8.70 -47.64 -37.97
C HIS C 380 -8.42 -46.49 -37.01
N GLN C 381 -9.01 -46.55 -35.80
CA GLN C 381 -8.74 -45.54 -34.78
C GLN C 381 -7.29 -45.57 -34.33
N ASP C 382 -6.69 -46.77 -34.33
CA ASP C 382 -5.26 -46.87 -34.04
C ASP C 382 -4.42 -46.28 -35.17
N ASN C 383 -4.91 -46.34 -36.41
CA ASN C 383 -4.21 -45.69 -37.50
C ASN C 383 -4.29 -44.17 -37.41
N ILE C 384 -5.45 -43.65 -37.00
CA ILE C 384 -5.60 -42.20 -36.77
C ILE C 384 -4.69 -41.76 -35.62
N ARG C 385 -4.61 -42.59 -34.57
CA ARG C 385 -3.70 -42.30 -33.47
C ARG C 385 -2.24 -42.38 -33.90
N LEU C 386 -1.92 -43.29 -34.83
CA LEU C 386 -0.56 -43.37 -35.37
C LEU C 386 -0.21 -42.11 -36.16
N VAL C 387 -1.16 -41.59 -36.93
CA VAL C 387 -0.96 -40.34 -37.67
C VAL C 387 -0.74 -39.18 -36.69
N GLY C 388 -1.55 -39.12 -35.64
CA GLY C 388 -1.37 -38.10 -34.62
C GLY C 388 -0.06 -38.20 -33.85
N GLU C 389 0.39 -39.43 -33.59
CA GLU C 389 1.66 -39.63 -32.89
C GLU C 389 2.85 -39.29 -33.77
N LEU C 390 2.73 -39.56 -35.09
CA LEU C 390 3.77 -39.11 -36.02
C LEU C 390 3.81 -37.59 -36.10
N VAL C 391 2.64 -36.94 -36.04
CA VAL C 391 2.58 -35.48 -35.96
C VAL C 391 3.25 -34.96 -34.69
N THR C 392 3.00 -35.65 -33.57
CA THR C 392 3.62 -35.27 -32.29
C THR C 392 5.14 -35.43 -32.30
N VAL C 393 5.63 -36.53 -32.86
CA VAL C 393 7.07 -36.78 -32.94
C VAL C 393 7.73 -35.78 -33.88
N THR C 394 7.07 -35.48 -35.00
CA THR C 394 7.59 -34.47 -35.93
C THR C 394 7.63 -33.08 -35.30
N GLY C 395 6.60 -32.76 -34.50
CA GLY C 395 6.59 -31.50 -33.78
C GLY C 395 7.68 -31.40 -32.74
N ALA C 396 7.96 -32.51 -32.05
CA ALA C 396 9.04 -32.51 -31.07
C ALA C 396 10.40 -32.37 -31.74
N VAL C 397 10.58 -33.00 -32.91
CA VAL C 397 11.82 -32.86 -33.66
C VAL C 397 11.99 -31.43 -34.16
N ILE C 398 10.90 -30.81 -34.61
CA ILE C 398 10.92 -29.41 -35.05
C ILE C 398 11.25 -28.48 -33.88
N ILE C 399 10.69 -28.76 -32.70
CA ILE C 399 10.97 -27.97 -31.50
C ILE C 399 12.44 -28.08 -31.12
N LEU C 400 13.00 -29.30 -31.17
CA LEU C 400 14.42 -29.47 -30.86
C LEU C 400 15.31 -28.78 -31.90
N LEU C 401 14.94 -28.86 -33.18
CA LEU C 401 15.75 -28.23 -34.22
C LEU C 401 15.68 -26.71 -34.16
N LEU C 402 14.59 -26.16 -33.60
CA LEU C 402 14.52 -24.72 -33.41
C LEU C 402 15.26 -24.29 -32.15
N GLU C 403 15.23 -25.12 -31.11
CA GLU C 403 15.74 -24.68 -29.81
C GLU C 403 17.23 -24.93 -29.63
N ILE C 404 17.74 -26.03 -30.19
CA ILE C 404 19.14 -26.43 -29.92
C ILE C 404 20.19 -25.46 -30.46
N PRO C 405 20.14 -25.00 -31.74
CA PRO C 405 21.22 -24.08 -32.19
C PRO C 405 21.23 -22.72 -31.51
N ASP C 406 20.11 -22.26 -30.97
CA ASP C 406 20.09 -20.97 -30.28
C ASP C 406 20.84 -21.01 -28.96
N ILE C 407 20.92 -22.18 -28.31
CA ILE C 407 21.72 -22.33 -27.10
C ILE C 407 23.19 -22.08 -27.40
N PHE C 408 23.67 -22.65 -28.51
CA PHE C 408 25.06 -22.43 -28.89
C PHE C 408 25.27 -21.03 -29.47
N ARG C 409 24.19 -20.45 -30.00
CA ARG C 409 24.30 -19.11 -30.58
C ARG C 409 24.46 -18.03 -29.51
N VAL C 410 23.64 -18.06 -28.46
CA VAL C 410 23.65 -16.99 -27.47
C VAL C 410 24.21 -17.42 -26.12
N GLY C 411 24.70 -18.65 -26.00
CA GLY C 411 25.24 -19.11 -24.73
C GLY C 411 24.18 -19.83 -23.90
N ALA C 412 24.60 -20.82 -23.12
CA ALA C 412 23.65 -21.63 -22.38
C ALA C 412 23.05 -20.86 -21.21
N SER C 413 23.85 -20.02 -20.54
CA SER C 413 23.37 -19.30 -19.38
C SER C 413 22.42 -18.17 -19.75
N ARG C 414 22.69 -17.49 -20.86
CA ARG C 414 21.86 -16.37 -21.27
C ARG C 414 20.55 -16.86 -21.89
N TYR C 415 20.57 -18.03 -22.52
CA TYR C 415 19.36 -18.56 -23.16
C TYR C 415 18.36 -19.07 -22.13
N PHE C 416 18.86 -19.77 -21.10
CA PHE C 416 18.01 -20.39 -20.10
C PHE C 416 17.81 -19.52 -18.87
N GLY C 417 18.42 -18.34 -18.81
CA GLY C 417 18.41 -17.58 -17.58
C GLY C 417 17.79 -16.20 -17.63
N GLN C 418 17.38 -15.74 -18.81
CA GLN C 418 16.87 -14.39 -18.97
C GLN C 418 15.36 -14.44 -19.20
N THR C 419 14.64 -13.62 -18.42
CA THR C 419 13.18 -13.58 -18.50
C THR C 419 12.71 -12.97 -19.82
N ILE C 420 13.46 -11.99 -20.35
CA ILE C 420 13.09 -11.30 -21.56
C ILE C 420 13.12 -12.21 -22.77
N LEU C 421 14.11 -13.11 -22.84
CA LEU C 421 14.27 -14.02 -23.95
C LEU C 421 13.40 -15.27 -23.83
N GLY C 422 12.64 -15.40 -22.74
CA GLY C 422 11.90 -16.63 -22.50
C GLY C 422 12.76 -17.73 -21.93
N GLY C 423 13.32 -17.50 -20.75
CA GLY C 423 14.28 -18.40 -20.13
C GLY C 423 13.74 -19.75 -19.70
N PRO C 424 12.82 -19.78 -18.72
CA PRO C 424 12.29 -21.07 -18.25
C PRO C 424 11.52 -21.86 -19.31
N PHE C 425 10.89 -21.18 -20.27
CA PHE C 425 10.09 -21.86 -21.27
C PHE C 425 10.95 -22.68 -22.23
N HIS C 426 12.20 -22.26 -22.47
CA HIS C 426 13.09 -23.04 -23.32
C HIS C 426 13.51 -24.34 -22.63
N VAL C 427 13.80 -24.28 -21.33
CA VAL C 427 14.08 -25.49 -20.55
C VAL C 427 12.86 -26.40 -20.52
N ILE C 428 11.68 -25.81 -20.37
CA ILE C 428 10.42 -26.56 -20.31
C ILE C 428 10.15 -27.27 -21.63
N ILE C 429 10.35 -26.60 -22.76
CA ILE C 429 10.04 -27.24 -24.03
C ILE C 429 11.14 -28.20 -24.46
N ILE C 430 12.38 -28.00 -23.99
CA ILE C 430 13.43 -28.99 -24.27
C ILE C 430 13.15 -30.26 -23.48
N THR C 431 12.72 -30.10 -22.22
CA THR C 431 12.31 -31.26 -21.43
C THR C 431 11.08 -31.93 -22.03
N TYR C 432 10.15 -31.15 -22.57
CA TYR C 432 8.94 -31.70 -23.19
C TYR C 432 9.27 -32.52 -24.43
N ALA C 433 10.11 -31.99 -25.32
CA ALA C 433 10.48 -32.71 -26.52
C ALA C 433 11.33 -33.94 -26.19
N SER C 434 12.18 -33.84 -25.16
CA SER C 434 12.96 -34.99 -24.73
C SER C 434 12.06 -36.08 -24.16
N LEU C 435 11.02 -35.70 -23.41
CA LEU C 435 10.11 -36.69 -22.86
C LEU C 435 9.23 -37.32 -23.94
N VAL C 436 8.88 -36.55 -24.97
CA VAL C 436 8.12 -37.11 -26.09
C VAL C 436 8.96 -38.12 -26.86
N LEU C 437 10.25 -37.79 -27.10
CA LEU C 437 11.13 -38.73 -27.78
C LEU C 437 11.43 -39.95 -26.93
N LEU C 438 11.52 -39.76 -25.61
CA LEU C 438 11.70 -40.90 -24.70
C LEU C 438 10.48 -41.80 -24.72
N THR C 439 9.27 -41.21 -24.79
CA THR C 439 8.06 -42.02 -24.91
C THR C 439 8.00 -42.74 -26.25
N MET C 440 8.51 -42.13 -27.32
CA MET C 440 8.60 -42.82 -28.60
C MET C 440 9.55 -44.01 -28.53
N VAL C 441 10.69 -43.84 -27.84
CA VAL C 441 11.64 -44.93 -27.67
C VAL C 441 11.04 -46.05 -26.84
N MET C 442 10.30 -45.70 -25.77
CA MET C 442 9.67 -46.71 -24.92
C MET C 442 8.53 -47.42 -25.65
N ARG C 443 7.85 -46.70 -26.56
CA ARG C 443 6.79 -47.33 -27.36
C ARG C 443 7.38 -48.29 -28.37
N LEU C 444 8.50 -47.93 -28.99
CA LEU C 444 9.10 -48.80 -30.00
C LEU C 444 9.79 -50.00 -29.36
N THR C 445 10.35 -49.84 -28.17
CA THR C 445 11.09 -50.91 -27.51
C THR C 445 10.24 -51.70 -26.53
N ASN C 446 8.93 -51.46 -26.49
CA ASN C 446 7.95 -52.16 -25.64
C ASN C 446 8.30 -52.05 -24.16
N MET C 447 8.79 -50.88 -23.75
CA MET C 447 9.02 -50.64 -22.34
C MET C 447 7.71 -50.29 -21.65
N ASN C 448 7.58 -50.72 -20.40
CA ASN C 448 6.39 -50.50 -19.61
C ASN C 448 6.59 -49.31 -18.68
N GLY C 449 5.56 -48.49 -18.56
CA GLY C 449 5.64 -47.31 -17.72
C GLY C 449 5.70 -46.01 -18.49
N GLU C 450 4.95 -45.92 -19.60
CA GLU C 450 4.92 -44.70 -20.40
C GLU C 450 4.14 -43.57 -19.75
N VAL C 451 3.41 -43.87 -18.66
CA VAL C 451 2.67 -42.83 -17.94
C VAL C 451 3.64 -41.86 -17.28
N VAL C 452 4.78 -42.35 -16.82
CA VAL C 452 5.76 -41.47 -16.16
C VAL C 452 6.36 -40.42 -17.09
N PRO C 453 6.76 -40.74 -18.34
CA PRO C 453 7.11 -39.62 -19.23
C PRO C 453 5.90 -38.89 -19.79
N LEU C 454 4.76 -39.56 -19.97
CA LEU C 454 3.62 -38.93 -20.65
C LEU C 454 2.94 -37.87 -19.78
N SER C 455 2.79 -38.12 -18.47
CA SER C 455 2.19 -37.13 -17.59
C SER C 455 3.08 -35.91 -17.43
N PHE C 456 4.40 -36.15 -17.32
CA PHE C 456 5.37 -35.06 -17.29
C PHE C 456 5.34 -34.25 -18.58
N ALA C 457 5.23 -34.93 -19.72
CA ALA C 457 5.18 -34.26 -21.01
C ALA C 457 3.90 -33.45 -21.17
N LEU C 458 2.77 -33.96 -20.70
CA LEU C 458 1.52 -33.22 -20.78
C LEU C 458 1.54 -31.98 -19.90
N VAL C 459 2.04 -32.11 -18.68
CA VAL C 459 2.11 -30.97 -17.75
C VAL C 459 3.08 -29.90 -18.29
N LEU C 460 4.24 -30.33 -18.80
CA LEU C 460 5.20 -29.37 -19.31
C LEU C 460 4.76 -28.76 -20.64
N GLY C 461 4.10 -29.54 -21.50
CA GLY C 461 3.69 -29.01 -22.79
C GLY C 461 2.53 -28.05 -22.68
N TRP C 462 1.59 -28.31 -21.79
CA TRP C 462 0.50 -27.35 -21.62
C TRP C 462 0.91 -26.12 -20.83
N CYS C 463 1.88 -26.23 -19.93
CA CYS C 463 2.37 -25.04 -19.24
C CYS C 463 3.33 -24.23 -20.09
N SER C 464 3.74 -24.74 -21.25
CA SER C 464 4.59 -23.99 -22.18
C SER C 464 3.78 -23.17 -23.17
N VAL C 465 2.45 -23.12 -23.01
CA VAL C 465 1.59 -22.28 -23.84
C VAL C 465 1.50 -20.92 -23.15
N MET C 466 2.05 -20.83 -21.94
CA MET C 466 2.20 -19.55 -21.26
C MET C 466 3.29 -18.67 -21.86
N TYR C 467 4.10 -19.21 -22.77
CA TYR C 467 5.05 -18.38 -23.50
C TYR C 467 4.33 -17.35 -24.36
N PHE C 468 3.32 -17.81 -25.10
CA PHE C 468 2.56 -16.95 -26.01
C PHE C 468 1.73 -15.90 -25.29
N ALA C 469 1.54 -16.04 -23.98
CA ALA C 469 0.96 -15.00 -23.14
C ALA C 469 1.78 -13.70 -23.16
N ARG C 470 3.07 -13.75 -23.50
CA ARG C 470 3.84 -12.53 -23.67
C ARG C 470 3.42 -11.71 -24.89
N GLY C 471 2.63 -12.29 -25.80
CA GLY C 471 2.15 -11.55 -26.94
C GLY C 471 0.90 -10.71 -26.67
N PHE C 472 0.38 -10.74 -25.45
CA PHE C 472 -0.85 -10.04 -25.11
C PHE C 472 -0.64 -9.23 -23.85
N GLN C 473 -1.22 -8.03 -23.80
CA GLN C 473 -1.02 -7.14 -22.66
C GLN C 473 -1.75 -7.62 -21.42
N MET C 474 -2.82 -8.37 -21.62
CA MET C 474 -3.62 -8.83 -20.47
C MET C 474 -2.94 -10.00 -19.80
N LEU C 475 -2.11 -10.74 -20.51
CA LEU C 475 -1.53 -11.98 -20.01
C LEU C 475 -0.02 -11.93 -19.82
N GLY C 476 0.66 -10.96 -20.41
CA GLY C 476 2.10 -10.86 -20.31
C GLY C 476 2.65 -10.55 -18.92
N PRO C 477 2.29 -9.39 -18.37
CA PRO C 477 2.74 -9.03 -17.01
C PRO C 477 2.30 -10.02 -15.93
N PHE C 478 1.14 -10.64 -16.07
CA PHE C 478 0.72 -11.63 -15.08
C PHE C 478 1.62 -12.87 -15.14
N THR C 479 2.03 -13.27 -16.34
CA THR C 479 2.96 -14.39 -16.49
C THR C 479 4.35 -14.05 -15.94
N ILE C 480 4.82 -12.81 -16.14
CA ILE C 480 6.07 -12.37 -15.54
C ILE C 480 5.96 -12.36 -14.02
N MET C 481 4.78 -11.98 -13.52
CA MET C 481 4.55 -11.99 -12.05
C MET C 481 4.65 -13.43 -11.55
N ILE C 482 4.01 -14.38 -12.25
CA ILE C 482 4.05 -15.78 -11.84
C ILE C 482 5.50 -16.28 -11.81
N GLN C 483 6.30 -15.88 -12.79
CA GLN C 483 7.72 -16.23 -12.78
C GLN C 483 8.45 -15.62 -11.59
N LYS C 484 8.13 -14.38 -11.25
CA LYS C 484 8.76 -13.73 -10.10
C LYS C 484 8.32 -14.36 -8.79
N MET C 485 7.08 -14.83 -8.71
CA MET C 485 6.61 -15.46 -7.48
C MET C 485 7.19 -16.85 -7.30
N ILE C 486 7.37 -17.59 -8.40
CA ILE C 486 7.89 -18.95 -8.30
C ILE C 486 9.34 -18.96 -7.86
N PHE C 487 10.18 -18.15 -8.50
CA PHE C 487 11.60 -18.08 -8.17
C PHE C 487 11.87 -17.15 -7.00
N GLY C 488 10.83 -16.53 -6.46
CA GLY C 488 10.93 -15.64 -5.32
C GLY C 488 10.29 -16.21 -4.08
N ASP C 489 9.05 -15.78 -3.82
CA ASP C 489 8.40 -16.09 -2.54
C ASP C 489 8.03 -17.56 -2.42
N LEU C 490 7.81 -18.25 -3.54
CA LEU C 490 7.40 -19.65 -3.47
C LEU C 490 8.53 -20.54 -2.97
N MET C 491 9.76 -20.29 -3.41
CA MET C 491 10.89 -21.10 -2.97
C MET C 491 11.22 -20.85 -1.50
N ARG C 492 11.19 -19.58 -1.07
CA ARG C 492 11.49 -19.28 0.32
C ARG C 492 10.36 -19.71 1.24
N PHE C 493 9.14 -19.84 0.70
CA PHE C 493 8.06 -20.44 1.47
C PHE C 493 8.23 -21.95 1.56
N CYS C 494 8.62 -22.58 0.45
CA CYS C 494 8.74 -24.04 0.39
C CYS C 494 9.91 -24.56 1.23
N TRP C 495 10.97 -23.77 1.38
CA TRP C 495 12.11 -24.23 2.18
C TRP C 495 11.75 -24.36 3.65
N LEU C 496 10.88 -23.47 4.17
CA LEU C 496 10.44 -23.60 5.55
C LEU C 496 9.25 -24.52 5.67
N MET C 497 8.41 -24.58 4.63
CA MET C 497 7.30 -25.53 4.60
C MET C 497 7.80 -26.96 4.60
N ALA C 498 8.95 -27.23 3.98
CA ALA C 498 9.54 -28.57 4.01
C ALA C 498 9.93 -28.97 5.43
N VAL C 499 10.43 -28.05 6.24
CA VAL C 499 10.86 -28.35 7.65
C VAL C 499 9.64 -28.45 8.54
N VAL C 500 8.54 -27.80 8.18
CA VAL C 500 7.30 -28.00 8.94
C VAL C 500 6.67 -29.34 8.59
N ILE C 501 6.60 -29.70 7.33
CA ILE C 501 6.09 -31.05 6.97
C ILE C 501 7.00 -32.11 7.58
N LEU C 502 8.33 -32.02 7.46
CA LEU C 502 9.18 -33.06 8.02
C LEU C 502 9.03 -33.20 9.53
N GLY C 503 8.70 -32.12 10.24
CA GLY C 503 8.41 -32.28 11.66
C GLY C 503 7.07 -32.92 11.93
N PHE C 504 6.02 -32.36 11.33
CA PHE C 504 4.68 -32.82 11.67
C PHE C 504 4.33 -34.16 11.03
N ALA C 505 4.99 -34.52 9.93
CA ALA C 505 4.82 -35.86 9.36
C ALA C 505 5.34 -36.92 10.31
N SER C 506 6.52 -36.69 10.88
CA SER C 506 7.09 -37.61 11.86
C SER C 506 6.24 -37.69 13.11
N ALA C 507 5.76 -36.53 13.60
CA ALA C 507 4.91 -36.52 14.79
C ALA C 507 3.58 -37.24 14.55
N PHE C 508 2.94 -36.97 13.40
CA PHE C 508 1.67 -37.61 13.06
C PHE C 508 1.84 -39.10 12.80
N HIS C 509 3.01 -39.50 12.29
CA HIS C 509 3.25 -40.92 12.05
C HIS C 509 3.49 -41.67 13.34
N ILE C 510 4.24 -41.09 14.28
CA ILE C 510 4.53 -41.82 15.50
C ILE C 510 3.35 -41.77 16.46
N THR C 511 2.43 -40.81 16.31
CA THR C 511 1.23 -40.84 17.12
C THR C 511 0.28 -41.95 16.65
N PHE C 512 0.29 -42.25 15.36
CA PHE C 512 -0.55 -43.30 14.79
C PHE C 512 0.24 -44.55 14.46
N GLN C 513 1.35 -44.82 15.12
CA GLN C 513 2.15 -46.00 14.77
C GLN C 513 1.68 -47.12 15.65
N THR C 514 0.90 -46.81 16.69
CA THR C 514 0.36 -47.84 17.56
C THR C 514 -1.14 -48.04 17.36
N GLU C 515 -1.70 -47.46 16.30
CA GLU C 515 -3.13 -47.49 16.06
C GLU C 515 -3.41 -48.34 14.83
N ASP C 516 -4.66 -48.74 14.65
CA ASP C 516 -5.03 -49.63 13.51
C ASP C 516 -5.12 -48.76 12.28
N PRO C 517 -4.46 -49.12 11.18
CA PRO C 517 -4.43 -48.28 9.97
C PRO C 517 -5.75 -48.24 9.23
N ASN C 518 -6.68 -49.15 9.52
CA ASN C 518 -7.95 -49.17 8.80
C ASN C 518 -8.87 -48.05 9.25
N ASN C 519 -8.78 -47.66 10.52
CA ASN C 519 -9.67 -46.63 11.04
C ASN C 519 -9.22 -45.24 10.61
N LEU C 520 -7.91 -44.98 10.62
CA LEU C 520 -7.36 -43.69 10.18
C LEU C 520 -6.10 -43.98 9.39
N GLY C 521 -6.24 -44.07 8.07
CA GLY C 521 -5.15 -44.41 7.18
C GLY C 521 -4.37 -43.24 6.61
N GLU C 522 -4.60 -42.03 7.11
CA GLU C 522 -3.84 -40.87 6.63
C GLU C 522 -2.37 -40.95 7.00
N PHE C 523 -2.06 -41.42 8.21
CA PHE C 523 -0.69 -41.57 8.68
C PHE C 523 -0.48 -43.04 9.07
N SER C 524 -0.14 -43.87 8.08
CA SER C 524 0.12 -45.27 8.31
C SER C 524 1.53 -45.68 7.87
N ASP C 525 2.07 -45.03 6.85
CA ASP C 525 3.47 -45.15 6.48
C ASP C 525 4.06 -43.75 6.44
N TYR C 526 5.37 -43.67 6.59
CA TYR C 526 6.04 -42.36 6.58
C TYR C 526 5.92 -41.62 5.24
N PRO C 527 6.04 -42.25 4.05
CA PRO C 527 5.68 -41.50 2.83
C PRO C 527 4.23 -41.05 2.77
N THR C 528 3.30 -41.89 3.24
CA THR C 528 1.90 -41.49 3.27
C THR C 528 1.66 -40.41 4.32
N ALA C 529 2.40 -40.45 5.42
CA ALA C 529 2.31 -39.38 6.42
C ALA C 529 2.85 -38.06 5.87
N LEU C 530 3.93 -38.12 5.10
CA LEU C 530 4.48 -36.94 4.45
C LEU C 530 3.50 -36.33 3.45
N PHE C 531 2.90 -37.17 2.60
CA PHE C 531 1.96 -36.67 1.60
C PHE C 531 0.67 -36.16 2.26
N SER C 532 0.22 -36.85 3.32
CA SER C 532 -0.99 -36.44 4.02
C SER C 532 -0.80 -35.11 4.73
N THR C 533 0.36 -34.91 5.38
CA THR C 533 0.56 -33.64 6.05
C THR C 533 0.91 -32.52 5.06
N PHE C 534 1.42 -32.87 3.87
CA PHE C 534 1.59 -31.87 2.82
C PHE C 534 0.24 -31.41 2.29
N GLU C 535 -0.70 -32.34 2.16
CA GLU C 535 -2.06 -31.97 1.78
C GLU C 535 -2.76 -31.21 2.91
N LEU C 536 -2.44 -31.53 4.16
CA LEU C 536 -3.06 -30.85 5.30
C LEU C 536 -2.48 -29.44 5.50
N PHE C 537 -1.26 -29.20 5.01
CA PHE C 537 -0.70 -27.86 5.03
C PHE C 537 -1.52 -26.91 4.16
N LEU C 538 -1.87 -27.36 2.95
CA LEU C 538 -2.56 -26.53 1.98
C LEU C 538 -4.08 -26.64 2.09
N THR C 539 -4.57 -27.41 3.07
CA THR C 539 -5.99 -27.63 3.35
C THR C 539 -6.75 -28.15 2.13
N ILE C 540 -6.10 -29.00 1.33
CA ILE C 540 -6.78 -29.60 0.18
C ILE C 540 -7.43 -30.92 0.52
N ILE C 541 -7.12 -31.50 1.68
CA ILE C 541 -7.87 -32.63 2.21
C ILE C 541 -8.38 -32.25 3.59
N ASP C 542 -9.40 -32.96 4.06
CA ASP C 542 -9.97 -32.72 5.36
C ASP C 542 -9.03 -33.23 6.44
N GLY C 543 -9.16 -32.67 7.64
CA GLY C 543 -8.47 -33.18 8.80
C GLY C 543 -8.94 -34.58 9.12
N PRO C 544 -8.02 -35.47 9.46
CA PRO C 544 -8.39 -36.86 9.75
C PRO C 544 -9.17 -36.96 11.05
N ALA C 545 -10.43 -37.37 10.94
CA ALA C 545 -11.30 -37.40 12.11
C ALA C 545 -12.31 -38.51 11.94
N ASN C 546 -12.13 -39.59 12.68
CA ASN C 546 -13.09 -40.68 12.76
C ASN C 546 -13.77 -40.59 14.11
N TYR C 547 -15.05 -40.19 14.12
CA TYR C 547 -15.77 -39.90 15.35
C TYR C 547 -16.39 -41.14 15.97
N SER C 548 -16.23 -42.30 15.34
CA SER C 548 -16.72 -43.55 15.89
C SER C 548 -15.66 -44.31 16.68
N VAL C 549 -14.42 -43.80 16.73
CA VAL C 549 -13.32 -44.44 17.44
C VAL C 549 -12.63 -43.40 18.32
N ASP C 550 -11.75 -43.90 19.17
CA ASP C 550 -11.04 -43.01 20.13
C ASP C 550 -9.64 -42.74 19.62
N LEU C 551 -9.45 -41.59 18.97
CA LEU C 551 -8.14 -41.17 18.49
C LEU C 551 -7.25 -40.78 19.66
N PRO C 552 -5.92 -40.85 19.48
CA PRO C 552 -5.02 -40.36 20.54
C PRO C 552 -5.17 -38.87 20.79
N PHE C 553 -4.98 -38.47 22.05
CA PHE C 553 -5.03 -37.05 22.40
C PHE C 553 -3.82 -36.31 21.87
N MET C 554 -2.70 -37.02 21.69
CA MET C 554 -1.51 -36.42 21.10
C MET C 554 -1.73 -36.00 19.67
N TYR C 555 -2.56 -36.74 18.92
CA TYR C 555 -2.95 -36.30 17.60
C TYR C 555 -3.73 -34.98 17.66
N CYS C 556 -4.62 -34.84 18.65
CA CYS C 556 -5.38 -33.61 18.79
C CYS C 556 -4.48 -32.42 19.12
N ILE C 557 -3.51 -32.62 20.03
CA ILE C 557 -2.58 -31.55 20.41
C ILE C 557 -1.69 -31.17 19.23
N THR C 558 -1.11 -32.19 18.55
CA THR C 558 -0.21 -31.92 17.44
C THR C 558 -0.94 -31.33 16.25
N TYR C 559 -2.19 -31.76 16.00
CA TYR C 559 -2.93 -31.24 14.87
C TYR C 559 -3.47 -29.84 15.17
N ALA C 560 -3.76 -29.53 16.43
CA ALA C 560 -4.11 -28.16 16.78
C ALA C 560 -2.92 -27.21 16.60
N ALA C 561 -1.72 -27.66 17.01
CA ALA C 561 -0.52 -26.86 16.77
C ALA C 561 -0.22 -26.72 15.28
N PHE C 562 -0.42 -27.80 14.52
CA PHE C 562 -0.23 -27.77 13.07
C PHE C 562 -1.23 -26.84 12.39
N ALA C 563 -2.48 -26.84 12.85
CA ALA C 563 -3.49 -25.97 12.28
C ALA C 563 -3.22 -24.51 12.62
N ILE C 564 -2.62 -24.26 13.78
CA ILE C 564 -2.26 -22.89 14.13
C ILE C 564 -1.08 -22.40 13.29
N ILE C 565 0.00 -23.18 13.22
CA ILE C 565 1.23 -22.61 12.69
C ILE C 565 1.35 -22.81 11.17
N ALA C 566 0.57 -23.73 10.61
CA ALA C 566 0.69 -23.95 9.17
C ALA C 566 -0.53 -23.41 8.41
N THR C 567 -1.72 -23.85 8.81
CA THR C 567 -2.94 -23.42 8.13
C THR C 567 -3.23 -21.94 8.39
N LEU C 568 -3.20 -21.53 9.65
CA LEU C 568 -3.55 -20.16 9.99
C LEU C 568 -2.39 -19.21 9.74
N LEU C 569 -1.20 -19.56 10.19
CA LEU C 569 -0.07 -18.63 10.16
C LEU C 569 0.58 -18.56 8.78
N MET C 570 1.15 -19.69 8.33
CA MET C 570 2.04 -19.64 7.17
C MET C 570 1.26 -19.57 5.86
N LEU C 571 0.11 -20.24 5.80
CA LEU C 571 -0.67 -20.27 4.56
C LEU C 571 -1.27 -18.90 4.25
N ASN C 572 -1.60 -18.13 5.29
CA ASN C 572 -2.04 -16.75 5.12
C ASN C 572 -0.88 -15.78 5.02
N LEU C 573 0.25 -16.09 5.64
CA LEU C 573 1.44 -15.25 5.52
C LEU C 573 2.04 -15.33 4.12
N PHE C 574 1.83 -16.44 3.42
CA PHE C 574 2.22 -16.52 2.01
C PHE C 574 1.39 -15.56 1.16
N ILE C 575 0.09 -15.47 1.45
CA ILE C 575 -0.78 -14.50 0.75
C ILE C 575 -0.35 -13.08 1.07
N ALA C 576 -0.03 -12.82 2.34
CA ALA C 576 0.41 -11.48 2.74
C ALA C 576 1.74 -11.11 2.11
N MET C 577 2.66 -12.06 1.99
CA MET C 577 4.00 -11.82 1.41
C MET C 577 3.86 -11.65 -0.09
N MET C 578 2.96 -12.38 -0.75
CA MET C 578 2.70 -12.17 -2.17
C MET C 578 2.07 -10.81 -2.42
N GLY C 579 1.14 -10.39 -1.56
CA GLY C 579 0.56 -9.07 -1.70
C GLY C 579 1.55 -7.95 -1.45
N ASP C 580 2.50 -8.18 -0.54
CA ASP C 580 3.53 -7.19 -0.28
C ASP C 580 4.53 -7.10 -1.43
N THR C 581 4.91 -8.23 -2.02
CA THR C 581 5.88 -8.24 -3.11
C THR C 581 5.23 -8.15 -4.48
N HIS C 582 3.91 -7.96 -4.53
CA HIS C 582 3.26 -7.65 -5.79
C HIS C 582 3.35 -6.18 -6.17
N TRP C 583 3.10 -5.29 -5.21
CA TRP C 583 3.14 -3.86 -5.53
C TRP C 583 4.57 -3.33 -5.57
N ARG C 584 5.52 -4.03 -4.93
CA ARG C 584 6.91 -3.58 -4.97
C ARG C 584 7.54 -3.83 -6.33
N VAL C 585 7.21 -4.96 -6.95
CA VAL C 585 7.77 -5.34 -8.25
C VAL C 585 6.74 -5.18 -9.36
N ALA C 586 5.73 -4.32 -9.18
CA ALA C 586 4.72 -4.13 -10.22
C ALA C 586 5.25 -3.31 -11.37
N GLN C 587 6.00 -2.24 -11.08
CA GLN C 587 6.59 -1.43 -12.13
C GLN C 587 7.65 -2.21 -12.90
N GLU C 588 8.44 -3.02 -12.19
CA GLU C 588 9.41 -3.87 -12.85
C GLU C 588 8.74 -4.95 -13.69
N ARG C 589 7.58 -5.45 -13.23
CA ARG C 589 6.79 -6.39 -14.01
C ARG C 589 6.27 -5.75 -15.30
N ASP C 590 5.92 -4.49 -15.39
CA ASP C 590 5.40 -4.04 -16.71
C ASP C 590 6.54 -3.83 -17.71
N GLU C 591 7.69 -3.36 -17.25
CA GLU C 591 8.84 -3.03 -18.12
C GLU C 591 9.44 -4.29 -18.70
N LEU C 592 9.52 -5.32 -17.89
CA LEU C 592 10.07 -6.61 -18.36
C LEU C 592 9.16 -7.12 -19.47
N TRP C 593 7.84 -6.95 -19.37
CA TRP C 593 6.94 -7.36 -20.47
C TRP C 593 7.16 -6.50 -21.70
N ARG C 594 7.27 -5.21 -21.50
CA ARG C 594 7.41 -4.42 -22.73
C ARG C 594 8.68 -4.89 -23.42
N ALA C 595 9.72 -5.27 -22.67
CA ALA C 595 10.92 -5.80 -23.36
C ALA C 595 10.65 -7.16 -23.99
N GLN C 596 10.04 -8.09 -23.28
CA GLN C 596 9.66 -9.41 -23.81
C GLN C 596 8.93 -9.26 -25.11
N VAL C 597 8.25 -8.14 -25.37
CA VAL C 597 7.58 -8.06 -26.72
C VAL C 597 8.53 -7.49 -27.78
N VAL C 598 9.78 -7.17 -27.45
CA VAL C 598 10.81 -6.63 -28.37
C VAL C 598 11.76 -7.76 -28.66
N ALA C 599 11.73 -8.81 -27.84
CA ALA C 599 12.61 -9.98 -28.03
C ALA C 599 11.84 -11.02 -28.81
N THR C 600 10.52 -10.97 -28.75
CA THR C 600 9.69 -11.89 -29.54
C THR C 600 9.74 -11.40 -30.97
N THR C 601 9.81 -10.09 -31.18
CA THR C 601 9.89 -9.53 -32.55
C THR C 601 11.29 -9.78 -33.09
N VAL C 602 12.31 -9.58 -32.28
CA VAL C 602 13.73 -9.72 -32.73
C VAL C 602 14.08 -11.19 -32.93
N MET C 603 13.29 -12.14 -32.42
CA MET C 603 13.54 -13.57 -32.68
C MET C 603 12.79 -13.91 -33.96
N LEU C 604 11.51 -13.64 -33.97
CA LEU C 604 10.68 -13.94 -35.15
C LEU C 604 11.35 -13.31 -36.36
N GLU C 605 11.91 -12.10 -36.27
CA GLU C 605 12.57 -11.58 -37.46
C GLU C 605 13.80 -12.40 -37.82
N ARG C 606 14.47 -12.95 -36.81
CA ARG C 606 15.66 -13.75 -37.08
C ARG C 606 15.32 -15.13 -37.63
N LYS C 607 14.30 -15.78 -37.05
CA LYS C 607 14.08 -17.19 -37.34
C LYS C 607 13.18 -17.42 -38.55
N MET C 608 12.15 -16.59 -38.72
CA MET C 608 11.23 -16.76 -39.83
C MET C 608 11.90 -16.36 -41.15
N PRO C 609 11.42 -16.88 -42.28
CA PRO C 609 12.04 -16.52 -43.57
C PRO C 609 11.84 -15.06 -43.93
N ARG C 610 12.68 -14.58 -44.86
CA ARG C 610 12.77 -13.16 -45.13
C ARG C 610 11.57 -12.65 -45.92
N PHE C 611 10.90 -13.52 -46.68
CA PHE C 611 9.76 -13.08 -47.47
C PHE C 611 8.55 -12.77 -46.61
N LEU C 612 8.50 -13.29 -45.39
CA LEU C 612 7.44 -12.95 -44.44
C LEU C 612 7.77 -11.72 -43.61
N TRP C 613 9.04 -11.33 -43.52
CA TRP C 613 9.48 -10.17 -42.75
C TRP C 613 10.16 -9.19 -43.69
N PRO C 614 9.41 -8.25 -44.27
CA PRO C 614 10.02 -7.21 -45.09
C PRO C 614 10.86 -6.26 -44.25
N ARG C 615 11.82 -5.61 -44.90
CA ARG C 615 12.72 -4.69 -44.20
C ARG C 615 11.95 -3.46 -43.75
N SER C 616 12.14 -3.09 -42.48
CA SER C 616 11.40 -2.03 -41.85
C SER C 616 12.08 -0.69 -42.06
N GLY C 617 11.29 0.33 -42.34
CA GLY C 617 11.78 1.67 -42.58
C GLY C 617 11.44 2.16 -43.97
N ILE C 618 12.00 3.32 -44.31
CA ILE C 618 11.76 3.96 -45.59
C ILE C 618 13.06 3.88 -46.39
N CYS C 619 12.97 3.33 -47.60
CA CYS C 619 14.16 3.12 -48.42
C CYS C 619 14.64 4.45 -48.99
N GLY C 620 15.90 4.78 -48.74
CA GLY C 620 16.43 6.06 -49.17
C GLY C 620 16.79 6.12 -50.64
N TYR C 621 16.89 4.96 -51.31
CA TYR C 621 17.26 4.96 -52.72
C TYR C 621 16.09 5.40 -53.59
N GLU C 622 14.86 5.22 -53.10
CA GLU C 622 13.68 5.67 -53.83
C GLU C 622 13.62 7.19 -53.90
N TYR C 623 14.06 7.87 -52.84
CA TYR C 623 13.98 9.32 -52.73
C TYR C 623 15.33 10.00 -52.88
N GLY C 624 16.37 9.26 -53.25
CA GLY C 624 17.67 9.85 -53.50
C GLY C 624 18.48 10.19 -52.28
N LEU C 625 18.05 9.78 -51.09
CA LEU C 625 18.79 10.08 -49.86
C LEU C 625 20.03 9.22 -49.70
N GLY C 626 20.14 8.11 -50.43
CA GLY C 626 21.32 7.27 -50.34
C GLY C 626 20.96 5.80 -50.29
N ASP C 627 21.86 4.99 -49.74
CA ASP C 627 21.63 3.56 -49.58
C ASP C 627 21.27 3.21 -48.13
N ARG C 628 20.60 4.13 -47.45
CA ARG C 628 20.26 3.96 -46.04
C ARG C 628 18.74 3.91 -45.88
N TRP C 629 18.31 3.26 -44.79
CA TRP C 629 16.91 3.12 -44.46
C TRP C 629 16.60 3.97 -43.24
N PHE C 630 15.53 4.76 -43.33
CA PHE C 630 15.19 5.76 -42.33
C PHE C 630 13.84 5.45 -41.70
N LEU C 631 13.59 6.09 -40.56
CA LEU C 631 12.31 6.02 -39.88
C LEU C 631 11.84 7.45 -39.62
N ARG C 632 10.62 7.76 -40.05
CA ARG C 632 10.08 9.11 -39.90
C ARG C 632 9.20 9.16 -38.66
N VAL C 633 9.52 10.07 -37.75
CA VAL C 633 8.76 10.26 -36.52
C VAL C 633 8.22 11.67 -36.52
N GLU C 634 6.89 11.79 -36.46
CA GLU C 634 6.22 13.08 -36.37
C GLU C 634 5.69 13.26 -34.95
N ASN C 635 6.13 14.33 -34.28
CA ASN C 635 5.81 14.50 -32.87
C ASN C 635 5.36 15.92 -32.60
N HIS C 636 4.54 16.06 -31.56
CA HIS C 636 3.92 17.33 -31.16
C HIS C 636 4.79 17.96 -30.08
N HIS C 637 5.68 18.86 -30.48
CA HIS C 637 6.60 19.46 -29.52
C HIS C 637 6.00 20.67 -28.84
N ASP C 638 4.81 21.10 -29.28
CA ASP C 638 4.05 22.24 -28.75
C ASP C 638 4.84 23.55 -28.76
N TRP D 29 -3.25 6.67 -42.90
CA TRP D 29 -2.32 5.55 -42.96
C TRP D 29 -0.88 6.04 -42.84
N GLU D 30 -0.12 5.38 -41.98
CA GLU D 30 1.21 5.85 -41.59
C GLU D 30 2.22 5.76 -42.72
N GLN D 31 2.23 4.63 -43.44
CA GLN D 31 3.22 4.44 -44.51
C GLN D 31 2.93 5.34 -45.70
N TYR D 32 1.65 5.61 -45.96
CA TYR D 32 1.29 6.56 -47.02
C TYR D 32 1.75 7.97 -46.67
N ARG D 33 1.59 8.38 -45.41
CA ARG D 33 2.06 9.71 -45.01
C ARG D 33 3.57 9.81 -45.00
N ASP D 34 4.26 8.71 -44.64
CA ASP D 34 5.72 8.69 -44.72
C ASP D 34 6.20 8.81 -46.17
N ARG D 35 5.53 8.09 -47.08
CA ARG D 35 5.83 8.21 -48.50
C ARG D 35 5.55 9.61 -49.03
N VAL D 36 4.45 10.22 -48.57
CA VAL D 36 4.08 11.57 -49.00
C VAL D 36 5.11 12.59 -48.54
N ASN D 37 5.56 12.49 -47.28
CA ASN D 37 6.54 13.43 -46.76
C ASN D 37 7.90 13.23 -47.43
N MET D 38 8.30 11.98 -47.67
CA MET D 38 9.56 11.71 -48.36
C MET D 38 9.53 12.21 -49.80
N LEU D 39 8.39 12.04 -50.49
CA LEU D 39 8.26 12.51 -51.86
C LEU D 39 8.23 14.04 -51.90
N GLN D 40 7.63 14.68 -50.90
CA GLN D 40 7.61 16.13 -50.81
C GLN D 40 9.01 16.69 -50.62
N GLN D 41 9.79 16.08 -49.72
CA GLN D 41 11.17 16.50 -49.54
C GLN D 41 12.04 16.21 -50.75
N GLU D 42 11.77 15.11 -51.47
CA GLU D 42 12.49 14.83 -52.71
C GLU D 42 12.17 15.87 -53.79
N ARG D 43 10.92 16.30 -53.90
CA ARG D 43 10.65 17.33 -54.92
C ARG D 43 11.29 18.64 -54.48
N ILE D 44 11.25 18.93 -53.18
CA ILE D 44 11.93 20.15 -52.75
C ILE D 44 13.41 20.10 -53.12
N ARG D 45 14.06 18.96 -52.88
CA ARG D 45 15.48 18.81 -53.20
C ARG D 45 15.78 18.76 -54.69
N ASP D 46 14.81 18.36 -55.52
CA ASP D 46 15.01 18.25 -56.96
C ASP D 46 14.53 19.48 -57.72
N SER D 47 14.13 20.54 -57.02
CA SER D 47 13.70 21.77 -57.65
C SER D 47 14.59 22.90 -57.12
N PRO D 48 15.25 23.68 -57.98
CA PRO D 48 16.11 24.76 -57.47
C PRO D 48 15.33 25.89 -56.82
N LEU D 49 14.13 26.18 -57.31
CA LEU D 49 13.30 27.24 -56.70
C LEU D 49 12.81 26.82 -55.33
N LEU D 50 12.38 25.56 -55.19
CA LEU D 50 11.90 25.06 -53.90
C LEU D 50 13.04 24.93 -52.91
N GLN D 51 14.23 24.50 -53.36
CA GLN D 51 15.38 24.43 -52.48
C GLN D 51 15.86 25.81 -52.06
N ALA D 52 15.77 26.78 -52.98
CA ALA D 52 16.14 28.16 -52.63
C ALA D 52 15.14 28.77 -51.66
N ALA D 53 13.87 28.42 -51.78
CA ALA D 53 12.87 28.87 -50.82
C ALA D 53 13.06 28.21 -49.46
N LYS D 54 13.49 26.94 -49.45
CA LYS D 54 13.73 26.24 -48.20
C LYS D 54 14.95 26.77 -47.46
N GLU D 55 16.07 26.94 -48.18
CA GLU D 55 17.32 27.33 -47.56
C GLU D 55 17.50 28.84 -47.45
N ASN D 56 16.52 29.62 -47.93
CA ASN D 56 16.54 31.09 -47.97
C ASN D 56 17.77 31.63 -48.71
N ASP D 57 18.11 30.98 -49.82
CA ASP D 57 19.23 31.41 -50.66
C ASP D 57 18.73 32.51 -51.59
N LEU D 58 19.00 33.76 -51.20
CA LEU D 58 18.43 34.90 -51.91
C LEU D 58 19.13 35.14 -53.23
N ARG D 59 20.41 34.79 -53.34
CA ARG D 59 21.14 34.97 -54.59
C ARG D 59 20.62 34.04 -55.68
N LEU D 60 20.45 32.75 -55.34
CA LEU D 60 19.87 31.79 -56.27
C LEU D 60 18.42 32.13 -56.59
N LEU D 61 17.70 32.70 -55.61
CA LEU D 61 16.34 33.16 -55.84
C LEU D 61 16.30 34.29 -56.85
N LYS D 62 17.21 35.25 -56.74
CA LYS D 62 17.26 36.36 -57.71
C LYS D 62 17.63 35.85 -59.10
N ILE D 63 18.55 34.89 -59.17
CA ILE D 63 18.95 34.30 -60.44
C ILE D 63 17.77 33.56 -61.08
N LEU D 64 17.02 32.80 -60.28
CA LEU D 64 15.91 32.01 -60.83
C LEU D 64 14.72 32.89 -61.21
N LEU D 65 14.44 33.93 -60.42
CA LEU D 65 13.32 34.80 -60.74
C LEU D 65 13.67 35.76 -61.88
N LEU D 66 14.96 35.98 -62.13
CA LEU D 66 15.36 36.73 -63.33
C LEU D 66 15.09 35.93 -64.60
N ASN D 67 15.30 34.62 -64.55
CA ASN D 67 15.06 33.78 -65.71
C ASN D 67 13.57 33.55 -65.91
N GLN D 68 13.09 33.79 -67.13
CA GLN D 68 11.65 33.65 -67.40
C GLN D 68 11.27 32.20 -67.68
N SER D 69 12.26 31.35 -67.94
CA SER D 69 11.95 29.95 -68.25
C SER D 69 11.58 29.18 -66.98
N CYS D 70 12.04 29.66 -65.82
CA CYS D 70 11.67 29.04 -64.55
C CYS D 70 10.21 29.31 -64.24
N ASP D 71 9.45 28.25 -64.03
CA ASP D 71 8.01 28.35 -63.78
C ASP D 71 7.78 28.81 -62.36
N PHE D 72 7.02 29.89 -62.19
CA PHE D 72 6.67 30.35 -60.86
C PHE D 72 5.59 29.48 -60.22
N GLN D 73 4.84 28.74 -61.02
CA GLN D 73 3.80 27.85 -60.55
C GLN D 73 4.27 26.40 -60.44
N GLN D 74 5.53 26.20 -60.05
CA GLN D 74 6.05 24.83 -59.85
C GLN D 74 5.33 24.21 -58.66
N ARG D 75 4.88 22.97 -58.79
CA ARG D 75 4.20 22.27 -57.72
C ARG D 75 5.03 21.09 -57.24
N GLY D 76 5.00 20.85 -55.93
CA GLY D 76 5.71 19.74 -55.33
C GLY D 76 4.90 18.46 -55.40
N ALA D 77 5.25 17.53 -54.51
CA ALA D 77 4.57 16.24 -54.49
C ALA D 77 3.17 16.36 -53.90
N VAL D 78 2.96 17.34 -53.02
CA VAL D 78 1.65 17.55 -52.42
C VAL D 78 0.96 18.71 -53.10
N GLY D 79 1.50 19.15 -54.23
CA GLY D 79 0.95 20.29 -54.93
C GLY D 79 1.32 21.63 -54.35
N GLU D 80 2.28 21.67 -53.43
CA GLU D 80 2.67 22.92 -52.80
C GLU D 80 3.46 23.80 -53.75
N THR D 81 3.25 25.11 -53.66
CA THR D 81 4.04 26.04 -54.45
C THR D 81 5.35 26.35 -53.73
N ALA D 82 6.18 27.19 -54.37
CA ALA D 82 7.38 27.67 -53.71
C ALA D 82 7.07 28.61 -52.56
N LEU D 83 5.93 29.30 -52.63
CA LEU D 83 5.49 30.14 -51.50
C LEU D 83 5.12 29.29 -50.30
N HIS D 84 4.58 28.09 -50.55
CA HIS D 84 4.29 27.15 -49.47
C HIS D 84 5.58 26.67 -48.80
N VAL D 85 6.63 26.45 -49.59
CA VAL D 85 7.92 26.04 -49.05
C VAL D 85 8.54 27.19 -48.26
N ALA D 86 8.38 28.41 -48.75
CA ALA D 86 8.91 29.58 -48.05
C ALA D 86 8.19 29.83 -46.73
N ALA D 87 6.87 29.63 -46.71
CA ALA D 87 6.10 29.79 -45.47
C ALA D 87 6.29 28.61 -44.53
N LEU D 88 6.70 27.45 -45.08
CA LEU D 88 6.88 26.26 -44.26
C LEU D 88 8.11 26.38 -43.37
N TYR D 89 9.18 26.98 -43.88
CA TYR D 89 10.44 27.09 -43.15
C TYR D 89 10.67 28.48 -42.58
N ASP D 90 9.63 29.32 -42.55
CA ASP D 90 9.66 30.69 -42.00
C ASP D 90 10.72 31.56 -42.66
N ASN D 91 10.87 31.40 -43.98
CA ASN D 91 11.77 32.25 -44.76
C ASN D 91 10.95 33.42 -45.30
N LEU D 92 11.00 34.54 -44.54
CA LEU D 92 10.21 35.71 -44.89
C LEU D 92 10.76 36.40 -46.13
N GLU D 93 12.09 36.45 -46.27
CA GLU D 93 12.71 37.12 -47.41
C GLU D 93 12.41 36.36 -48.71
N ALA D 94 12.48 35.03 -48.66
CA ALA D 94 12.16 34.20 -49.81
C ALA D 94 10.70 34.35 -50.22
N ALA D 95 9.80 34.39 -49.23
CA ALA D 95 8.38 34.54 -49.50
C ALA D 95 8.06 35.91 -50.10
N THR D 96 8.70 36.96 -49.59
CA THR D 96 8.47 38.30 -50.12
C THR D 96 9.03 38.43 -51.54
N LEU D 97 10.17 37.79 -51.82
CA LEU D 97 10.71 37.80 -53.18
C LEU D 97 9.81 37.03 -54.14
N LEU D 98 9.26 35.91 -53.69
CA LEU D 98 8.35 35.13 -54.53
C LEU D 98 7.04 35.87 -54.79
N MET D 99 6.55 36.59 -53.79
CA MET D 99 5.32 37.35 -53.97
C MET D 99 5.55 38.60 -54.80
N GLU D 100 6.75 39.17 -54.74
CA GLU D 100 7.11 40.27 -55.63
C GLU D 100 7.20 39.81 -57.07
N ALA D 101 7.77 38.61 -57.28
CA ALA D 101 7.81 38.06 -58.64
C ALA D 101 6.44 37.58 -59.09
N ALA D 102 5.68 36.95 -58.19
CA ALA D 102 4.37 36.39 -58.52
C ALA D 102 3.44 36.57 -57.33
N PRO D 103 2.61 37.62 -57.35
CA PRO D 103 1.61 37.79 -56.28
C PRO D 103 0.53 36.73 -56.26
N GLU D 104 0.20 36.15 -57.44
CA GLU D 104 -0.90 35.20 -57.53
C GLU D 104 -0.59 33.86 -56.86
N LEU D 105 0.68 33.63 -56.49
CA LEU D 105 1.02 32.46 -55.67
C LEU D 105 0.39 32.55 -54.29
N ALA D 106 0.01 33.76 -53.85
CA ALA D 106 -0.76 33.87 -52.62
C ALA D 106 -2.16 33.28 -52.76
N LYS D 107 -2.69 33.23 -53.98
CA LYS D 107 -4.03 32.70 -54.21
C LYS D 107 -4.03 31.25 -54.66
N GLU D 108 -2.88 30.59 -54.72
CA GLU D 108 -2.81 29.23 -55.22
C GLU D 108 -2.71 28.25 -54.05
N PRO D 109 -3.69 27.37 -53.85
CA PRO D 109 -3.59 26.35 -52.81
C PRO D 109 -2.97 25.07 -53.36
N ALA D 110 -2.68 24.15 -52.44
CA ALA D 110 -2.22 22.83 -52.82
C ALA D 110 -3.40 21.98 -53.30
N LEU D 111 -3.11 21.02 -54.18
CA LEU D 111 -4.17 20.28 -54.85
C LEU D 111 -4.01 18.76 -54.77
N CYS D 112 -3.21 18.24 -53.84
CA CYS D 112 -3.07 16.80 -53.67
C CYS D 112 -3.66 16.37 -52.33
N GLU D 113 -3.92 15.06 -52.24
CA GLU D 113 -4.87 14.50 -51.28
C GLU D 113 -4.55 14.74 -49.80
N PRO D 114 -3.32 14.59 -49.28
CA PRO D 114 -3.12 14.87 -47.84
C PRO D 114 -3.23 16.35 -47.48
N PHE D 115 -3.10 17.25 -48.44
CA PHE D 115 -3.09 18.69 -48.17
C PHE D 115 -3.99 19.43 -49.16
N VAL D 116 -5.22 18.95 -49.33
CA VAL D 116 -6.18 19.62 -50.23
C VAL D 116 -6.59 20.96 -49.62
N GLY D 117 -6.39 22.04 -50.38
CA GLY D 117 -6.88 23.34 -50.03
C GLY D 117 -5.97 24.16 -49.16
N GLN D 118 -4.84 23.62 -48.73
CA GLN D 118 -3.93 24.36 -47.87
C GLN D 118 -3.20 25.42 -48.68
N THR D 119 -3.30 26.67 -48.23
CA THR D 119 -2.60 27.79 -48.85
C THR D 119 -1.38 28.16 -48.02
N ALA D 120 -0.65 29.17 -48.50
CA ALA D 120 0.50 29.67 -47.75
C ALA D 120 0.06 30.44 -46.52
N LEU D 121 -1.17 30.95 -46.52
CA LEU D 121 -1.71 31.64 -45.35
C LEU D 121 -1.88 30.69 -44.17
N HIS D 122 -2.30 29.45 -44.44
CA HIS D 122 -2.44 28.44 -43.39
C HIS D 122 -1.09 28.13 -42.74
N ILE D 123 -0.05 27.96 -43.56
CA ILE D 123 1.26 27.61 -43.03
C ILE D 123 1.90 28.81 -42.33
N ALA D 124 1.61 30.02 -42.81
CA ALA D 124 2.12 31.22 -42.16
C ALA D 124 1.44 31.44 -40.81
N VAL D 125 0.14 31.13 -40.72
CA VAL D 125 -0.59 31.27 -39.48
C VAL D 125 -0.15 30.19 -38.48
N MET D 126 0.09 28.97 -38.97
CA MET D 126 0.54 27.86 -38.12
C MET D 126 1.89 28.13 -37.49
N ASN D 127 2.80 28.75 -38.25
CA ASN D 127 4.15 29.04 -37.76
C ASN D 127 4.24 30.35 -37.02
N GLN D 128 3.12 31.07 -36.86
CA GLN D 128 3.00 32.31 -36.08
C GLN D 128 3.94 33.41 -36.58
N ASN D 129 4.05 33.54 -37.90
CA ASN D 129 4.85 34.58 -38.53
C ASN D 129 3.89 35.71 -38.90
N LEU D 130 3.80 36.72 -38.02
CA LEU D 130 2.80 37.77 -38.18
C LEU D 130 3.10 38.67 -39.37
N ASN D 131 4.39 38.94 -39.62
CA ASN D 131 4.77 39.75 -40.78
C ASN D 131 4.47 39.01 -42.08
N LEU D 132 4.62 37.68 -42.07
CA LEU D 132 4.28 36.89 -43.26
C LEU D 132 2.78 36.86 -43.50
N VAL D 133 1.98 36.85 -42.42
CA VAL D 133 0.53 36.92 -42.57
C VAL D 133 0.11 38.30 -43.10
N ARG D 134 0.79 39.36 -42.64
CA ARG D 134 0.55 40.70 -43.18
C ARG D 134 0.90 40.78 -44.66
N ALA D 135 2.03 40.18 -45.06
CA ALA D 135 2.46 40.22 -46.44
C ALA D 135 1.54 39.38 -47.33
N LEU D 136 1.04 38.26 -46.81
CA LEU D 136 0.13 37.43 -47.58
C LEU D 136 -1.24 38.07 -47.73
N LEU D 137 -1.73 38.71 -46.68
CA LEU D 137 -3.04 39.38 -46.81
C LEU D 137 -2.86 40.60 -47.72
N ALA D 138 -1.69 41.25 -47.71
CA ALA D 138 -1.47 42.38 -48.61
C ALA D 138 -1.55 41.95 -50.07
N ARG D 139 -1.09 40.74 -50.38
CA ARG D 139 -1.11 40.23 -51.73
C ARG D 139 -2.47 39.67 -52.15
N GLY D 140 -3.41 39.55 -51.21
CA GLY D 140 -4.73 39.07 -51.56
C GLY D 140 -4.95 37.58 -51.36
N ALA D 141 -4.32 36.99 -50.35
CA ALA D 141 -4.56 35.59 -50.02
C ALA D 141 -5.98 35.42 -49.47
N SER D 142 -6.61 34.31 -49.80
CA SER D 142 -7.99 34.09 -49.42
C SER D 142 -8.10 33.82 -47.92
N VAL D 143 -8.81 34.72 -47.23
CA VAL D 143 -9.04 34.56 -45.79
C VAL D 143 -10.13 33.55 -45.50
N SER D 144 -10.90 33.15 -46.52
CA SER D 144 -11.91 32.11 -46.38
C SER D 144 -11.48 30.81 -47.03
N ALA D 145 -10.19 30.63 -47.27
CA ALA D 145 -9.69 29.41 -47.89
C ALA D 145 -9.82 28.24 -46.93
N ARG D 146 -10.39 27.14 -47.42
CA ARG D 146 -10.73 25.99 -46.59
C ARG D 146 -9.81 24.84 -46.96
N ALA D 147 -9.06 24.35 -45.97
CA ALA D 147 -8.10 23.26 -46.18
C ALA D 147 -8.81 21.93 -45.90
N THR D 148 -9.45 21.39 -46.93
CA THR D 148 -10.20 20.14 -46.82
C THR D 148 -9.32 18.94 -47.17
N GLY D 149 -8.20 18.83 -46.45
CA GLY D 149 -7.26 17.74 -46.65
C GLY D 149 -7.36 16.74 -45.51
N ALA D 150 -6.75 15.57 -45.72
CA ALA D 150 -6.78 14.52 -44.71
C ALA D 150 -5.91 14.86 -43.50
N ALA D 151 -4.92 15.73 -43.66
CA ALA D 151 -4.07 16.10 -42.54
C ALA D 151 -4.71 17.14 -41.64
N PHE D 152 -5.77 17.80 -42.09
CA PHE D 152 -6.43 18.85 -41.31
C PHE D 152 -7.78 18.41 -40.75
N ARG D 153 -8.13 17.14 -40.89
CA ARG D 153 -9.38 16.61 -40.38
C ARG D 153 -9.14 15.90 -39.06
N ARG D 154 -10.18 15.85 -38.23
CA ARG D 154 -10.06 15.20 -36.93
C ARG D 154 -10.00 13.69 -37.12
N SER D 155 -8.89 13.11 -36.66
CA SER D 155 -8.59 11.70 -36.90
C SER D 155 -7.56 11.26 -35.88
N PRO D 156 -7.56 9.97 -35.51
CA PRO D 156 -6.44 9.46 -34.70
C PRO D 156 -5.11 9.46 -35.44
N HIS D 157 -5.13 9.50 -36.77
CA HIS D 157 -3.89 9.61 -37.54
C HIS D 157 -3.23 10.97 -37.32
N ASN D 158 -4.02 12.03 -37.45
CA ASN D 158 -3.51 13.42 -37.29
C ASN D 158 -3.29 13.72 -35.80
N LEU D 159 -2.21 14.41 -35.46
CA LEU D 159 -1.88 14.76 -34.08
C LEU D 159 -2.57 16.03 -33.60
N ILE D 160 -2.96 16.92 -34.51
CA ILE D 160 -3.66 18.15 -34.17
C ILE D 160 -4.91 18.27 -35.02
N TYR D 161 -5.97 18.80 -34.44
CA TYR D 161 -7.16 19.19 -35.16
C TYR D 161 -7.37 20.68 -34.90
N TYR D 162 -6.83 21.51 -35.78
CA TYR D 162 -6.91 22.96 -35.63
C TYR D 162 -7.99 23.56 -36.51
N GLY D 163 -8.72 22.75 -37.25
CA GLY D 163 -9.79 23.22 -38.10
C GLY D 163 -9.45 23.13 -39.56
N GLU D 164 -10.13 23.96 -40.36
CA GLU D 164 -9.90 24.03 -41.79
C GLU D 164 -9.73 25.45 -42.30
N HIS D 165 -9.87 26.46 -41.45
CA HIS D 165 -9.78 27.85 -41.83
C HIS D 165 -8.56 28.50 -41.18
N PRO D 166 -8.01 29.56 -41.79
CA PRO D 166 -6.91 30.28 -41.13
C PRO D 166 -7.29 30.93 -39.81
N LEU D 167 -8.55 31.34 -39.66
CA LEU D 167 -9.01 31.90 -38.39
C LEU D 167 -9.05 30.82 -37.31
N SER D 168 -9.50 29.62 -37.67
CA SER D 168 -9.50 28.51 -36.72
C SER D 168 -8.08 28.09 -36.38
N PHE D 169 -7.18 28.15 -37.36
CA PHE D 169 -5.76 27.85 -37.12
C PHE D 169 -5.14 28.86 -36.16
N ALA D 170 -5.45 30.15 -36.35
CA ALA D 170 -4.90 31.18 -35.48
C ALA D 170 -5.51 31.13 -34.09
N ALA D 171 -6.78 30.72 -34.00
CA ALA D 171 -7.41 30.57 -32.68
C ALA D 171 -6.84 29.39 -31.92
N CYS D 172 -6.58 28.29 -32.62
CA CYS D 172 -6.10 27.09 -31.94
C CYS D 172 -4.61 27.16 -31.63
N VAL D 173 -3.85 27.91 -32.43
CA VAL D 173 -2.42 28.10 -32.14
C VAL D 173 -2.25 28.96 -30.90
N GLY D 174 -2.97 30.07 -30.81
CA GLY D 174 -2.91 30.92 -29.65
C GLY D 174 -2.34 32.31 -29.87
N SER D 175 -2.56 32.88 -31.05
CA SER D 175 -2.05 34.23 -31.36
C SER D 175 -3.25 35.15 -31.53
N GLU D 176 -3.41 36.10 -30.60
CA GLU D 176 -4.55 36.99 -30.65
C GLU D 176 -4.37 38.05 -31.74
N GLU D 177 -3.12 38.44 -31.99
CA GLU D 177 -2.84 39.46 -33.00
C GLU D 177 -3.18 38.97 -34.41
N ILE D 178 -2.86 37.70 -34.69
CA ILE D 178 -3.19 37.13 -36.00
C ILE D 178 -4.70 36.96 -36.14
N VAL D 179 -5.39 36.64 -35.04
CA VAL D 179 -6.85 36.54 -35.05
C VAL D 179 -7.48 37.89 -35.37
N ARG D 180 -7.00 38.95 -34.72
CA ARG D 180 -7.51 40.30 -34.98
C ARG D 180 -7.20 40.75 -36.40
N LEU D 181 -6.00 40.41 -36.91
CA LEU D 181 -5.63 40.78 -38.27
C LEU D 181 -6.48 40.06 -39.31
N LEU D 182 -6.78 38.78 -39.08
CA LEU D 182 -7.62 38.04 -40.01
C LEU D 182 -9.06 38.52 -39.97
N ILE D 183 -9.56 38.86 -38.77
CA ILE D 183 -10.93 39.35 -38.64
C ILE D 183 -11.07 40.74 -39.27
N GLU D 184 -10.03 41.56 -39.16
CA GLU D 184 -10.04 42.88 -39.80
C GLU D 184 -10.02 42.77 -41.33
N HIS D 185 -9.45 41.70 -41.86
CA HIS D 185 -9.41 41.50 -43.30
C HIS D 185 -10.62 40.74 -43.84
N GLY D 186 -11.55 40.35 -42.99
CA GLY D 186 -12.80 39.76 -43.43
C GLY D 186 -12.97 38.29 -43.17
N ALA D 187 -12.31 37.72 -42.17
CA ALA D 187 -12.53 36.32 -41.84
C ALA D 187 -13.91 36.15 -41.18
N ASP D 188 -14.60 35.09 -41.56
CA ASP D 188 -15.93 34.80 -41.04
C ASP D 188 -15.81 33.91 -39.82
N ILE D 189 -16.28 34.41 -38.68
CA ILE D 189 -16.23 33.63 -37.43
C ILE D 189 -17.21 32.48 -37.48
N ARG D 190 -18.32 32.68 -38.17
CA ARG D 190 -19.38 31.65 -38.22
C ARG D 190 -19.13 30.75 -39.43
N ALA D 191 -17.98 30.12 -39.50
CA ALA D 191 -17.58 29.22 -40.57
C ALA D 191 -17.44 27.81 -40.03
N GLN D 192 -17.96 26.85 -40.78
CA GLN D 192 -17.98 25.46 -40.37
C GLN D 192 -17.10 24.62 -41.30
N ASP D 193 -16.39 23.67 -40.73
CA ASP D 193 -15.54 22.77 -41.48
C ASP D 193 -16.35 21.56 -41.95
N SER D 194 -15.65 20.50 -42.35
CA SER D 194 -16.30 19.29 -42.86
C SER D 194 -17.11 18.58 -41.78
N LEU D 195 -16.70 18.71 -40.52
CA LEU D 195 -17.43 18.14 -39.39
C LEU D 195 -18.53 19.07 -38.89
N GLY D 196 -18.67 20.27 -39.47
CA GLY D 196 -19.64 21.23 -39.03
C GLY D 196 -19.24 22.07 -37.84
N ASN D 197 -18.03 21.87 -37.32
CA ASN D 197 -17.58 22.62 -36.16
C ASN D 197 -17.28 24.07 -36.53
N THR D 198 -17.78 25.01 -35.72
CA THR D 198 -17.35 26.38 -35.83
C THR D 198 -16.02 26.56 -35.11
N VAL D 199 -15.57 27.81 -35.00
CA VAL D 199 -14.26 28.07 -34.39
C VAL D 199 -14.30 27.82 -32.89
N LEU D 200 -15.49 27.95 -32.28
CA LEU D 200 -15.63 27.72 -30.85
C LEU D 200 -15.51 26.24 -30.50
N HIS D 201 -16.06 25.37 -31.35
CA HIS D 201 -15.94 23.93 -31.11
C HIS D 201 -14.49 23.47 -31.18
N ILE D 202 -13.75 23.96 -32.18
CA ILE D 202 -12.35 23.56 -32.34
C ILE D 202 -11.49 24.19 -31.25
N LEU D 203 -11.91 25.36 -30.75
CA LEU D 203 -11.25 25.93 -29.58
C LEU D 203 -11.46 25.07 -28.34
N ILE D 204 -12.62 24.43 -28.21
CA ILE D 204 -13.00 23.58 -27.03
C ILE D 204 -12.43 22.18 -27.19
N LEU D 205 -12.04 21.80 -28.41
CA LEU D 205 -11.37 20.53 -28.66
C LEU D 205 -9.87 20.55 -28.40
N GLN D 206 -9.28 21.72 -28.16
CA GLN D 206 -7.86 21.85 -27.85
C GLN D 206 -7.56 21.27 -26.47
N PRO D 207 -6.40 20.62 -26.31
CA PRO D 207 -6.07 20.06 -24.99
C PRO D 207 -5.42 21.05 -24.04
N ASN D 208 -5.17 22.29 -24.50
CA ASN D 208 -4.54 23.29 -23.65
C ASN D 208 -5.47 23.73 -22.52
N LYS D 209 -6.72 24.07 -22.88
CA LYS D 209 -7.82 24.42 -21.98
C LYS D 209 -7.59 25.66 -21.12
N THR D 210 -6.50 26.39 -21.32
CA THR D 210 -6.20 27.58 -20.52
C THR D 210 -6.21 28.84 -21.38
N PHE D 211 -5.40 28.87 -22.45
CA PHE D 211 -5.43 30.02 -23.34
C PHE D 211 -6.66 29.97 -24.26
N ALA D 212 -7.27 28.80 -24.39
CA ALA D 212 -8.47 28.65 -25.20
C ALA D 212 -9.64 29.42 -24.61
N CYS D 213 -9.66 29.61 -23.29
CA CYS D 213 -10.70 30.45 -22.69
C CYS D 213 -10.51 31.91 -23.06
N GLN D 214 -9.25 32.38 -23.13
CA GLN D 214 -8.98 33.75 -23.54
C GLN D 214 -9.31 33.95 -25.01
N MET D 215 -9.01 32.95 -25.85
CA MET D 215 -9.36 33.04 -27.26
C MET D 215 -10.87 32.94 -27.46
N TYR D 216 -11.56 32.19 -26.61
CA TYR D 216 -13.02 32.15 -26.62
C TYR D 216 -13.61 33.50 -26.25
N ASN D 217 -13.02 34.18 -25.27
CA ASN D 217 -13.46 35.53 -24.92
C ASN D 217 -13.19 36.52 -26.06
N LEU D 218 -12.07 36.34 -26.76
CA LEU D 218 -11.76 37.21 -27.89
C LEU D 218 -12.73 36.99 -29.05
N LEU D 219 -13.07 35.74 -29.33
CA LEU D 219 -13.96 35.44 -30.45
C LEU D 219 -15.43 35.60 -30.09
N LEU D 220 -15.77 35.72 -28.81
CA LEU D 220 -17.12 36.09 -28.44
C LEU D 220 -17.39 37.55 -28.80
N SER D 221 -16.38 38.41 -28.68
CA SER D 221 -16.44 39.71 -29.31
C SER D 221 -16.34 39.55 -30.82
N TYR D 222 -16.82 40.56 -31.54
CA TYR D 222 -17.10 40.65 -32.98
C TYR D 222 -18.28 39.76 -33.41
N ASP D 223 -18.92 39.06 -32.48
CA ASP D 223 -20.13 38.29 -32.77
C ASP D 223 -21.39 39.04 -32.37
N GLU D 224 -21.38 40.36 -32.47
CA GLU D 224 -22.55 41.17 -32.16
C GLU D 224 -23.64 40.95 -33.20
N HIS D 225 -24.87 40.76 -32.72
CA HIS D 225 -26.01 40.50 -33.59
C HIS D 225 -26.43 41.76 -34.36
N GLN D 230 -29.09 34.63 -34.08
CA GLN D 230 -28.48 33.51 -33.37
C GLN D 230 -26.99 33.76 -33.15
N SER D 231 -26.55 33.60 -31.90
CA SER D 231 -25.15 33.81 -31.57
C SER D 231 -24.31 32.61 -32.00
N LEU D 232 -22.99 32.78 -31.92
CA LEU D 232 -22.09 31.71 -32.32
C LEU D 232 -22.09 30.56 -31.32
N GLU D 233 -22.46 30.83 -30.07
CA GLU D 233 -22.52 29.77 -29.06
C GLU D 233 -23.72 28.87 -29.24
N LEU D 234 -24.70 29.24 -30.07
CA LEU D 234 -25.89 28.45 -30.30
C LEU D 234 -25.89 27.74 -31.64
N VAL D 235 -24.76 27.72 -32.33
CA VAL D 235 -24.65 27.08 -33.64
C VAL D 235 -24.21 25.63 -33.47
N PRO D 236 -25.05 24.65 -33.79
CA PRO D 236 -24.65 23.25 -33.64
C PRO D 236 -23.84 22.76 -34.83
N ASN D 237 -23.02 21.74 -34.57
CA ASN D 237 -22.26 21.11 -35.63
C ASN D 237 -23.10 20.00 -36.27
N HIS D 238 -22.47 19.13 -37.06
CA HIS D 238 -23.17 18.06 -37.75
C HIS D 238 -23.65 16.96 -36.82
N GLN D 239 -23.13 16.89 -35.59
CA GLN D 239 -23.65 15.98 -34.58
C GLN D 239 -24.75 16.61 -33.73
N GLY D 240 -25.13 17.86 -34.03
CA GLY D 240 -26.15 18.55 -33.27
C GLY D 240 -25.67 19.16 -31.97
N LEU D 241 -24.36 19.18 -31.73
CA LEU D 241 -23.82 19.63 -30.45
C LEU D 241 -23.48 21.11 -30.50
N THR D 242 -23.97 21.85 -29.51
CA THR D 242 -23.55 23.22 -29.25
C THR D 242 -22.16 23.21 -28.63
N PRO D 243 -21.46 24.35 -28.59
CA PRO D 243 -20.20 24.42 -27.83
C PRO D 243 -20.34 24.08 -26.35
N PHE D 244 -21.48 24.41 -25.74
CA PHE D 244 -21.75 23.98 -24.38
C PHE D 244 -21.85 22.46 -24.28
N LYS D 245 -22.60 21.84 -25.20
CA LYS D 245 -22.73 20.39 -25.22
C LYS D 245 -21.43 19.72 -25.61
N LEU D 246 -20.64 20.35 -26.50
CA LEU D 246 -19.35 19.79 -26.87
C LEU D 246 -18.36 19.86 -25.72
N ALA D 247 -18.40 20.92 -24.91
CA ALA D 247 -17.56 21.01 -23.73
C ALA D 247 -18.00 20.01 -22.66
N GLY D 248 -19.30 19.73 -22.58
CA GLY D 248 -19.77 18.68 -21.69
C GLY D 248 -19.34 17.29 -22.13
N VAL D 249 -19.40 17.03 -23.44
CA VAL D 249 -19.07 15.70 -23.96
C VAL D 249 -17.58 15.45 -23.87
N GLU D 250 -16.76 16.43 -24.26
CA GLU D 250 -15.32 16.24 -24.30
C GLU D 250 -14.64 16.34 -22.93
N GLY D 251 -15.39 16.71 -21.89
CA GLY D 251 -14.82 16.76 -20.56
C GLY D 251 -13.92 17.96 -20.30
N ASN D 252 -14.15 19.06 -21.02
CA ASN D 252 -13.38 20.28 -20.84
C ASN D 252 -13.97 21.03 -19.65
N THR D 253 -13.39 20.80 -18.47
CA THR D 253 -13.95 21.37 -17.25
C THR D 253 -13.64 22.85 -17.13
N VAL D 254 -12.46 23.28 -17.58
CA VAL D 254 -12.07 24.68 -17.49
C VAL D 254 -12.91 25.53 -18.43
N MET D 255 -13.15 25.03 -19.64
CA MET D 255 -14.03 25.72 -20.56
C MET D 255 -15.48 25.70 -20.08
N PHE D 256 -15.86 24.64 -19.37
CA PHE D 256 -17.20 24.60 -18.77
C PHE D 256 -17.37 25.66 -17.70
N GLN D 257 -16.35 25.84 -16.85
CA GLN D 257 -16.39 26.89 -15.85
C GLN D 257 -16.40 28.28 -16.49
N HIS D 258 -15.62 28.45 -17.56
CA HIS D 258 -15.61 29.73 -18.28
C HIS D 258 -16.96 30.01 -18.94
N LEU D 259 -17.63 28.98 -19.45
CA LEU D 259 -18.94 29.18 -20.06
C LEU D 259 -20.01 29.45 -18.99
N MET D 260 -19.87 28.90 -17.80
CA MET D 260 -20.94 29.22 -16.84
C MET D 260 -20.65 30.60 -16.25
N GLN D 261 -19.39 31.02 -16.22
CA GLN D 261 -19.18 32.37 -15.71
C GLN D 261 -20.11 33.38 -16.39
N LYS D 262 -20.45 33.16 -17.65
CA LYS D 262 -21.34 34.02 -18.41
C LYS D 262 -22.81 33.64 -18.24
N ARG D 263 -23.10 32.57 -17.50
CA ARG D 263 -24.47 32.10 -17.31
C ARG D 263 -24.80 32.04 -15.83
N LYS D 264 -24.31 33.01 -15.06
CA LYS D 264 -24.59 33.08 -13.63
C LYS D 264 -24.90 34.52 -13.27
N HIS D 265 -25.56 34.71 -12.13
CA HIS D 265 -25.90 36.02 -11.62
C HIS D 265 -25.78 35.99 -10.10
N VAL D 266 -24.86 36.79 -9.57
CA VAL D 266 -24.65 36.87 -8.13
C VAL D 266 -25.76 37.75 -7.55
N GLN D 267 -26.58 37.17 -6.67
CA GLN D 267 -27.68 37.93 -6.09
C GLN D 267 -27.18 38.86 -4.98
N TRP D 268 -26.49 38.29 -4.02
CA TRP D 268 -26.00 39.07 -2.87
C TRP D 268 -24.70 38.45 -2.38
N THR D 269 -23.86 39.22 -1.68
CA THR D 269 -22.58 38.75 -1.17
C THR D 269 -22.42 39.21 0.28
N CYS D 270 -23.45 38.97 1.10
CA CYS D 270 -23.47 39.41 2.48
C CYS D 270 -22.52 38.56 3.32
N GLY D 271 -21.41 39.16 3.74
CA GLY D 271 -20.45 38.48 4.57
C GLY D 271 -19.68 37.42 3.83
N PRO D 272 -19.47 36.27 4.46
CA PRO D 272 -18.80 35.15 3.78
C PRO D 272 -19.70 34.34 2.87
N LEU D 273 -21.00 34.60 2.84
CA LEU D 273 -21.95 33.87 2.04
C LEU D 273 -22.27 34.64 0.77
N THR D 274 -22.34 33.92 -0.35
CA THR D 274 -22.78 34.51 -1.60
C THR D 274 -23.81 33.61 -2.25
N SER D 275 -24.77 34.22 -2.93
CA SER D 275 -25.86 33.50 -3.57
C SER D 275 -25.81 33.77 -5.07
N THR D 276 -25.55 32.72 -5.85
CA THR D 276 -25.46 32.82 -7.30
C THR D 276 -26.65 32.12 -7.93
N LEU D 277 -27.05 32.58 -9.10
CA LEU D 277 -28.26 32.11 -9.77
C LEU D 277 -27.87 31.58 -11.16
N TYR D 278 -27.52 30.29 -11.22
CA TYR D 278 -27.09 29.69 -12.48
C TYR D 278 -28.29 29.45 -13.39
N ASP D 279 -28.03 29.48 -14.69
CA ASP D 279 -29.07 29.26 -15.69
C ASP D 279 -29.05 27.80 -16.12
N LEU D 280 -30.22 27.16 -16.07
CA LEU D 280 -30.35 25.75 -16.41
C LEU D 280 -30.96 25.54 -17.80
N THR D 281 -30.86 26.54 -18.68
CA THR D 281 -31.41 26.38 -20.02
C THR D 281 -30.58 25.41 -20.85
N GLU D 282 -29.25 25.52 -20.78
CA GLU D 282 -28.37 24.66 -21.55
C GLU D 282 -27.83 23.49 -20.74
N ILE D 283 -28.26 23.32 -19.49
CA ILE D 283 -27.84 22.22 -18.63
C ILE D 283 -28.95 21.19 -18.47
N ASP D 284 -30.15 21.64 -18.10
CA ASP D 284 -31.27 20.72 -17.93
C ASP D 284 -31.78 20.23 -19.28
N SER D 285 -31.82 21.13 -20.28
CA SER D 285 -32.25 20.85 -21.66
C SER D 285 -33.66 20.27 -21.72
N TRP D 286 -34.64 21.07 -21.30
CA TRP D 286 -36.03 20.65 -21.32
C TRP D 286 -36.54 20.56 -22.76
N GLY D 287 -37.19 19.45 -23.08
CA GLY D 287 -37.74 19.25 -24.42
C GLY D 287 -36.81 18.68 -25.45
N GLU D 288 -35.51 18.93 -25.31
CA GLU D 288 -34.51 18.40 -26.22
C GLU D 288 -34.39 16.88 -26.05
N GLU D 289 -34.32 16.18 -27.18
CA GLU D 289 -34.24 14.72 -27.16
C GLU D 289 -32.93 14.23 -26.55
N LEU D 290 -31.80 14.77 -27.02
CA LEU D 290 -30.50 14.45 -26.48
C LEU D 290 -30.09 15.60 -25.55
N SER D 291 -30.38 15.43 -24.26
CA SER D 291 -30.10 16.48 -23.29
C SER D 291 -28.60 16.56 -23.01
N PHE D 292 -28.23 17.61 -22.27
CA PHE D 292 -26.82 17.84 -21.93
C PHE D 292 -26.28 16.74 -21.03
N LEU D 293 -27.03 16.38 -19.99
CA LEU D 293 -26.57 15.39 -19.02
C LEU D 293 -26.55 13.99 -19.63
N GLU D 294 -27.48 13.71 -20.54
CA GLU D 294 -27.49 12.43 -21.24
C GLU D 294 -26.28 12.27 -22.15
N LEU D 295 -25.88 13.36 -22.82
CA LEU D 295 -24.68 13.33 -23.63
C LEU D 295 -23.43 13.24 -22.77
N VAL D 296 -23.47 13.82 -21.57
CA VAL D 296 -22.31 13.78 -20.69
C VAL D 296 -22.11 12.37 -20.13
N VAL D 297 -23.17 11.72 -19.66
CA VAL D 297 -22.99 10.43 -19.01
C VAL D 297 -22.78 9.31 -20.02
N SER D 298 -23.19 9.51 -21.28
CA SER D 298 -23.00 8.50 -22.32
C SER D 298 -21.74 8.76 -23.14
N SER D 299 -20.97 9.78 -22.82
CA SER D 299 -19.75 10.07 -23.56
C SER D 299 -18.67 9.04 -23.24
N LYS D 300 -17.85 8.75 -24.25
CA LYS D 300 -16.80 7.75 -24.07
C LYS D 300 -15.54 8.34 -23.43
N LYS D 301 -15.48 9.66 -23.27
CA LYS D 301 -14.32 10.30 -22.69
C LYS D 301 -14.26 10.03 -21.19
N ARG D 302 -13.07 9.87 -20.63
CA ARG D 302 -12.95 9.64 -19.17
C ARG D 302 -13.07 10.95 -18.43
N GLU D 303 -12.68 12.06 -19.03
CA GLU D 303 -12.85 13.34 -18.36
C GLU D 303 -14.28 13.85 -18.38
N ALA D 304 -15.17 13.23 -19.17
CA ALA D 304 -16.54 13.69 -19.33
C ALA D 304 -17.35 13.59 -18.04
N ARG D 305 -16.98 12.68 -17.14
CA ARG D 305 -17.65 12.58 -15.85
C ARG D 305 -17.12 13.59 -14.84
N GLN D 306 -16.15 14.41 -15.20
CA GLN D 306 -15.68 15.50 -14.35
C GLN D 306 -16.51 16.76 -14.53
N ILE D 307 -17.42 16.78 -15.52
CA ILE D 307 -18.39 17.84 -15.67
C ILE D 307 -19.52 17.72 -14.64
N LEU D 308 -19.79 16.51 -14.17
CA LEU D 308 -20.84 16.26 -13.19
C LEU D 308 -20.47 16.71 -11.78
N GLU D 309 -19.21 17.12 -11.56
CA GLU D 309 -18.77 17.63 -10.28
C GLU D 309 -18.64 19.15 -10.27
N GLN D 310 -19.15 19.82 -11.29
CA GLN D 310 -19.09 21.28 -11.36
C GLN D 310 -20.28 21.89 -10.63
N THR D 311 -20.19 23.21 -10.39
CA THR D 311 -21.05 23.88 -9.42
C THR D 311 -22.55 23.87 -9.76
N PRO D 312 -23.02 24.14 -10.99
CA PRO D 312 -24.46 23.96 -11.22
C PRO D 312 -24.88 22.51 -11.40
N VAL D 313 -24.05 21.71 -12.06
CA VAL D 313 -24.47 20.37 -12.48
C VAL D 313 -24.55 19.43 -11.28
N LYS D 314 -23.58 19.50 -10.37
CA LYS D 314 -23.57 18.63 -9.20
C LYS D 314 -24.76 18.92 -8.29
N GLU D 315 -25.07 20.21 -8.09
CA GLU D 315 -26.23 20.58 -7.28
C GLU D 315 -27.53 20.18 -7.95
N LEU D 316 -27.61 20.30 -9.29
CA LEU D 316 -28.83 19.93 -10.01
C LEU D 316 -29.08 18.43 -9.94
N VAL D 317 -28.06 17.62 -10.24
CA VAL D 317 -28.26 16.17 -10.22
C VAL D 317 -28.38 15.64 -8.79
N SER D 318 -27.80 16.33 -7.80
CA SER D 318 -28.00 15.96 -6.41
C SER D 318 -29.42 16.24 -5.94
N PHE D 319 -29.98 17.39 -6.34
CA PHE D 319 -31.37 17.69 -6.03
C PHE D 319 -32.32 16.70 -6.71
N LYS D 320 -32.01 16.35 -7.96
CA LYS D 320 -32.84 15.40 -8.69
C LYS D 320 -32.78 14.00 -8.08
N TRP D 321 -31.60 13.58 -7.62
CA TRP D 321 -31.46 12.24 -7.05
C TRP D 321 -32.07 12.17 -5.65
N LYS D 322 -31.88 13.17 -4.82
CA LYS D 322 -32.49 13.06 -3.49
C LYS D 322 -33.99 13.28 -3.58
N LYS D 323 -34.45 14.32 -4.27
CA LYS D 323 -35.86 14.63 -4.21
C LYS D 323 -36.71 13.57 -4.92
N TYR D 324 -36.27 13.12 -6.09
CA TYR D 324 -37.08 12.23 -6.91
C TYR D 324 -36.41 10.93 -7.30
N GLY D 325 -35.08 10.94 -7.52
CA GLY D 325 -34.44 9.78 -8.11
C GLY D 325 -34.36 8.58 -7.18
N ARG D 326 -33.93 8.80 -5.94
CA ARG D 326 -33.77 7.70 -4.98
C ARG D 326 -35.08 7.02 -4.56
N PRO D 327 -36.19 7.71 -4.24
CA PRO D 327 -37.43 6.95 -3.95
C PRO D 327 -37.98 6.15 -5.13
N TYR D 328 -37.87 6.69 -6.34
CA TYR D 328 -38.33 5.97 -7.52
C TYR D 328 -37.44 4.77 -7.80
N PHE D 329 -36.12 4.93 -7.61
CA PHE D 329 -35.21 3.80 -7.80
C PHE D 329 -35.43 2.73 -6.72
N CYS D 330 -35.76 3.15 -5.50
CA CYS D 330 -36.02 2.19 -4.44
C CYS D 330 -37.31 1.41 -4.67
N VAL D 331 -38.37 2.08 -5.14
CA VAL D 331 -39.61 1.34 -5.39
C VAL D 331 -39.48 0.47 -6.64
N LEU D 332 -38.66 0.88 -7.61
CA LEU D 332 -38.39 0.00 -8.76
C LEU D 332 -37.56 -1.21 -8.35
N ALA D 333 -36.61 -1.01 -7.43
CA ALA D 333 -35.83 -2.13 -6.91
C ALA D 333 -36.71 -3.10 -6.13
N SER D 334 -37.65 -2.58 -5.33
CA SER D 334 -38.58 -3.43 -4.60
C SER D 334 -39.49 -4.20 -5.54
N LEU D 335 -39.96 -3.54 -6.61
CA LEU D 335 -40.81 -4.22 -7.59
C LEU D 335 -40.04 -5.31 -8.33
N TYR D 336 -38.76 -5.06 -8.66
CA TYR D 336 -37.97 -6.09 -9.34
C TYR D 336 -37.65 -7.25 -8.40
N ILE D 337 -37.44 -6.96 -7.12
CA ILE D 337 -37.21 -8.02 -6.14
C ILE D 337 -38.45 -8.88 -5.97
N LEU D 338 -39.63 -8.27 -5.91
CA LEU D 338 -40.88 -9.03 -5.80
C LEU D 338 -41.15 -9.83 -7.07
N TYR D 339 -40.81 -9.28 -8.24
CA TYR D 339 -40.94 -10.00 -9.50
C TYR D 339 -40.01 -11.20 -9.56
N MET D 340 -38.78 -11.06 -9.07
CA MET D 340 -37.86 -12.19 -9.04
C MET D 340 -38.28 -13.23 -8.00
N ILE D 341 -38.92 -12.79 -6.91
CA ILE D 341 -39.47 -13.73 -5.92
C ILE D 341 -40.60 -14.54 -6.54
N CYS D 342 -41.46 -13.89 -7.32
CA CYS D 342 -42.53 -14.60 -8.03
C CYS D 342 -41.98 -15.58 -9.06
N PHE D 343 -40.95 -15.17 -9.81
CA PHE D 343 -40.34 -16.07 -10.80
C PHE D 343 -39.65 -17.25 -10.13
N THR D 344 -38.98 -17.01 -8.99
CA THR D 344 -38.35 -18.10 -8.25
C THR D 344 -39.38 -19.06 -7.69
N THR D 345 -40.49 -18.54 -7.17
CA THR D 345 -41.55 -19.39 -6.63
C THR D 345 -42.24 -20.19 -7.73
N CYS D 346 -42.33 -19.64 -8.95
CA CYS D 346 -42.83 -20.42 -10.07
C CYS D 346 -41.83 -21.48 -10.50
N CYS D 347 -40.53 -21.23 -10.34
CA CYS D 347 -39.54 -22.24 -10.67
C CYS D 347 -39.51 -23.36 -9.64
N ILE D 348 -39.78 -23.05 -8.37
CA ILE D 348 -39.75 -24.07 -7.32
C ILE D 348 -40.91 -25.04 -7.49
N TYR D 349 -42.10 -24.53 -7.80
CA TYR D 349 -43.31 -25.33 -7.91
C TYR D 349 -43.54 -25.82 -9.33
N ARG D 350 -42.47 -25.99 -10.09
CA ARG D 350 -42.51 -26.38 -11.49
C ARG D 350 -43.15 -27.77 -11.63
N PRO D 351 -44.08 -27.96 -12.61
CA PRO D 351 -44.85 -29.21 -12.67
C PRO D 351 -44.03 -30.42 -13.07
N LEU D 352 -43.83 -31.33 -12.11
CA LEU D 352 -43.04 -32.54 -12.33
C LEU D 352 -43.86 -33.74 -11.89
N LYS D 353 -43.91 -34.75 -12.75
CA LYS D 353 -44.60 -36.01 -12.46
C LYS D 353 -43.57 -37.12 -12.31
N LEU D 354 -44.04 -38.27 -11.85
CA LEU D 354 -43.19 -39.45 -11.78
C LEU D 354 -42.86 -39.95 -13.18
N ARG D 355 -41.71 -40.59 -13.31
CA ARG D 355 -41.29 -41.12 -14.61
C ARG D 355 -42.14 -42.31 -15.00
N ASP D 356 -42.46 -42.38 -16.30
CA ASP D 356 -43.25 -43.47 -16.88
C ASP D 356 -42.34 -44.51 -17.51
N ASP D 357 -41.14 -44.70 -16.97
CA ASP D 357 -40.20 -45.68 -17.48
C ASP D 357 -39.38 -46.19 -16.31
N ASN D 358 -38.86 -47.40 -16.46
CA ASN D 358 -38.05 -48.04 -15.43
C ASN D 358 -36.59 -47.61 -15.56
N ARG D 359 -35.91 -47.59 -14.43
CA ARG D 359 -34.50 -47.19 -14.36
C ARG D 359 -33.64 -48.43 -14.53
N THR D 360 -33.33 -48.76 -15.78
CA THR D 360 -32.50 -49.93 -16.06
C THR D 360 -31.04 -49.66 -15.72
N ASP D 361 -30.55 -48.47 -16.06
CA ASP D 361 -29.17 -48.13 -15.77
C ASP D 361 -28.99 -47.85 -14.28
N PRO D 362 -27.99 -48.45 -13.64
CA PRO D 362 -27.80 -48.23 -12.19
C PRO D 362 -27.22 -46.87 -11.84
N ARG D 363 -26.69 -46.15 -12.83
CA ARG D 363 -26.07 -44.82 -12.62
C ARG D 363 -27.06 -43.73 -12.99
N ASP D 364 -28.31 -44.08 -13.27
CA ASP D 364 -29.35 -43.11 -13.62
C ASP D 364 -30.20 -42.83 -12.39
N ILE D 365 -30.25 -41.57 -11.97
CA ILE D 365 -30.95 -41.18 -10.75
C ILE D 365 -32.16 -40.30 -11.04
N THR D 366 -32.56 -40.16 -12.30
CA THR D 366 -33.72 -39.35 -12.64
C THR D 366 -34.99 -40.10 -12.28
N ILE D 367 -35.79 -39.53 -11.37
CA ILE D 367 -37.04 -40.13 -10.96
C ILE D 367 -38.26 -39.32 -11.35
N LEU D 368 -38.08 -38.06 -11.77
CA LEU D 368 -39.19 -37.19 -12.12
C LEU D 368 -38.97 -36.65 -13.53
N GLN D 369 -40.07 -36.28 -14.18
CA GLN D 369 -40.01 -35.73 -15.52
C GLN D 369 -41.01 -34.59 -15.62
N GLN D 370 -40.88 -33.80 -16.69
CA GLN D 370 -41.77 -32.67 -16.90
C GLN D 370 -43.17 -33.15 -17.31
N LYS D 371 -44.18 -32.52 -16.74
CA LYS D 371 -45.55 -32.79 -17.14
C LYS D 371 -45.83 -32.18 -18.50
N LEU D 372 -46.82 -32.76 -19.19
CA LEU D 372 -47.32 -32.15 -20.41
C LEU D 372 -48.22 -30.96 -20.05
N LEU D 373 -48.51 -30.13 -21.07
CA LEU D 373 -49.26 -28.90 -20.84
C LEU D 373 -50.72 -29.20 -20.48
N GLN D 374 -51.24 -30.33 -20.94
CA GLN D 374 -52.63 -30.69 -20.64
C GLN D 374 -52.80 -31.06 -19.16
N GLU D 375 -51.81 -31.73 -18.59
CA GLU D 375 -51.87 -32.17 -17.20
C GLU D 375 -51.16 -31.22 -16.24
N ALA D 376 -50.54 -30.15 -16.74
CA ALA D 376 -49.80 -29.25 -15.86
C ALA D 376 -50.73 -28.38 -15.03
N TYR D 377 -51.84 -27.96 -15.63
CA TYR D 377 -52.76 -26.99 -14.99
C TYR D 377 -54.08 -27.70 -14.71
N VAL D 378 -54.18 -28.31 -13.54
CA VAL D 378 -55.40 -29.02 -13.14
C VAL D 378 -55.86 -28.51 -11.78
N THR D 379 -54.95 -28.45 -10.80
CA THR D 379 -55.34 -28.12 -9.44
C THR D 379 -55.37 -26.60 -9.23
N HIS D 380 -55.75 -26.21 -8.01
CA HIS D 380 -55.80 -24.79 -7.66
C HIS D 380 -54.40 -24.20 -7.53
N GLN D 381 -53.45 -24.98 -6.99
CA GLN D 381 -52.07 -24.53 -6.91
C GLN D 381 -51.45 -24.34 -8.29
N ASP D 382 -51.88 -25.17 -9.24
CA ASP D 382 -51.44 -24.98 -10.63
C ASP D 382 -52.05 -23.72 -11.23
N ASN D 383 -53.25 -23.34 -10.79
CA ASN D 383 -53.83 -22.08 -11.25
C ASN D 383 -53.10 -20.87 -10.68
N ILE D 384 -52.69 -20.97 -9.40
CA ILE D 384 -51.88 -19.90 -8.79
C ILE D 384 -50.53 -19.80 -9.49
N ARG D 385 -49.94 -20.96 -9.84
CA ARG D 385 -48.69 -20.97 -10.60
C ARG D 385 -48.88 -20.41 -12.00
N LEU D 386 -50.06 -20.65 -12.61
CA LEU D 386 -50.36 -20.07 -13.92
C LEU D 386 -50.45 -18.55 -13.85
N VAL D 387 -51.06 -18.03 -12.78
CA VAL D 387 -51.13 -16.59 -12.56
C VAL D 387 -49.72 -16.01 -12.38
N GLY D 388 -48.89 -16.68 -11.59
CA GLY D 388 -47.51 -16.24 -11.42
C GLY D 388 -46.68 -16.32 -12.69
N GLU D 389 -46.91 -17.32 -13.52
CA GLU D 389 -46.17 -17.45 -14.78
C GLU D 389 -46.63 -16.42 -15.79
N LEU D 390 -47.92 -16.06 -15.78
CA LEU D 390 -48.39 -14.95 -16.61
C LEU D 390 -47.79 -13.63 -16.15
N VAL D 391 -47.64 -13.45 -14.84
CA VAL D 391 -46.94 -12.28 -14.30
C VAL D 391 -45.48 -12.26 -14.75
N THR D 392 -44.83 -13.42 -14.74
CA THR D 392 -43.44 -13.52 -15.19
C THR D 392 -43.27 -13.20 -16.68
N VAL D 393 -44.17 -13.73 -17.51
CA VAL D 393 -44.13 -13.48 -18.95
C VAL D 393 -44.41 -12.01 -19.25
N THR D 394 -45.38 -11.43 -18.53
CA THR D 394 -45.69 -10.01 -18.69
C THR D 394 -44.51 -9.13 -18.27
N GLY D 395 -43.82 -9.52 -17.19
CA GLY D 395 -42.64 -8.80 -16.77
C GLY D 395 -41.51 -8.89 -17.75
N ALA D 396 -41.33 -10.06 -18.38
CA ALA D 396 -40.30 -10.20 -19.41
C ALA D 396 -40.61 -9.38 -20.64
N VAL D 397 -41.89 -9.31 -21.02
CA VAL D 397 -42.30 -8.49 -22.15
C VAL D 397 -42.10 -7.01 -21.85
N ILE D 398 -42.39 -6.60 -20.61
CA ILE D 398 -42.17 -5.22 -20.17
C ILE D 398 -40.68 -4.89 -20.17
N ILE D 399 -39.84 -5.83 -19.73
CA ILE D 399 -38.39 -5.64 -19.73
C ILE D 399 -37.87 -5.48 -21.15
N LEU D 400 -38.36 -6.32 -22.08
CA LEU D 400 -37.94 -6.20 -23.48
C LEU D 400 -38.42 -4.88 -24.10
N LEU D 401 -39.64 -4.46 -23.78
CA LEU D 401 -40.17 -3.22 -24.35
C LEU D 401 -39.46 -1.99 -23.77
N LEU D 402 -38.89 -2.11 -22.57
CA LEU D 402 -38.11 -1.00 -22.02
C LEU D 402 -36.69 -1.02 -22.57
N GLU D 403 -36.13 -2.21 -22.82
CA GLU D 403 -34.70 -2.29 -23.14
C GLU D 403 -34.43 -2.15 -24.62
N ILE D 404 -35.32 -2.66 -25.48
CA ILE D 404 -35.04 -2.73 -26.93
C ILE D 404 -34.92 -1.36 -27.60
N PRO D 405 -35.87 -0.39 -27.41
CA PRO D 405 -35.69 0.90 -28.13
C PRO D 405 -34.50 1.73 -27.69
N ASP D 406 -34.00 1.53 -26.47
CA ASP D 406 -32.82 2.28 -26.03
C ASP D 406 -31.55 1.86 -26.75
N ILE D 407 -31.48 0.60 -27.20
CA ILE D 407 -30.34 0.14 -28.00
C ILE D 407 -30.27 0.92 -29.31
N PHE D 408 -31.43 1.10 -29.96
CA PHE D 408 -31.45 1.86 -31.20
C PHE D 408 -31.31 3.35 -30.94
N ARG D 409 -31.70 3.78 -29.73
CA ARG D 409 -31.62 5.21 -29.40
C ARG D 409 -30.17 5.66 -29.19
N VAL D 410 -29.38 4.91 -28.42
CA VAL D 410 -28.03 5.35 -28.07
C VAL D 410 -26.94 4.52 -28.73
N GLY D 411 -27.30 3.58 -29.60
CA GLY D 411 -26.28 2.76 -30.25
C GLY D 411 -26.03 1.47 -29.49
N ALA D 412 -25.70 0.39 -30.21
CA ALA D 412 -25.55 -0.90 -29.57
C ALA D 412 -24.27 -0.97 -28.73
N SER D 413 -23.19 -0.34 -29.22
CA SER D 413 -21.92 -0.42 -28.52
C SER D 413 -21.91 0.42 -27.26
N ARG D 414 -22.54 1.59 -27.30
CA ARG D 414 -22.56 2.47 -26.14
C ARG D 414 -23.52 1.97 -25.07
N TYR D 415 -24.59 1.29 -25.48
CA TYR D 415 -25.57 0.80 -24.51
C TYR D 415 -25.04 -0.40 -23.73
N PHE D 416 -24.36 -1.32 -24.42
CA PHE D 416 -23.88 -2.55 -23.82
C PHE D 416 -22.44 -2.45 -23.34
N GLY D 417 -21.78 -1.31 -23.53
CA GLY D 417 -20.36 -1.25 -23.26
C GLY D 417 -19.90 -0.25 -22.22
N GLN D 418 -20.81 0.57 -21.70
CA GLN D 418 -20.44 1.62 -20.76
C GLN D 418 -20.90 1.25 -19.35
N THR D 419 -19.96 1.36 -18.40
CA THR D 419 -20.25 1.02 -17.01
C THR D 419 -21.22 2.00 -16.38
N ILE D 420 -21.14 3.28 -16.77
CA ILE D 420 -21.97 4.32 -16.19
C ILE D 420 -23.44 4.12 -16.54
N LEU D 421 -23.73 3.69 -17.76
CA LEU D 421 -25.10 3.49 -18.21
C LEU D 421 -25.67 2.13 -17.81
N GLY D 422 -24.88 1.30 -17.13
CA GLY D 422 -25.32 -0.05 -16.83
C GLY D 422 -25.16 -0.99 -18.00
N GLY D 423 -23.93 -1.19 -18.45
CA GLY D 423 -23.63 -1.95 -19.65
C GLY D 423 -23.91 -3.44 -19.58
N PRO D 424 -23.20 -4.18 -18.71
CA PRO D 424 -23.44 -5.63 -18.63
C PRO D 424 -24.84 -6.03 -18.17
N PHE D 425 -25.49 -5.19 -17.36
CA PHE D 425 -26.80 -5.52 -16.83
C PHE D 425 -27.87 -5.52 -17.92
N HIS D 426 -27.70 -4.69 -18.96
CA HIS D 426 -28.66 -4.70 -20.06
C HIS D 426 -28.55 -5.98 -20.88
N VAL D 427 -27.33 -6.45 -21.13
CA VAL D 427 -27.12 -7.74 -21.79
C VAL D 427 -27.68 -8.87 -20.94
N ILE D 428 -27.48 -8.79 -19.62
CA ILE D 428 -27.95 -9.81 -18.69
C ILE D 428 -29.47 -9.87 -18.67
N ILE D 429 -30.15 -8.73 -18.64
CA ILE D 429 -31.60 -8.77 -18.56
C ILE D 429 -32.23 -9.05 -19.93
N ILE D 430 -31.53 -8.74 -21.03
CA ILE D 430 -32.05 -9.14 -22.34
C ILE D 430 -31.94 -10.65 -22.50
N THR D 431 -30.83 -11.23 -22.03
CA THR D 431 -30.69 -12.68 -22.02
C THR D 431 -31.72 -13.32 -21.08
N TYR D 432 -32.00 -12.68 -19.94
CA TYR D 432 -32.98 -13.21 -18.99
C TYR D 432 -34.38 -13.23 -19.59
N ALA D 433 -34.80 -12.12 -20.21
CA ALA D 433 -36.13 -12.07 -20.81
C ALA D 433 -36.24 -13.00 -22.00
N SER D 434 -35.15 -13.15 -22.76
CA SER D 434 -35.14 -14.09 -23.87
C SER D 434 -35.26 -15.53 -23.39
N LEU D 435 -34.60 -15.86 -22.28
CA LEU D 435 -34.68 -17.21 -21.73
C LEU D 435 -36.05 -17.48 -21.12
N VAL D 436 -36.68 -16.46 -20.54
CA VAL D 436 -38.04 -16.63 -20.01
C VAL D 436 -39.03 -16.87 -21.15
N LEU D 437 -38.90 -16.11 -22.25
CA LEU D 437 -39.77 -16.33 -23.39
C LEU D 437 -39.50 -17.66 -24.08
N LEU D 438 -38.23 -18.09 -24.09
CA LEU D 438 -37.89 -19.41 -24.63
C LEU D 438 -38.50 -20.51 -23.77
N THR D 439 -38.49 -20.33 -22.44
CA THR D 439 -39.14 -21.30 -21.56
C THR D 439 -40.65 -21.31 -21.76
N MET D 440 -41.25 -20.15 -22.03
CA MET D 440 -42.68 -20.11 -22.35
C MET D 440 -42.99 -20.87 -23.64
N VAL D 441 -42.12 -20.71 -24.66
CA VAL D 441 -42.29 -21.43 -25.92
C VAL D 441 -42.15 -22.93 -25.71
N MET D 442 -41.16 -23.34 -24.90
CA MET D 442 -40.95 -24.77 -24.62
C MET D 442 -42.08 -25.34 -23.78
N ARG D 443 -42.68 -24.52 -22.92
CA ARG D 443 -43.83 -24.98 -22.12
C ARG D 443 -45.05 -25.15 -23.00
N LEU D 444 -45.27 -24.23 -23.94
CA LEU D 444 -46.45 -24.32 -24.80
C LEU D 444 -46.30 -25.42 -25.85
N THR D 445 -45.08 -25.68 -26.32
CA THR D 445 -44.85 -26.66 -27.36
C THR D 445 -44.46 -28.03 -26.81
N ASN D 446 -44.53 -28.23 -25.49
CA ASN D 446 -44.23 -29.49 -24.80
C ASN D 446 -42.82 -29.98 -25.08
N MET D 447 -41.87 -29.06 -25.16
CA MET D 447 -40.48 -29.44 -25.29
C MET D 447 -39.92 -29.84 -23.93
N ASN D 448 -39.03 -30.82 -23.95
CA ASN D 448 -38.41 -31.35 -22.74
C ASN D 448 -37.04 -30.73 -22.54
N GLY D 449 -36.74 -30.39 -21.30
CA GLY D 449 -35.46 -29.77 -20.99
C GLY D 449 -35.57 -28.30 -20.61
N GLU D 450 -36.63 -27.94 -19.88
CA GLU D 450 -36.81 -26.55 -19.46
C GLU D 450 -35.86 -26.14 -18.35
N VAL D 451 -35.14 -27.10 -17.74
CA VAL D 451 -34.17 -26.78 -16.71
C VAL D 451 -33.01 -25.98 -17.29
N VAL D 452 -32.63 -26.28 -18.53
CA VAL D 452 -31.51 -25.57 -19.17
C VAL D 452 -31.78 -24.08 -19.38
N PRO D 453 -32.97 -23.66 -19.88
CA PRO D 453 -33.21 -22.20 -19.84
C PRO D 453 -33.58 -21.68 -18.46
N LEU D 454 -34.21 -22.50 -17.61
CA LEU D 454 -34.72 -21.98 -16.33
C LEU D 454 -33.59 -21.68 -15.34
N SER D 455 -32.57 -22.55 -15.27
CA SER D 455 -31.45 -22.31 -14.37
C SER D 455 -30.64 -21.10 -14.82
N PHE D 456 -30.43 -20.97 -16.13
CA PHE D 456 -29.78 -19.79 -16.69
C PHE D 456 -30.57 -18.52 -16.40
N ALA D 457 -31.90 -18.59 -16.53
CA ALA D 457 -32.75 -17.45 -16.27
C ALA D 457 -32.74 -17.06 -14.80
N LEU D 458 -32.73 -18.04 -13.89
CA LEU D 458 -32.67 -17.74 -12.47
C LEU D 458 -31.35 -17.11 -12.07
N VAL D 459 -30.24 -17.64 -12.58
CA VAL D 459 -28.92 -17.09 -12.28
C VAL D 459 -28.77 -15.67 -12.84
N LEU D 460 -29.22 -15.45 -14.07
CA LEU D 460 -29.11 -14.13 -14.67
C LEU D 460 -30.09 -13.13 -14.06
N GLY D 461 -31.29 -13.58 -13.70
CA GLY D 461 -32.28 -12.66 -13.15
C GLY D 461 -31.94 -12.23 -11.74
N TRP D 462 -31.41 -13.14 -10.93
CA TRP D 462 -31.02 -12.73 -9.58
C TRP D 462 -29.72 -11.95 -9.56
N CYS D 463 -28.81 -12.18 -10.51
CA CYS D 463 -27.60 -11.36 -10.57
C CYS D 463 -27.85 -10.00 -11.22
N SER D 464 -29.03 -9.78 -11.78
CA SER D 464 -29.40 -8.47 -12.34
C SER D 464 -30.05 -7.56 -11.31
N VAL D 465 -30.10 -7.97 -10.05
CA VAL D 465 -30.60 -7.14 -8.97
C VAL D 465 -29.40 -6.34 -8.42
N MET D 466 -28.20 -6.67 -8.90
CA MET D 466 -27.02 -5.87 -8.62
C MET D 466 -26.99 -4.54 -9.37
N TYR D 467 -27.92 -4.34 -10.31
CA TYR D 467 -28.05 -3.03 -10.94
C TYR D 467 -28.48 -1.98 -9.93
N PHE D 468 -29.49 -2.31 -9.11
CA PHE D 468 -30.04 -1.39 -8.13
C PHE D 468 -29.07 -1.08 -7.00
N ALA D 469 -28.00 -1.86 -6.86
CA ALA D 469 -26.90 -1.55 -5.97
C ALA D 469 -26.22 -0.23 -6.31
N ARG D 470 -26.35 0.27 -7.55
CA ARG D 470 -25.83 1.60 -7.87
C ARG D 470 -26.63 2.72 -7.22
N GLY D 471 -27.80 2.44 -6.67
CA GLY D 471 -28.56 3.45 -5.97
C GLY D 471 -28.16 3.66 -4.52
N PHE D 472 -27.17 2.92 -4.04
CA PHE D 472 -26.76 2.99 -2.63
C PHE D 472 -25.25 3.15 -2.57
N GLN D 473 -24.78 3.96 -1.62
CA GLN D 473 -23.35 4.24 -1.51
C GLN D 473 -22.58 3.05 -0.97
N MET D 474 -23.25 2.20 -0.21
CA MET D 474 -22.56 1.06 0.41
C MET D 474 -22.37 -0.04 -0.63
N LEU D 475 -23.19 -0.09 -1.65
CA LEU D 475 -23.20 -1.19 -2.60
C LEU D 475 -22.77 -0.82 -4.01
N GLY D 476 -22.76 0.47 -4.34
CA GLY D 476 -22.40 0.93 -5.67
C GLY D 476 -20.96 0.70 -6.08
N PRO D 477 -20.01 1.32 -5.34
CA PRO D 477 -18.58 1.12 -5.66
C PRO D 477 -18.12 -0.33 -5.56
N PHE D 478 -18.70 -1.13 -4.66
CA PHE D 478 -18.32 -2.54 -4.59
C PHE D 478 -18.78 -3.28 -5.84
N THR D 479 -19.95 -2.95 -6.37
CA THR D 479 -20.43 -3.54 -7.62
C THR D 479 -19.58 -3.11 -8.82
N ILE D 480 -19.14 -1.85 -8.85
CA ILE D 480 -18.21 -1.40 -9.89
C ILE D 480 -16.88 -2.13 -9.77
N MET D 481 -16.45 -2.38 -8.53
CA MET D 481 -15.20 -3.13 -8.30
C MET D 481 -15.37 -4.54 -8.87
N ILE D 482 -16.50 -5.20 -8.58
CA ILE D 482 -16.74 -6.56 -9.08
C ILE D 482 -16.70 -6.57 -10.61
N GLN D 483 -17.27 -5.54 -11.24
CA GLN D 483 -17.19 -5.43 -12.70
C GLN D 483 -15.76 -5.26 -13.19
N LYS D 484 -14.96 -4.48 -12.46
CA LYS D 484 -13.56 -4.28 -12.85
C LYS D 484 -12.75 -5.55 -12.63
N MET D 485 -13.08 -6.34 -11.61
CA MET D 485 -12.34 -7.57 -11.35
C MET D 485 -12.69 -8.64 -12.37
N ILE D 486 -13.97 -8.70 -12.79
CA ILE D 486 -14.38 -9.75 -13.72
C ILE D 486 -13.77 -9.53 -15.10
N PHE D 487 -13.85 -8.32 -15.62
CA PHE D 487 -13.31 -8.00 -16.94
C PHE D 487 -11.82 -7.69 -16.89
N GLY D 488 -11.24 -7.72 -15.69
CA GLY D 488 -9.82 -7.47 -15.50
C GLY D 488 -9.07 -8.71 -15.07
N ASP D 489 -8.85 -8.83 -13.76
CA ASP D 489 -7.96 -9.87 -13.23
C ASP D 489 -8.55 -11.26 -13.37
N LEU D 490 -9.88 -11.39 -13.40
CA LEU D 490 -10.49 -12.71 -13.47
C LEU D 490 -10.26 -13.36 -14.83
N MET D 491 -10.35 -12.59 -15.90
CA MET D 491 -10.13 -13.15 -17.24
C MET D 491 -8.67 -13.53 -17.46
N ARG D 492 -7.74 -12.67 -17.01
CA ARG D 492 -6.33 -12.98 -17.19
C ARG D 492 -5.88 -14.09 -16.26
N PHE D 493 -6.61 -14.30 -15.15
CA PHE D 493 -6.35 -15.47 -14.33
C PHE D 493 -6.91 -16.74 -14.98
N CYS D 494 -8.11 -16.63 -15.56
CA CYS D 494 -8.77 -17.79 -16.16
C CYS D 494 -8.08 -18.27 -17.42
N TRP D 495 -7.43 -17.38 -18.17
CA TRP D 495 -6.75 -17.81 -19.40
C TRP D 495 -5.55 -18.70 -19.09
N LEU D 496 -4.85 -18.45 -17.97
CA LEU D 496 -3.75 -19.32 -17.59
C LEU D 496 -4.23 -20.51 -16.76
N MET D 497 -5.31 -20.31 -16.00
CA MET D 497 -5.92 -21.40 -15.26
C MET D 497 -6.47 -22.47 -16.20
N ALA D 498 -6.95 -22.07 -17.39
CA ALA D 498 -7.42 -23.03 -18.38
C ALA D 498 -6.28 -23.91 -18.87
N VAL D 499 -5.08 -23.37 -19.03
CA VAL D 499 -3.89 -24.16 -19.54
C VAL D 499 -3.34 -25.00 -18.41
N VAL D 500 -3.54 -24.61 -17.16
CA VAL D 500 -3.15 -25.49 -16.05
C VAL D 500 -4.15 -26.63 -15.90
N ILE D 501 -5.44 -26.37 -15.96
CA ILE D 501 -6.42 -27.48 -15.92
C ILE D 501 -6.20 -28.39 -17.12
N LEU D 502 -6.06 -27.88 -18.35
CA LEU D 502 -5.88 -28.76 -19.49
C LEU D 502 -4.63 -29.62 -19.39
N GLY D 503 -3.58 -29.14 -18.72
CA GLY D 503 -2.44 -30.01 -18.49
C GLY D 503 -2.69 -31.06 -17.43
N PHE D 504 -3.15 -30.62 -16.26
CA PHE D 504 -3.25 -31.55 -15.14
C PHE D 504 -4.46 -32.47 -15.26
N ALA D 505 -5.50 -32.08 -16.01
CA ALA D 505 -6.61 -32.99 -16.29
C ALA D 505 -6.15 -34.16 -17.13
N SER D 506 -5.35 -33.89 -18.16
CA SER D 506 -4.80 -34.95 -19.00
C SER D 506 -3.86 -35.85 -18.21
N ALA D 507 -3.00 -35.24 -17.38
CA ALA D 507 -2.07 -36.03 -16.56
C ALA D 507 -2.81 -36.90 -15.54
N PHE D 508 -3.81 -36.33 -14.86
CA PHE D 508 -4.58 -37.07 -13.87
C PHE D 508 -5.44 -38.15 -14.52
N HIS D 509 -5.88 -37.92 -15.76
CA HIS D 509 -6.68 -38.92 -16.46
C HIS D 509 -5.82 -40.08 -16.92
N ILE D 510 -4.62 -39.81 -17.43
CA ILE D 510 -3.81 -40.91 -17.94
C ILE D 510 -3.13 -41.65 -16.80
N THR D 511 -2.98 -41.04 -15.63
CA THR D 511 -2.47 -41.79 -14.49
C THR D 511 -3.52 -42.77 -13.96
N PHE D 512 -4.79 -42.43 -14.08
CA PHE D 512 -5.89 -43.28 -13.64
C PHE D 512 -6.60 -43.95 -14.79
N GLN D 513 -5.96 -44.16 -15.92
CA GLN D 513 -6.66 -44.76 -17.07
C GLN D 513 -6.44 -46.24 -16.99
N THR D 514 -5.51 -46.69 -16.15
CA THR D 514 -5.27 -48.11 -15.97
C THR D 514 -5.78 -48.61 -14.62
N GLU D 515 -6.55 -47.80 -13.91
CA GLU D 515 -7.00 -48.12 -12.57
C GLU D 515 -8.51 -48.35 -12.59
N ASP D 516 -9.04 -48.96 -11.54
CA ASP D 516 -10.48 -49.28 -11.49
C ASP D 516 -11.21 -48.01 -11.13
N PRO D 517 -12.24 -47.61 -11.88
CA PRO D 517 -12.95 -46.35 -11.64
C PRO D 517 -13.79 -46.34 -10.37
N ASN D 518 -14.07 -47.51 -9.80
CA ASN D 518 -14.92 -47.55 -8.61
C ASN D 518 -14.18 -47.09 -7.37
N ASN D 519 -12.87 -47.33 -7.32
CA ASN D 519 -12.09 -46.96 -6.14
C ASN D 519 -11.80 -45.47 -6.11
N LEU D 520 -11.47 -44.87 -7.26
CA LEU D 520 -11.22 -43.44 -7.36
C LEU D 520 -11.84 -42.95 -8.65
N GLY D 521 -13.07 -42.45 -8.55
CA GLY D 521 -13.84 -42.01 -9.70
C GLY D 521 -13.71 -40.55 -10.05
N GLU D 522 -12.77 -39.82 -9.44
CA GLU D 522 -12.58 -38.41 -9.77
C GLU D 522 -12.05 -38.23 -11.18
N PHE D 523 -11.13 -39.09 -11.62
CA PHE D 523 -10.57 -39.04 -12.97
C PHE D 523 -10.83 -40.39 -13.64
N SER D 524 -12.02 -40.52 -14.24
CA SER D 524 -12.39 -41.73 -14.95
C SER D 524 -12.73 -41.46 -16.42
N ASP D 525 -13.27 -40.29 -16.72
CA ASP D 525 -13.43 -39.82 -18.08
C ASP D 525 -12.75 -38.46 -18.18
N TYR D 526 -12.38 -38.07 -19.40
CA TYR D 526 -11.72 -36.78 -19.59
C TYR D 526 -12.60 -35.57 -19.25
N PRO D 527 -13.91 -35.51 -19.57
CA PRO D 527 -14.72 -34.43 -19.00
C PRO D 527 -14.80 -34.44 -17.47
N THR D 528 -14.90 -35.63 -16.87
CA THR D 528 -14.91 -35.72 -15.42
C THR D 528 -13.55 -35.36 -14.83
N ALA D 529 -12.48 -35.70 -15.53
CA ALA D 529 -11.15 -35.29 -15.09
C ALA D 529 -10.97 -33.78 -15.17
N LEU D 530 -11.51 -33.16 -16.22
CA LEU D 530 -11.48 -31.70 -16.35
C LEU D 530 -12.25 -31.02 -15.23
N PHE D 531 -13.47 -31.49 -14.95
CA PHE D 531 -14.28 -30.88 -13.89
C PHE D 531 -13.68 -31.14 -12.51
N SER D 532 -13.11 -32.33 -12.31
CA SER D 532 -12.50 -32.67 -11.03
C SER D 532 -11.26 -31.83 -10.77
N THR D 533 -10.42 -31.63 -11.78
CA THR D 533 -9.23 -30.82 -11.56
C THR D 533 -9.58 -29.33 -11.52
N PHE D 534 -10.70 -28.91 -12.12
CA PHE D 534 -11.17 -27.54 -11.97
C PHE D 534 -11.64 -27.30 -10.54
N GLU D 535 -12.32 -28.29 -9.96
CA GLU D 535 -12.70 -28.20 -8.55
C GLU D 535 -11.48 -28.28 -7.64
N LEU D 536 -10.46 -29.04 -8.04
CA LEU D 536 -9.26 -29.18 -7.23
C LEU D 536 -8.37 -27.93 -7.30
N PHE D 537 -8.51 -27.14 -8.38
CA PHE D 537 -7.82 -25.87 -8.47
C PHE D 537 -8.30 -24.90 -7.39
N LEU D 538 -9.63 -24.82 -7.22
CA LEU D 538 -10.23 -23.87 -6.29
C LEU D 538 -10.42 -24.46 -4.90
N THR D 539 -9.96 -25.69 -4.68
CA THR D 539 -10.04 -26.42 -3.41
C THR D 539 -11.46 -26.52 -2.87
N ILE D 540 -12.45 -26.66 -3.75
CA ILE D 540 -13.83 -26.83 -3.33
C ILE D 540 -14.21 -28.28 -3.15
N ILE D 541 -13.38 -29.22 -3.62
CA ILE D 541 -13.53 -30.63 -3.28
C ILE D 541 -12.21 -31.09 -2.67
N ASP D 542 -12.27 -32.20 -1.93
CA ASP D 542 -11.10 -32.77 -1.31
C ASP D 542 -10.22 -33.43 -2.36
N GLY D 543 -8.94 -33.55 -2.05
CA GLY D 543 -8.02 -34.32 -2.86
C GLY D 543 -8.43 -35.77 -2.86
N PRO D 544 -8.36 -36.41 -4.04
CA PRO D 544 -8.78 -37.81 -4.15
C PRO D 544 -7.79 -38.73 -3.43
N ALA D 545 -8.26 -39.38 -2.36
CA ALA D 545 -7.38 -40.20 -1.55
C ALA D 545 -8.17 -41.35 -0.97
N ASN D 546 -7.95 -42.55 -1.49
CA ASN D 546 -8.51 -43.77 -0.94
C ASN D 546 -7.38 -44.52 -0.26
N TYR D 547 -7.40 -44.56 1.08
CA TYR D 547 -6.29 -45.09 1.86
C TYR D 547 -6.39 -46.60 2.04
N SER D 548 -7.43 -47.23 1.51
CA SER D 548 -7.56 -48.68 1.56
C SER D 548 -7.02 -49.37 0.32
N VAL D 549 -6.56 -48.61 -0.69
CA VAL D 549 -6.04 -49.15 -1.93
C VAL D 549 -4.70 -48.49 -2.24
N ASP D 550 -4.03 -49.05 -3.23
CA ASP D 550 -2.68 -48.55 -3.61
C ASP D 550 -2.79 -47.68 -4.84
N LEU D 551 -2.83 -46.36 -4.65
CA LEU D 551 -2.87 -45.40 -5.74
C LEU D 551 -1.53 -45.37 -6.46
N PRO D 552 -1.50 -44.96 -7.73
CA PRO D 552 -0.21 -44.78 -8.42
C PRO D 552 0.63 -43.69 -7.78
N PHE D 553 1.96 -43.88 -7.83
CA PHE D 553 2.87 -42.87 -7.31
C PHE D 553 2.92 -41.66 -8.21
N MET D 554 2.63 -41.84 -9.50
CA MET D 554 2.56 -40.73 -10.43
C MET D 554 1.43 -39.78 -10.10
N TYR D 555 0.32 -40.29 -9.56
CA TYR D 555 -0.72 -39.41 -9.05
C TYR D 555 -0.21 -38.57 -7.88
N CYS D 556 0.58 -39.17 -6.99
CA CYS D 556 1.12 -38.41 -5.86
C CYS D 556 2.08 -37.32 -6.32
N ILE D 557 2.95 -37.63 -7.30
CA ILE D 557 3.89 -36.64 -7.82
C ILE D 557 3.16 -35.51 -8.55
N THR D 558 2.21 -35.88 -9.43
CA THR D 558 1.48 -34.89 -10.20
C THR D 558 0.57 -34.05 -9.32
N TYR D 559 -0.03 -34.66 -8.29
CA TYR D 559 -0.92 -33.91 -7.42
C TYR D 559 -0.14 -33.03 -6.45
N ALA D 560 1.07 -33.44 -6.07
CA ALA D 560 1.93 -32.55 -5.29
C ALA D 560 2.36 -31.34 -6.10
N ALA D 561 2.72 -31.55 -7.36
CA ALA D 561 3.05 -30.43 -8.25
C ALA D 561 1.84 -29.53 -8.50
N PHE D 562 0.66 -30.14 -8.66
CA PHE D 562 -0.58 -29.39 -8.84
C PHE D 562 -0.93 -28.58 -7.60
N ALA D 563 -0.72 -29.16 -6.42
CA ALA D 563 -1.01 -28.45 -5.18
C ALA D 563 -0.03 -27.32 -4.96
N ILE D 564 1.21 -27.47 -5.43
CA ILE D 564 2.17 -26.38 -5.31
C ILE D 564 1.83 -25.23 -6.27
N ILE D 565 1.59 -25.54 -7.54
CA ILE D 565 1.57 -24.46 -8.53
C ILE D 565 0.15 -23.90 -8.71
N ALA D 566 -0.87 -24.63 -8.28
CA ALA D 566 -2.23 -24.13 -8.47
C ALA D 566 -2.85 -23.66 -7.16
N THR D 567 -2.88 -24.55 -6.16
CA THR D 567 -3.49 -24.23 -4.88
C THR D 567 -2.65 -23.20 -4.12
N LEU D 568 -1.35 -23.43 -4.01
CA LEU D 568 -0.51 -22.55 -3.22
C LEU D 568 -0.14 -21.30 -4.00
N LEU D 569 0.30 -21.45 -5.24
CA LEU D 569 0.86 -20.33 -5.99
C LEU D 569 -0.23 -19.45 -6.60
N MET D 570 -1.04 -20.02 -7.52
CA MET D 570 -1.91 -19.18 -8.34
C MET D 570 -3.16 -18.75 -7.59
N LEU D 571 -3.68 -19.61 -6.72
CA LEU D 571 -4.92 -19.28 -6.01
C LEU D 571 -4.69 -18.17 -4.99
N ASN D 572 -3.48 -18.10 -4.42
CA ASN D 572 -3.10 -16.99 -3.55
C ASN D 572 -2.58 -15.79 -4.33
N LEU D 573 -1.99 -16.01 -5.50
CA LEU D 573 -1.54 -14.92 -6.34
C LEU D 573 -2.72 -14.16 -6.94
N PHE D 574 -3.86 -14.83 -7.11
CA PHE D 574 -5.08 -14.13 -7.51
C PHE D 574 -5.55 -13.17 -6.42
N ILE D 575 -5.45 -13.60 -5.16
CA ILE D 575 -5.79 -12.72 -4.03
C ILE D 575 -4.81 -11.55 -3.96
N ALA D 576 -3.53 -11.83 -4.17
CA ALA D 576 -2.52 -10.77 -4.15
C ALA D 576 -2.71 -9.78 -5.29
N MET D 577 -3.08 -10.25 -6.47
CA MET D 577 -3.28 -9.40 -7.66
C MET D 577 -4.56 -8.60 -7.48
N MET D 578 -5.60 -9.16 -6.87
CA MET D 578 -6.81 -8.41 -6.57
C MET D 578 -6.54 -7.33 -5.52
N GLY D 579 -5.74 -7.65 -4.50
CA GLY D 579 -5.38 -6.65 -3.51
C GLY D 579 -4.51 -5.54 -4.08
N ASP D 580 -3.66 -5.88 -5.05
CA ASP D 580 -2.83 -4.87 -5.70
C ASP D 580 -3.65 -3.98 -6.63
N THR D 581 -4.61 -4.54 -7.36
CA THR D 581 -5.42 -3.77 -8.29
C THR D 581 -6.71 -3.24 -7.64
N HIS D 582 -6.87 -3.43 -6.34
CA HIS D 582 -7.96 -2.78 -5.62
C HIS D 582 -7.64 -1.35 -5.23
N TRP D 583 -6.44 -1.12 -4.70
CA TRP D 583 -6.09 0.24 -4.27
C TRP D 583 -5.67 1.11 -5.44
N ARG D 584 -5.26 0.51 -6.56
CA ARG D 584 -4.88 1.31 -7.72
C ARG D 584 -6.09 1.91 -8.41
N VAL D 585 -7.19 1.16 -8.48
CA VAL D 585 -8.42 1.60 -9.14
C VAL D 585 -9.50 1.95 -8.12
N ALA D 586 -9.12 2.29 -6.89
CA ALA D 586 -10.11 2.64 -5.87
C ALA D 586 -10.69 4.02 -6.11
N GLN D 587 -9.85 5.00 -6.47
CA GLN D 587 -10.33 6.34 -6.77
C GLN D 587 -11.19 6.35 -8.02
N GLU D 588 -10.79 5.57 -9.03
CA GLU D 588 -11.61 5.44 -10.24
C GLU D 588 -12.91 4.73 -9.95
N ARG D 589 -12.91 3.76 -9.02
CA ARG D 589 -14.14 3.11 -8.59
C ARG D 589 -15.07 4.09 -7.89
N ASP D 590 -14.66 5.09 -7.16
CA ASP D 590 -15.72 5.93 -6.52
C ASP D 590 -16.34 6.90 -7.53
N GLU D 591 -15.54 7.41 -8.46
CA GLU D 591 -15.99 8.42 -9.44
C GLU D 591 -16.96 7.81 -10.43
N LEU D 592 -16.67 6.59 -10.84
CA LEU D 592 -17.57 5.90 -11.79
C LEU D 592 -18.92 5.72 -11.10
N TRP D 593 -18.96 5.42 -9.80
CA TRP D 593 -20.26 5.34 -9.09
C TRP D 593 -20.94 6.70 -9.01
N ARG D 594 -20.18 7.71 -8.69
CA ARG D 594 -20.90 8.99 -8.56
C ARG D 594 -21.52 9.28 -9.93
N ALA D 595 -20.86 8.91 -11.04
CA ALA D 595 -21.51 9.13 -12.34
C ALA D 595 -22.70 8.21 -12.54
N GLN D 596 -22.58 6.92 -12.27
CA GLN D 596 -23.68 5.95 -12.36
C GLN D 596 -24.89 6.48 -11.61
N VAL D 597 -24.74 7.34 -10.61
CA VAL D 597 -25.99 7.84 -9.95
C VAL D 597 -26.54 9.07 -10.67
N VAL D 598 -25.91 9.56 -11.75
CA VAL D 598 -26.33 10.73 -12.54
C VAL D 598 -26.93 10.19 -13.82
N ALA D 599 -26.66 8.92 -14.14
CA ALA D 599 -27.21 8.29 -15.34
C ALA D 599 -28.48 7.56 -14.97
N THR D 600 -28.60 7.19 -13.70
CA THR D 600 -29.84 6.55 -13.22
C THR D 600 -30.89 7.63 -13.12
N THR D 601 -30.49 8.86 -12.76
CA THR D 601 -31.44 9.98 -12.66
C THR D 601 -31.81 10.43 -14.06
N VAL D 602 -30.85 10.51 -14.96
CA VAL D 602 -31.08 11.01 -16.34
C VAL D 602 -31.85 9.97 -17.15
N MET D 603 -31.93 8.71 -16.71
CA MET D 603 -32.75 7.71 -17.42
C MET D 603 -34.15 7.80 -16.84
N LEU D 604 -34.24 7.66 -15.54
CA LEU D 604 -35.55 7.71 -14.86
C LEU D 604 -36.24 9.00 -15.29
N GLU D 605 -35.54 10.13 -15.43
CA GLU D 605 -36.27 11.32 -15.88
C GLU D 605 -36.75 11.15 -17.31
N ARG D 606 -36.00 10.42 -18.13
CA ARG D 606 -36.39 10.21 -19.52
C ARG D 606 -37.53 9.21 -19.65
N LYS D 607 -37.47 8.10 -18.89
CA LYS D 607 -38.37 6.99 -19.15
C LYS D 607 -39.69 7.10 -18.39
N MET D 608 -39.64 7.57 -17.14
CA MET D 608 -40.84 7.69 -16.34
C MET D 608 -41.72 8.83 -16.84
N PRO D 609 -43.03 8.78 -16.57
CA PRO D 609 -43.91 9.86 -17.04
C PRO D 609 -43.63 11.19 -16.37
N ARG D 610 -44.11 12.25 -17.01
CA ARG D 610 -43.72 13.61 -16.63
C ARG D 610 -44.39 14.06 -15.34
N PHE D 611 -45.54 13.48 -15.00
CA PHE D 611 -46.24 13.89 -13.78
C PHE D 611 -45.52 13.40 -12.53
N LEU D 612 -44.67 12.38 -12.64
CA LEU D 612 -43.85 11.92 -11.53
C LEU D 612 -42.53 12.66 -11.43
N TRP D 613 -42.08 13.31 -12.50
CA TRP D 613 -40.82 14.05 -12.53
C TRP D 613 -41.12 15.51 -12.85
N PRO D 614 -41.34 16.34 -11.84
CA PRO D 614 -41.52 17.77 -12.08
C PRO D 614 -40.22 18.42 -12.56
N ARG D 615 -40.36 19.54 -13.25
CA ARG D 615 -39.21 20.25 -13.78
C ARG D 615 -38.39 20.85 -12.66
N SER D 616 -37.07 20.63 -12.72
CA SER D 616 -36.16 21.01 -11.66
C SER D 616 -35.67 22.43 -11.86
N GLY D 617 -35.59 23.18 -10.78
CA GLY D 617 -35.14 24.56 -10.81
C GLY D 617 -36.21 25.51 -10.34
N ILE D 618 -35.92 26.80 -10.48
CA ILE D 618 -36.81 27.87 -10.05
C ILE D 618 -37.35 28.53 -11.32
N CYS D 619 -38.67 28.62 -11.42
CA CYS D 619 -39.31 29.17 -12.61
C CYS D 619 -39.16 30.68 -12.63
N GLY D 620 -38.59 31.20 -13.71
CA GLY D 620 -38.33 32.63 -13.79
C GLY D 620 -39.55 33.47 -14.13
N TYR D 621 -40.63 32.84 -14.61
CA TYR D 621 -41.83 33.59 -14.96
C TYR D 621 -42.59 34.03 -13.71
N GLU D 622 -42.43 33.29 -12.61
CA GLU D 622 -43.07 33.67 -11.35
C GLU D 622 -42.46 34.96 -10.80
N TYR D 623 -41.16 35.16 -10.98
CA TYR D 623 -40.45 36.30 -10.42
C TYR D 623 -40.07 37.34 -11.48
N GLY D 624 -40.56 37.19 -12.71
CA GLY D 624 -40.32 38.17 -13.74
C GLY D 624 -38.96 38.13 -14.39
N LEU D 625 -38.15 37.10 -14.11
CA LEU D 625 -36.82 37.00 -14.70
C LEU D 625 -36.86 36.55 -16.16
N GLY D 626 -37.97 36.01 -16.63
CA GLY D 626 -38.07 35.60 -18.02
C GLY D 626 -38.72 34.25 -18.17
N ASP D 627 -38.45 33.57 -19.28
CA ASP D 627 -38.96 32.23 -19.53
C ASP D 627 -37.90 31.17 -19.30
N ARG D 628 -37.00 31.42 -18.35
CA ARG D 628 -35.88 30.53 -18.09
C ARG D 628 -35.99 29.97 -16.68
N TRP D 629 -35.38 28.80 -16.47
CA TRP D 629 -35.37 28.13 -15.18
C TRP D 629 -33.97 28.18 -14.61
N PHE D 630 -33.87 28.58 -13.33
CA PHE D 630 -32.59 28.84 -12.68
C PHE D 630 -32.38 27.91 -11.51
N LEU D 631 -31.14 27.84 -11.05
CA LEU D 631 -30.76 27.10 -9.86
C LEU D 631 -29.98 28.04 -8.95
N ARG D 632 -30.42 28.15 -7.70
CA ARG D 632 -29.78 29.05 -6.74
C ARG D 632 -28.81 28.27 -5.88
N VAL D 633 -27.55 28.69 -5.89
CA VAL D 633 -26.50 28.06 -5.10
C VAL D 633 -25.96 29.09 -4.12
N GLU D 634 -26.06 28.78 -2.83
CA GLU D 634 -25.53 29.62 -1.77
C GLU D 634 -24.28 28.97 -1.21
N ASN D 635 -23.15 29.66 -1.26
CA ASN D 635 -21.87 29.07 -0.90
C ASN D 635 -21.08 30.01 0.00
N HIS D 636 -20.23 29.40 0.82
CA HIS D 636 -19.42 30.10 1.82
C HIS D 636 -18.06 30.37 1.22
N HIS D 637 -17.88 31.58 0.67
CA HIS D 637 -16.62 31.90 0.00
C HIS D 637 -15.58 32.42 0.97
N ASP D 638 -15.98 32.64 2.24
CA ASP D 638 -15.13 33.13 3.34
C ASP D 638 -14.44 34.46 3.03
N POV E . -42.09 -28.21 -3.80
P POV E . -39.74 -26.61 -0.20
C1 POV E . -40.94 -24.39 0.56
C2 POV E . -40.99 -22.92 0.24
C3 POV E . -41.39 -22.62 -1.18
C210 POV E . -32.07 -15.33 2.07
C310 POV E . -35.75 -11.91 -0.42
C11 POV E . -41.27 -26.30 -2.31
O11 POV E . -39.87 -25.01 -0.19
C211 POV E . -30.86 -14.47 1.96
C311 POV E . -34.45 -11.21 -0.12
C12 POV E . -42.41 -26.92 -3.06
O12 POV E . -40.99 -27.06 -1.10
C212 POV E . -31.18 -13.02 2.20
C312 POV E . -33.74 -10.68 -1.33
C13 POV E . -42.13 -29.35 -2.85
O13 POV E . -38.50 -27.00 -0.95
C313 POV E . -32.50 -9.90 -0.99
C14 POV E . -43.08 -28.44 -4.88
O14 POV E . -39.95 -27.09 1.21
C314 POV E . -31.87 -9.18 -2.15
C15 POV E . -40.74 -28.12 -4.38
C315 POV E . -30.75 -8.26 -1.75
C21 POV E . -39.39 -21.89 1.70
O21 POV E . -39.69 -22.31 0.46
C22 POV E . -39.20 -20.40 1.74
O22 POV E . -39.29 -22.62 2.64
C23 POV E . -37.79 -19.99 2.00
C24 POV E . -37.62 -18.49 1.83
C25 POV E . -36.20 -18.02 1.71
C26 POV E . -35.44 -17.97 3.00
C27 POV E . -34.19 -17.10 2.93
C28 POV E . -34.48 -15.66 2.70
C29 POV E . -33.27 -14.87 2.29
C31 POV E . -40.23 -20.77 -2.08
O31 POV E . -41.28 -21.19 -1.39
C32 POV E . -40.06 -19.29 -2.00
O32 POV E . -39.50 -21.51 -2.70
C33 POV E . -38.90 -18.81 -2.80
C34 POV E . -38.54 -17.38 -2.47
C35 POV E . -37.19 -16.95 -2.98
C36 POV E . -36.73 -15.64 -2.42
C37 POV E . -36.81 -15.57 -0.92
C38 POV E . -36.83 -14.18 -0.38
C39 POV E . -35.61 -13.37 -0.72
C1 ERG F . -17.17 -8.12 17.37
C2 ERG F . -16.31 -6.96 17.88
C3 ERG F . -16.87 -5.64 17.43
C4 ERG F . -18.27 -5.49 17.98
C5 ERG F . -19.17 -6.61 17.57
C6 ERG F . -20.39 -6.38 17.08
C7 ERG F . -21.31 -7.42 16.96
C8 ERG F . -20.91 -8.66 16.73
C9 ERG F . -19.47 -9.10 16.97
C10 ERG F . -18.66 -8.03 17.80
C11 ERG F . -19.39 -10.52 17.55
C12 ERG F . -20.36 -11.53 16.93
C13 ERG F . -21.80 -11.01 17.04
C14 ERG F . -21.85 -9.71 16.22
C15 ERG F . -23.33 -9.38 16.15
C16 ERG F . -24.03 -10.76 16.17
C17 ERG F . -22.89 -11.81 16.30
C18 ERG F . -22.20 -10.78 18.49
C19 ERG F . -18.77 -8.31 19.30
C20 ERG F . -23.37 -13.13 16.92
C21 ERG F . -22.41 -14.29 16.68
C22 ERG F . -24.73 -13.50 16.41
C23 ERG F . -25.11 -14.69 16.01
C24 ERG F . -26.51 -15.14 15.73
C25 ERG F . -26.95 -16.18 16.73
C26 ERG F . -26.09 -17.43 16.67
C27 ERG F . -26.91 -15.61 18.14
C28 ERG F . -27.44 -13.94 15.72
O1 ERG F . -16.03 -4.59 17.92
C1 ERG G . -32.15 -24.32 6.22
C2 ERG G . -33.00 -25.47 6.76
C3 ERG G . -32.93 -25.52 8.26
C4 ERG G . -33.48 -24.21 8.80
C5 ERG G . -32.67 -23.05 8.31
C6 ERG G . -32.17 -22.15 9.17
C7 ERG G . -31.49 -21.01 8.72
C8 ERG G . -30.95 -20.97 7.50
C9 ERG G . -31.33 -21.94 6.41
C10 ERG G . -32.49 -22.92 6.80
C11 ERG G . -31.56 -21.19 5.08
C12 ERG G . -30.42 -20.23 4.71
C13 ERG G . -30.19 -19.20 5.82
C14 ERG G . -29.90 -19.98 7.11
C15 ERG G . -29.48 -18.88 8.10
C16 ERG G . -28.73 -17.88 7.22
C17 ERG G . -28.90 -18.36 5.75
C18 ERG G . -31.42 -18.29 5.99
C19 ERG G . -33.82 -22.44 6.20
C20 ERG G . -28.80 -17.23 4.72
C21 ERG G . -28.35 -17.71 3.35
C22 ERG G . -27.86 -16.16 5.21
C23 ERG G . -26.82 -15.69 4.58
C24 ERG G . -25.99 -14.50 4.96
C25 ERG G . -25.95 -13.49 3.83
C26 ERG G . -25.73 -14.18 2.49
C27 ERG G . -27.21 -12.65 3.79
C28 ERG G . -26.54 -13.87 6.22
O1 ERG G . -33.69 -26.64 8.74
N POV H . -22.29 -34.02 30.46
P POV H . -18.03 -33.67 28.77
C1 POV H . -16.58 -32.51 30.65
C2 POV H . -16.23 -31.14 31.19
C3 POV H . -17.42 -30.34 31.64
C210 POV H . -9.90 -23.07 25.26
C310 POV H . -11.18 -20.11 29.85
C11 POV H . -20.00 -32.87 30.31
O11 POV H . -17.35 -32.37 29.43
C211 POV H . -9.42 -21.94 24.40
C311 POV H . -10.42 -19.28 28.85
C12 POV H . -21.13 -33.37 31.18
O12 POV H . -19.23 -33.99 29.81
C212 POV H . -8.63 -20.93 25.18
C312 POV H . -11.13 -18.06 28.35
C13 POV H . -21.95 -35.43 30.13
O13 POV H . -18.68 -33.29 27.48
C313 POV H . -10.31 -17.22 27.43
C14 POV H . -23.50 -34.00 31.31
O14 POV H . -17.03 -34.79 28.82
C314 POV H . -10.92 -15.90 27.06
C15 POV H . -22.55 -33.27 29.20
C315 POV H . -9.99 -14.98 26.32
C21 POV H . -14.24 -30.49 30.01
O21 POV H . -15.57 -30.37 30.15
C22 POV H . -13.52 -29.22 30.32
O22 POV H . -13.71 -31.51 29.68
C23 POV H . -12.89 -28.57 29.13
C24 POV H . -12.36 -27.19 29.46
C25 POV H . -12.04 -26.34 28.27
C26 POV H . -10.76 -26.68 27.58
C27 POV H . -10.24 -25.56 26.68
C28 POV H . -9.86 -24.32 27.43
C29 POV H . -9.69 -23.13 26.54
C31 POV H . -17.22 -28.05 31.14
O31 POV H . -16.97 -29.02 32.01
C32 POV H . -16.49 -26.80 31.47
O32 POV H . -17.98 -28.17 30.21
C33 POV H . -16.80 -25.69 30.54
C34 POV H . -15.83 -24.54 30.67
C35 POV H . -15.88 -23.56 29.53
C36 POV H . -14.74 -22.59 29.53
C37 POV H . -13.40 -23.25 29.64
C38 POV H . -12.32 -22.34 30.12
C39 POV H . -12.07 -21.15 29.23
C1 ERG I . 9.15 -19.81 13.64
C2 ERG I . 10.24 -18.84 13.20
C3 ERG I . 10.33 -17.68 14.17
C4 ERG I . 10.66 -18.21 15.55
C5 ERG I . 9.66 -19.22 16.02
C6 ERG I . 9.14 -19.14 17.25
C7 ERG I . 8.44 -20.22 17.78
C8 ERG I . 7.75 -21.05 16.99
C9 ERG I . 8.00 -21.11 15.49
C10 ERG I . 9.33 -20.37 15.08
C11 ERG I . 7.91 -22.55 14.94
C12 ERG I . 6.77 -23.39 15.53
C13 ERG I . 6.86 -23.41 17.06
C14 ERG I . 6.69 -21.97 17.53
C15 ERG I . 6.54 -22.09 19.04
C16 ERG I . 5.86 -23.45 19.24
C17 ERG I . 5.69 -24.07 17.83
C18 ERG I . 8.19 -24.02 17.52
C19 ERG I . 10.52 -21.34 15.10
C20 ERG I . 5.59 -25.60 17.85
C21 ERG I . 5.02 -26.17 16.56
C22 ERG I . 4.76 -26.06 19.01
C23 ERG I . 3.83 -26.97 18.97
C24 ERG I . 3.15 -27.63 20.14
C25 ERG I . 3.53 -29.10 20.22
C26 ERG I . 3.05 -29.87 19.00
C27 ERG I . 5.03 -29.26 20.38
C28 ERG I . 3.53 -26.90 21.42
O1 ERG I . 11.36 -16.79 13.73
C1 ERG J . -10.16 -32.54 22.41
C2 ERG J . -10.32 -34.00 22.83
C3 ERG J . -9.00 -34.71 22.76
C4 ERG J . -8.03 -34.03 23.70
C5 ERG J . -7.83 -32.59 23.32
C6 ERG J . -6.60 -32.09 23.15
C7 ERG J . -6.40 -30.74 22.88
C8 ERG J . -7.37 -29.98 22.37
C9 ERG J . -8.82 -30.38 22.41
C10 ERG J . -9.09 -31.74 23.19
C11 ERG J . -9.71 -29.22 22.86
C12 ERG J . -9.44 -27.91 22.10
C13 ERG J . -7.97 -27.50 22.23
C14 ERG J . -7.12 -28.66 21.70
C15 ERG J . -5.70 -28.09 21.68
C16 ERG J . -5.92 -26.61 21.29
C17 ERG J . -7.45 -26.39 21.28
C18 ERG J . -7.61 -27.18 23.69
C19 ERG J . -9.61 -31.44 24.60
C20 ERG J . -7.86 -24.93 21.56
C21 ERG J . -9.22 -24.57 20.97
C22 ERG J . -6.82 -24.00 21.03
C23 ERG J . -7.01 -23.01 20.19
C24 ERG J . -6.02 -21.95 19.80
C25 ERG J . -6.57 -20.57 20.08
C26 ERG J . -8.03 -20.46 19.66
C27 ERG J . -6.44 -20.21 21.56
C28 ERG J . -4.72 -22.17 20.54
O1 ERG J . -9.18 -36.09 23.11
N POV K . 8.63 -49.06 10.03
P POV K . 7.97 -46.76 6.12
C1 POV K . 10.36 -46.24 5.14
C2 POV K . 11.48 -45.24 5.26
C3 POV K . 12.05 -45.12 6.66
C210 POV K . 10.75 -33.89 1.90
C310 POV K . 15.91 -33.92 4.11
C11 POV K . 9.36 -47.37 8.25
O11 POV K . 9.21 -45.78 5.92
C211 POV K . 10.56 -32.42 1.82
C311 POV K . 15.50 -32.54 3.66
C12 POV K . 9.74 -48.52 9.15
O12 POV K . 8.55 -47.84 7.15
C212 POV K . 11.81 -31.70 1.41
C312 POV K . 15.48 -31.49 4.73
C13 POV K . 7.78 -49.99 9.25
O13 POV K . 6.87 -46.02 6.85
C313 POV K . 15.17 -30.12 4.22
C14 POV K . 9.20 -49.79 11.19
O14 POV K . 7.67 -47.43 4.80
C314 POV K . 15.32 -29.02 5.24
C15 POV K . 7.80 -47.93 10.52
C315 POV K . 15.20 -27.65 4.65
C21 POV K . 11.04 -43.56 3.59
O21 POV K . 11.01 -43.92 4.88
C22 POV K . 11.98 -42.44 3.33
O22 POV K . 10.39 -44.11 2.75
C23 POV K . 11.31 -41.17 2.93
C24 POV K . 12.29 -40.01 2.89
C25 POV K . 11.65 -38.65 2.87
C26 POV K . 11.09 -38.25 1.54
C27 POV K . 10.87 -36.74 1.41
C28 POV K . 12.13 -35.94 1.47
C29 POV K . 11.90 -34.49 1.70
C31 POV K . 12.64 -42.91 7.23
O31 POV K . 13.02 -44.05 6.66
C32 POV K . 13.58 -41.81 6.93
O32 POV K . 11.64 -42.80 7.89
C33 POV K . 13.19 -40.54 7.59
C34 POV K . 13.97 -39.35 7.05
C35 POV K . 13.38 -38.02 7.41
C36 POV K . 13.98 -36.88 6.66
C37 POV K . 14.00 -37.09 5.17
C38 POV K . 15.00 -36.24 4.45
C39 POV K . 14.77 -34.76 4.61
C1 ERG L . 4.88 -20.27 -15.08
C2 ERG L . 5.08 -18.94 -15.79
C3 ERG L . 6.45 -18.40 -15.49
C4 ERG L . 7.50 -19.38 -15.97
C5 ERG L . 7.32 -20.74 -15.36
C6 ERG L . 8.36 -21.39 -14.83
C7 ERG L . 8.25 -22.75 -14.52
C8 ERG L . 7.08 -23.27 -14.15
C9 ERG L . 5.76 -22.56 -14.41
C10 ERG L . 5.93 -21.36 -15.43
C11 ERG L . 4.64 -23.53 -14.81
C12 ERG L . 4.61 -24.83 -13.99
C13 ERG L . 5.97 -25.54 -14.09
C14 ERG L . 6.99 -24.60 -13.45
C15 ERG L . 8.25 -25.44 -13.34
C16 ERG L . 7.73 -26.87 -13.13
C17 ERG L . 6.18 -26.78 -13.19
C18 ERG L . 6.32 -25.87 -15.54
C19 ERG L . 5.71 -21.84 -16.87
C20 ERG L . 5.52 -28.10 -13.60
C21 ERG L . 4.03 -28.15 -13.24
C22 ERG L . 6.21 -29.27 -12.96
C23 ERG L . 5.63 -30.28 -12.39
C24 ERG L . 6.27 -31.57 -11.95
C25 ERG L . 5.76 -32.73 -12.79
C26 ERG L . 4.27 -32.95 -12.60
C27 ERG L . 6.07 -32.50 -14.26
C28 ERG L . 7.78 -31.44 -12.05
O1 ERG L . 6.62 -17.15 -16.17
C1 ERG M . 4.05 -40.58 -0.98
C2 ERG M . 3.76 -42.04 -1.31
C3 ERG M . 3.59 -42.23 -2.79
C4 ERG M . 4.88 -41.81 -3.46
C5 ERG M . 5.20 -40.37 -3.19
C6 ERG M . 5.46 -39.52 -4.19
C7 ERG M . 5.85 -38.20 -3.94
C8 ERG M . 5.58 -37.61 -2.78
C9 ERG M . 5.20 -38.39 -1.53
C10 ERG M . 5.26 -39.96 -1.73
C11 ERG M . 5.97 -37.88 -0.32
C12 ERG M . 5.91 -36.36 -0.14
C13 ERG M . 6.44 -35.64 -1.39
C14 ERG M . 5.59 -36.13 -2.58
C15 ERG M . 6.05 -35.23 -3.73
C16 ERG M . 6.31 -33.88 -3.04
C17 ERG M . 6.16 -34.13 -1.52
C18 ERG M . 7.92 -35.95 -1.62
C19 ERG M . 6.56 -40.52 -1.12
C20 ERG M . 6.98 -33.15 -0.66
C21 ERG M . 6.40 -32.96 0.74
C22 ERG M . 7.08 -31.82 -1.34
C23 ERG M . 6.74 -30.66 -0.84
C24 ERG M . 7.02 -29.30 -1.42
C25 ERG M . 7.78 -28.44 -0.44
C26 ERG M . 7.22 -28.57 0.96
C27 ERG M . 9.26 -28.78 -0.45
C28 ERG M . 7.79 -29.46 -2.72
O1 ERG M . 3.27 -43.60 -3.07
N POV N . -11.17 -43.25 -24.22
P POV N . -13.74 -39.70 -22.86
C1 POV N . -14.00 -38.11 -24.95
C2 POV N . -13.29 -37.01 -25.69
C3 POV N . -11.91 -37.39 -26.17
C210 POV N . -11.42 -26.16 -21.29
C310 POV N . -8.67 -25.71 -26.15
C11 POV N . -11.90 -40.79 -24.37
O11 POV N . -13.30 -38.42 -23.72
C211 POV N . -10.88 -24.94 -20.62
C311 POV N . -8.53 -24.47 -25.32
C12 POV N . -11.54 -42.06 -25.10
O12 POV N . -13.21 -40.92 -23.77
C212 POV N . -10.73 -23.79 -21.56
C312 POV N . -7.13 -24.10 -24.95
C13 POV N . -12.41 -43.91 -23.73
O13 POV N . -12.94 -39.73 -21.58
C313 POV N . -7.03 -22.80 -24.20
C14 POV N . -10.38 -44.23 -25.00
O14 POV N . -15.24 -39.73 -22.81
C314 POV N . -5.62 -22.31 -23.98
C15 POV N . -10.38 -42.77 -23.06
C315 POV N . -5.56 -20.92 -23.42
C21 POV N . -14.11 -34.97 -24.73
O21 POV N . -13.12 -35.86 -24.81
C22 POV N . -13.70 -33.63 -25.25
O22 POV N . -15.19 -35.22 -24.30
C23 POV N . -13.60 -32.57 -24.20
C24 POV N . -12.98 -31.30 -24.74
C25 POV N . -12.50 -30.34 -23.69
C26 POV N . -13.59 -29.54 -23.04
C27 POV N . -13.08 -28.28 -22.34
C28 POV N . -12.49 -27.28 -23.27
C29 POV N . -11.68 -26.23 -22.56
C31 POV N . -10.35 -35.64 -26.00
O31 POV N . -11.29 -36.22 -26.74
C32 POV N . -9.98 -34.30 -26.54
O32 POV N . -9.87 -36.14 -25.02
C33 POV N . -8.90 -33.65 -25.75
C34 POV N . -8.74 -32.19 -26.09
C35 POV N . -7.93 -31.41 -25.10
C36 POV N . -8.00 -29.93 -25.29
C37 POV N . -9.41 -29.42 -25.39
C38 POV N . -9.52 -28.08 -26.05
C39 POV N . -8.77 -26.98 -25.35
C1 ERG O . -21.45 -8.57 -11.35
C2 ERG O . -21.46 -7.07 -11.12
C3 ERG O . -20.74 -6.36 -12.23
C4 ERG O . -21.43 -6.66 -13.54
C5 ERG O . -21.51 -8.13 -13.82
C6 ERG O . -21.17 -8.62 -15.01
C7 ERG O . -21.50 -9.93 -15.35
C8 ERG O . -21.58 -10.88 -14.41
C9 ERG O . -21.71 -10.54 -12.93
C10 ERG O . -22.06 -9.02 -12.71
C11 ERG O . -22.66 -11.50 -12.21
C12 ERG O . -22.51 -12.98 -12.59
C13 ERG O . -22.69 -13.13 -14.11
C14 ERG O . -21.55 -12.34 -14.77
C15 ERG O . -21.62 -12.74 -16.23
C16 ERG O . -22.15 -14.18 -16.20
C17 ERG O . -22.40 -14.53 -14.71
C18 ERG O . -24.07 -12.64 -14.56
C19 ERG O . -23.58 -8.81 -12.67
C20 ERG O . -23.45 -15.63 -14.52
C21 ERG O . -23.39 -16.27 -13.13
C22 ERG O . -23.28 -16.71 -15.56
C23 ERG O . -23.31 -17.99 -15.34
C24 ERG O . -23.39 -19.08 -16.37
C25 ERG O . -24.71 -19.82 -16.27
C26 ERG O . -24.87 -20.51 -14.93
C27 ERG O . -25.87 -18.85 -16.50
C28 ERG O . -23.18 -18.49 -17.74
O1 ERG O . -20.77 -4.95 -11.98
C1 ERG P . -17.95 -32.36 -17.17
C2 ERG P . -18.92 -33.51 -17.38
C3 ERG P . -20.34 -33.03 -17.29
C4 ERG P . -20.56 -32.00 -18.37
C5 ERG P . -19.64 -30.82 -18.20
C6 ERG P . -20.11 -29.58 -18.17
C7 ERG P . -19.25 -28.48 -18.10
C8 ERG P . -18.00 -28.60 -17.65
C9 ERG P . -17.30 -29.94 -17.54
C10 ERG P . -18.15 -31.14 -18.11
C11 ERG P . -15.88 -29.85 -18.10
C12 ERG P . -15.07 -28.67 -17.54
C13 ERG P . -15.78 -27.35 -17.80
C14 ERG P . -17.18 -27.44 -17.18
C15 ERG P . -17.73 -26.03 -17.31
C16 ERG P . -16.49 -25.14 -17.11
C17 ERG P . -15.27 -26.10 -17.05
C18 ERG P . -15.88 -27.07 -19.31
C19 ERG P . -17.65 -31.52 -19.52
C20 ERG P . -13.96 -25.45 -17.49
C21 ERG P . -12.73 -26.10 -16.88
C22 ERG P . -13.96 -23.98 -17.16
C23 ERG P . -13.07 -23.34 -16.45
C24 ERG P . -12.95 -21.86 -16.27
C25 ERG P . -11.58 -21.36 -16.70
C26 ERG P . -10.48 -22.29 -16.21
C27 ERG P . -11.51 -21.22 -18.21
C28 ERG P . -14.05 -21.16 -17.04
O1 ERG P . -21.24 -34.14 -17.44
#